data_5ZOL
#
_entry.id   5ZOL
#
_cell.length_a   103.085
_cell.length_b   103.085
_cell.length_c   492.895
_cell.angle_alpha   90.00
_cell.angle_beta   90.00
_cell.angle_gamma   120.00
#
_symmetry.space_group_name_H-M   'P 32 2 1'
#
loop_
_entity.id
_entity.type
_entity.pdbx_description
1 polymer 'Fructose-6-phosphate aldolase 1'
2 non-polymer 1-hydroxypropan-2-one
3 non-polymer (3S,4S)-3,4-dihydroxy-4-(thiophen-2-yl)butan-2-one
4 non-polymer 'CHLORIDE ION'
5 non-polymer 'SULFATE ION'
6 non-polymer thiophene-2-carbaldehyde
7 water water
#
_entity_poly.entity_id   1
_entity_poly.type   'polypeptide(L)'
_entity_poly.pdbx_seq_one_letter_code
;HHHHHHSSGLVPRGSGMKETAAAKFERQHMDSPRSMELYLDTSDVVAVKALSRIFPLAGVTTNPSTIAAGKKPLDVVLPQ
LHEAMGGQGRLFATVMATTAEGMVNDALKLRSIIADIVVKVPVTAEGLAAIKMLKAEGIPTLGTAVYGAAQGLLSALAGA
EYVAPYVNRIDAQGGSGIQTVTDLHQLLKMHAPQAKVLAASFKTPRQALDCLLAGCESITLPLDVAQQMQSYPAVDAAVA
KFEQDWQGAFGRTSI
;
_entity_poly.pdbx_strand_id   A,B,C,D,E,F,G,H,I,J
#
# COMPACT_ATOMS: atom_id res chain seq x y z
N ARG A 34 8.16 -29.46 2.44
CA ARG A 34 9.16 -28.60 3.05
C ARG A 34 8.67 -28.07 4.42
N SER A 35 8.53 -28.99 5.37
CA SER A 35 8.08 -28.61 6.71
C SER A 35 9.15 -27.79 7.44
N MET A 36 8.69 -26.85 8.27
CA MET A 36 9.63 -26.11 9.10
C MET A 36 10.25 -27.05 10.14
N GLU A 37 11.28 -26.54 10.81
CA GLU A 37 12.00 -27.28 11.84
C GLU A 37 11.92 -26.51 13.15
N LEU A 38 11.32 -27.13 14.16
CA LEU A 38 11.22 -26.52 15.47
C LEU A 38 12.27 -27.16 16.38
N TYR A 39 13.13 -26.33 16.95
CA TYR A 39 14.17 -26.82 17.84
C TYR A 39 13.93 -26.30 19.25
N LEU A 40 14.51 -27.01 20.21
CA LEU A 40 14.53 -26.59 21.59
C LEU A 40 15.92 -26.07 21.92
N ASP A 41 15.98 -24.86 22.49
CA ASP A 41 17.26 -24.22 22.82
C ASP A 41 17.60 -24.52 24.28
N THR A 42 18.25 -25.65 24.51
CA THR A 42 18.62 -26.06 25.87
C THR A 42 19.70 -27.13 25.78
N SER A 43 20.31 -27.43 26.93
CA SER A 43 21.05 -28.68 27.03
C SER A 43 20.65 -29.43 28.30
N ASP A 44 19.48 -29.10 28.84
CA ASP A 44 18.86 -29.75 30.00
C ASP A 44 18.20 -31.06 29.55
N VAL A 45 18.87 -32.18 29.80
CA VAL A 45 18.46 -33.46 29.23
C VAL A 45 17.04 -33.84 29.67
N VAL A 46 16.70 -33.58 30.92
CA VAL A 46 15.41 -34.01 31.41
C VAL A 46 14.31 -33.15 30.80
N ALA A 47 14.58 -31.86 30.60
CA ALA A 47 13.64 -30.98 29.92
C ALA A 47 13.44 -31.42 28.47
N VAL A 48 14.50 -31.88 27.81
CA VAL A 48 14.35 -32.37 26.44
C VAL A 48 13.46 -33.59 26.40
N LYS A 49 13.69 -34.55 27.31
CA LYS A 49 12.84 -35.75 27.31
C LYS A 49 11.39 -35.39 27.58
N ALA A 50 11.15 -34.47 28.54
CA ALA A 50 9.79 -34.11 28.90
C ALA A 50 9.09 -33.35 27.77
N LEU A 51 9.76 -32.36 27.18
CA LEU A 51 9.13 -31.53 26.15
C LEU A 51 9.07 -32.20 24.80
N SER A 52 9.97 -33.16 24.52
CA SER A 52 9.86 -33.89 23.26
C SER A 52 8.63 -34.79 23.23
N ARG A 53 8.08 -35.14 24.40
CA ARG A 53 6.83 -35.90 24.44
C ARG A 53 5.66 -35.09 23.88
N ILE A 54 5.66 -33.79 24.13
CA ILE A 54 4.54 -32.92 23.81
C ILE A 54 4.68 -32.28 22.44
N PHE A 55 5.86 -31.76 22.13
CA PHE A 55 6.10 -30.94 20.94
C PHE A 55 6.66 -31.76 19.80
N PRO A 56 6.48 -31.31 18.54
CA PRO A 56 7.09 -31.99 17.38
C PRO A 56 8.49 -31.41 17.08
N LEU A 57 9.44 -31.83 17.90
CA LEU A 57 10.78 -31.25 17.85
C LEU A 57 11.60 -31.90 16.75
N ALA A 58 12.39 -31.08 16.06
CA ALA A 58 13.34 -31.55 15.08
C ALA A 58 14.73 -31.77 15.68
N GLY A 59 14.98 -31.25 16.87
CA GLY A 59 16.28 -31.40 17.46
C GLY A 59 16.48 -30.40 18.59
N VAL A 60 17.73 -30.27 18.99
CA VAL A 60 18.11 -29.46 20.15
C VAL A 60 19.36 -28.68 19.77
N THR A 61 19.37 -27.39 20.08
CA THR A 61 20.53 -26.53 19.90
C THR A 61 21.13 -26.25 21.26
N THR A 62 22.42 -26.54 21.42
CA THR A 62 23.16 -26.07 22.58
C THR A 62 24.06 -24.90 22.19
N ASN A 63 24.45 -24.14 23.20
CA ASN A 63 25.50 -23.14 23.11
C ASN A 63 26.40 -23.32 24.32
N PRO A 64 27.54 -22.62 24.38
CA PRO A 64 28.43 -22.82 25.54
C PRO A 64 27.80 -22.49 26.89
N SER A 65 26.95 -21.47 26.95
CA SER A 65 26.38 -21.07 28.24
C SER A 65 25.47 -22.16 28.83
N THR A 66 24.61 -22.77 28.00
CA THR A 66 23.71 -23.78 28.53
C THR A 66 24.44 -25.08 28.82
N ILE A 67 25.42 -25.46 27.98
CA ILE A 67 26.26 -26.61 28.32
C ILE A 67 26.93 -26.40 29.67
N ALA A 68 27.48 -25.20 29.89
CA ALA A 68 28.11 -24.88 31.17
C ALA A 68 27.12 -24.98 32.32
N ALA A 69 25.91 -24.45 32.13
CA ALA A 69 24.89 -24.56 33.16
C ALA A 69 24.63 -26.01 33.51
N GLY A 70 24.65 -26.90 32.51
CA GLY A 70 24.42 -28.32 32.73
C GLY A 70 25.53 -29.04 33.46
N LYS A 71 26.69 -28.41 33.64
CA LYS A 71 27.81 -28.92 34.44
C LYS A 71 28.38 -30.22 33.90
N LYS A 72 28.03 -30.63 32.68
CA LYS A 72 28.54 -31.87 32.15
C LYS A 72 29.27 -31.64 30.83
N PRO A 73 30.44 -32.27 30.62
CA PRO A 73 31.19 -32.05 29.39
C PRO A 73 30.46 -32.57 28.17
N LEU A 74 30.93 -32.11 26.99
CA LEU A 74 30.26 -32.41 25.74
C LEU A 74 30.15 -33.91 25.50
N ASP A 75 31.22 -34.66 25.78
CA ASP A 75 31.24 -36.10 25.52
C ASP A 75 30.21 -36.87 26.32
N VAL A 76 29.57 -36.27 27.32
CA VAL A 76 28.50 -36.93 28.06
C VAL A 76 27.13 -36.30 27.81
N VAL A 77 27.01 -34.95 27.73
CA VAL A 77 25.69 -34.37 27.46
C VAL A 77 25.23 -34.70 26.04
N LEU A 78 26.10 -34.48 25.04
CA LEU A 78 25.67 -34.68 23.66
C LEU A 78 25.10 -36.06 23.40
N PRO A 79 25.73 -37.17 23.82
CA PRO A 79 25.04 -38.47 23.69
C PRO A 79 23.76 -38.55 24.50
N GLN A 80 23.74 -37.93 25.69
CA GLN A 80 22.53 -37.92 26.51
C GLN A 80 21.40 -37.16 25.83
N LEU A 81 21.71 -36.02 25.21
CA LEU A 81 20.69 -35.27 24.47
C LEU A 81 20.20 -36.08 23.28
N HIS A 82 21.13 -36.69 22.53
CA HIS A 82 20.73 -37.51 21.39
C HIS A 82 19.76 -38.59 21.82
N GLU A 83 20.02 -39.24 22.95
CA GLU A 83 19.11 -40.29 23.39
C GLU A 83 17.82 -39.69 23.92
N ALA A 84 17.89 -38.55 24.61
CA ALA A 84 16.70 -37.88 25.10
C ALA A 84 15.73 -37.49 23.98
N MET A 85 16.22 -37.40 22.74
CA MET A 85 15.33 -37.26 21.59
C MET A 85 15.02 -38.60 20.92
N GLY A 86 15.36 -39.72 21.55
CA GLY A 86 15.07 -41.00 20.95
C GLY A 86 15.91 -41.33 19.74
N GLY A 87 17.09 -40.74 19.62
CA GLY A 87 17.97 -41.08 18.52
C GLY A 87 17.71 -40.28 17.26
N GLN A 88 16.44 -40.01 16.96
CA GLN A 88 16.13 -39.10 15.87
C GLN A 88 16.41 -37.66 16.29
N GLY A 89 16.55 -36.79 15.32
CA GLY A 89 16.70 -35.41 15.73
C GLY A 89 18.11 -34.89 15.48
N ARG A 90 18.18 -33.59 15.21
CA ARG A 90 19.42 -32.90 14.89
C ARG A 90 20.01 -32.29 16.15
N LEU A 91 21.33 -32.25 16.23
CA LEU A 91 22.03 -31.65 17.34
C LEU A 91 22.96 -30.56 16.83
N PHE A 92 23.10 -29.49 17.61
CA PHE A 92 23.94 -28.33 17.27
C PHE A 92 24.80 -28.00 18.49
N ALA A 93 26.10 -27.75 18.27
CA ALA A 93 26.98 -27.34 19.35
C ALA A 93 28.02 -26.34 18.83
N THR A 94 28.42 -25.43 19.71
CA THR A 94 29.26 -24.29 19.37
C THR A 94 30.74 -24.54 19.63
N VAL A 95 31.58 -24.12 18.68
CA VAL A 95 33.03 -24.12 18.87
C VAL A 95 33.43 -23.09 19.94
N MET A 96 34.58 -23.34 20.57
CA MET A 96 35.11 -22.45 21.61
C MET A 96 36.39 -21.74 21.20
N ALA A 97 37.12 -22.27 20.21
CA ALA A 97 38.38 -21.69 19.79
C ALA A 97 38.16 -20.32 19.15
N THR A 98 39.24 -19.53 19.12
CA THR A 98 39.16 -18.17 18.59
C THR A 98 39.76 -18.03 17.19
N THR A 99 40.62 -18.95 16.76
CA THR A 99 41.19 -18.91 15.43
C THR A 99 40.51 -19.92 14.53
N ALA A 100 40.54 -19.64 13.22
CA ALA A 100 39.81 -20.46 12.26
C ALA A 100 40.25 -21.92 12.33
N GLU A 101 41.56 -22.16 12.45
CA GLU A 101 42.05 -23.54 12.49
C GLU A 101 41.75 -24.21 13.83
N GLY A 102 41.80 -23.45 14.92
CA GLY A 102 41.28 -23.96 16.19
C GLY A 102 39.82 -24.34 16.10
N MET A 103 39.02 -23.54 15.39
CA MET A 103 37.59 -23.83 15.25
C MET A 103 37.38 -25.07 14.39
N VAL A 104 38.21 -25.28 13.38
CA VAL A 104 38.12 -26.52 12.61
C VAL A 104 38.47 -27.72 13.50
N ASN A 105 39.44 -27.53 14.41
CA ASN A 105 39.77 -28.60 15.37
C ASN A 105 38.57 -28.93 16.25
N ASP A 106 38.00 -27.91 16.90
CA ASP A 106 36.80 -28.10 17.71
C ASP A 106 35.72 -28.83 16.93
N ALA A 107 35.50 -28.43 15.67
CA ALA A 107 34.48 -29.07 14.84
C ALA A 107 34.77 -30.54 14.65
N LEU A 108 36.03 -30.89 14.40
CA LEU A 108 36.39 -32.29 14.23
C LEU A 108 36.12 -33.09 15.52
N LYS A 109 36.38 -32.48 16.67
CA LYS A 109 36.09 -33.16 17.94
C LYS A 109 34.59 -33.38 18.11
N LEU A 110 33.78 -32.34 17.86
CA LEU A 110 32.33 -32.46 17.99
C LEU A 110 31.80 -33.55 17.07
N ARG A 111 32.32 -33.62 15.84
CA ARG A 111 31.88 -34.69 14.93
C ARG A 111 32.37 -36.07 15.39
N SER A 112 33.48 -36.14 16.13
CA SER A 112 33.87 -37.41 16.71
C SER A 112 32.87 -37.86 17.78
N ILE A 113 32.32 -36.92 18.55
CA ILE A 113 31.29 -37.27 19.52
C ILE A 113 29.99 -37.67 18.84
N ILE A 114 29.38 -36.73 18.12
CA ILE A 114 28.15 -36.98 17.36
C ILE A 114 28.52 -36.92 15.88
N ALA A 115 28.32 -38.03 15.17
CA ALA A 115 28.79 -38.12 13.79
C ALA A 115 28.07 -37.13 12.88
N ASP A 116 26.84 -36.75 13.20
CA ASP A 116 26.06 -35.86 12.33
C ASP A 116 25.69 -34.56 13.04
N ILE A 117 26.48 -34.15 14.03
CA ILE A 117 26.25 -32.87 14.70
C ILE A 117 26.47 -31.73 13.70
N VAL A 118 25.75 -30.63 13.89
CA VAL A 118 25.93 -29.42 13.10
C VAL A 118 26.75 -28.47 13.94
N VAL A 119 27.82 -27.92 13.37
CA VAL A 119 28.78 -27.14 14.13
C VAL A 119 28.43 -25.66 14.07
N LYS A 120 28.19 -25.06 15.24
CA LYS A 120 27.84 -23.65 15.34
C LYS A 120 29.13 -22.84 15.43
N VAL A 121 29.20 -21.76 14.64
CA VAL A 121 30.40 -20.95 14.51
C VAL A 121 29.96 -19.49 14.63
N PRO A 122 30.41 -18.74 15.65
CA PRO A 122 30.02 -17.33 15.73
C PRO A 122 30.62 -16.54 14.57
N VAL A 123 29.84 -15.61 14.02
CA VAL A 123 30.16 -15.02 12.70
C VAL A 123 31.04 -13.80 12.98
N THR A 124 32.33 -14.08 13.16
CA THR A 124 33.43 -13.13 13.17
C THR A 124 34.25 -13.36 11.91
N ALA A 125 35.28 -12.53 11.70
CA ALA A 125 36.15 -12.73 10.53
C ALA A 125 36.76 -14.12 10.56
N GLU A 126 37.30 -14.50 11.72
CA GLU A 126 37.87 -15.84 11.87
C GLU A 126 36.78 -16.89 11.78
N GLY A 127 35.59 -16.61 12.31
CA GLY A 127 34.47 -17.51 12.11
C GLY A 127 34.15 -17.73 10.65
N LEU A 128 34.18 -16.66 9.84
CA LEU A 128 33.93 -16.82 8.41
C LEU A 128 35.00 -17.70 7.76
N ALA A 129 36.27 -17.46 8.09
CA ALA A 129 37.33 -18.34 7.59
C ALA A 129 37.09 -19.78 7.99
N ALA A 130 36.69 -19.99 9.25
CA ALA A 130 36.38 -21.34 9.72
C ALA A 130 35.26 -21.96 8.91
N ILE A 131 34.20 -21.20 8.62
CA ILE A 131 33.07 -21.76 7.90
C ILE A 131 33.48 -22.13 6.48
N LYS A 132 34.34 -21.34 5.84
CA LYS A 132 34.87 -21.73 4.53
C LYS A 132 35.67 -23.04 4.63
N MET A 133 36.55 -23.14 5.63
CA MET A 133 37.34 -24.36 5.79
C MET A 133 36.44 -25.58 6.03
N LEU A 134 35.39 -25.41 6.82
CA LEU A 134 34.51 -26.53 7.16
C LEU A 134 33.62 -26.91 5.98
N LYS A 135 33.21 -25.93 5.17
CA LYS A 135 32.58 -26.24 3.90
C LYS A 135 33.48 -27.15 3.08
N ALA A 136 34.75 -26.76 2.94
CA ALA A 136 35.71 -27.61 2.23
C ALA A 136 35.78 -29.00 2.85
N GLU A 137 35.72 -29.07 4.19
CA GLU A 137 35.80 -30.36 4.89
C GLU A 137 34.53 -31.19 4.71
N GLY A 138 33.42 -30.58 4.30
CA GLY A 138 32.15 -31.29 4.21
C GLY A 138 31.46 -31.45 5.55
N ILE A 139 31.64 -30.50 6.46
CA ILE A 139 31.06 -30.53 7.80
C ILE A 139 29.97 -29.46 7.88
N PRO A 140 28.70 -29.82 8.07
CA PRO A 140 27.64 -28.81 8.13
C PRO A 140 27.88 -27.83 9.25
N THR A 141 27.59 -26.54 8.99
CA THR A 141 27.80 -25.50 9.97
C THR A 141 26.59 -24.57 10.05
N LEU A 142 26.56 -23.83 11.14
CA LEU A 142 25.57 -22.81 11.43
C LEU A 142 26.33 -21.54 11.80
N GLY A 143 25.93 -20.42 11.20
CA GLY A 143 26.48 -19.13 11.61
C GLY A 143 25.69 -18.52 12.75
N THR A 144 26.30 -18.44 13.94
CA THR A 144 25.57 -17.98 15.10
C THR A 144 26.07 -16.63 15.54
N ALA A 145 25.41 -16.08 16.57
CA ALA A 145 25.68 -14.74 17.06
C ALA A 145 25.59 -13.70 15.93
N VAL A 146 24.50 -13.79 15.17
CA VAL A 146 24.27 -12.89 14.04
C VAL A 146 23.38 -11.76 14.51
N TYR A 147 23.86 -10.53 14.37
CA TYR A 147 23.12 -9.34 14.77
C TYR A 147 22.68 -8.46 13.58
N GLY A 148 23.17 -8.72 12.37
CA GLY A 148 22.75 -7.97 11.21
C GLY A 148 22.55 -8.88 10.02
N ALA A 149 21.70 -8.42 9.08
CA ALA A 149 21.36 -9.22 7.91
C ALA A 149 22.58 -9.49 7.03
N ALA A 150 23.44 -8.48 6.86
CA ALA A 150 24.61 -8.63 5.99
C ALA A 150 25.57 -9.67 6.55
N GLN A 151 25.91 -9.55 7.83
CA GLN A 151 26.71 -10.55 8.53
C GLN A 151 26.14 -11.94 8.35
N GLY A 152 24.84 -12.10 8.56
CA GLY A 152 24.24 -13.41 8.42
C GLY A 152 24.37 -13.97 7.02
N LEU A 153 24.09 -13.12 6.01
CA LEU A 153 24.22 -13.55 4.62
C LEU A 153 25.66 -13.96 4.31
N LEU A 154 26.63 -13.21 4.84
CA LEU A 154 28.03 -13.56 4.63
C LEU A 154 28.30 -14.97 5.12
N SER A 155 27.81 -15.29 6.31
CA SER A 155 28.07 -16.62 6.86
C SER A 155 27.46 -17.69 5.97
N ALA A 156 26.26 -17.45 5.43
CA ALA A 156 25.69 -18.45 4.53
C ALA A 156 26.51 -18.57 3.23
N LEU A 157 26.98 -17.44 2.71
CA LEU A 157 27.80 -17.47 1.51
C LEU A 157 29.08 -18.26 1.73
N ALA A 158 29.68 -18.12 2.90
CA ALA A 158 30.87 -18.90 3.22
C ALA A 158 30.56 -20.39 3.32
N GLY A 159 29.28 -20.76 3.45
CA GLY A 159 28.90 -22.18 3.44
C GLY A 159 27.99 -22.67 4.57
N ALA A 160 27.63 -21.80 5.52
CA ALA A 160 26.71 -22.21 6.57
C ALA A 160 25.35 -22.58 6.00
N GLU A 161 24.83 -23.73 6.44
CA GLU A 161 23.50 -24.18 6.05
C GLU A 161 22.38 -23.57 6.91
N TYR A 162 22.71 -23.04 8.09
CA TYR A 162 21.77 -22.31 8.94
C TYR A 162 22.40 -21.01 9.40
N VAL A 163 21.57 -19.99 9.61
CA VAL A 163 22.02 -18.69 10.12
C VAL A 163 21.10 -18.30 11.27
N ALA A 164 21.69 -17.98 12.43
CA ALA A 164 20.92 -17.72 13.64
C ALA A 164 21.06 -16.27 14.09
N PRO A 165 20.14 -15.37 13.69
CA PRO A 165 20.11 -14.05 14.32
C PRO A 165 19.60 -14.15 15.74
N TYR A 166 20.06 -13.23 16.59
CA TYR A 166 19.63 -13.18 18.00
C TYR A 166 18.49 -12.17 18.08
N VAL A 167 17.29 -12.66 17.76
CA VAL A 167 16.10 -11.80 17.66
C VAL A 167 15.99 -10.89 18.88
N ASN A 168 15.95 -11.48 20.08
CA ASN A 168 15.68 -10.66 21.23
C ASN A 168 16.86 -9.77 21.61
N ARG A 169 18.09 -10.24 21.43
CA ARG A 169 19.22 -9.36 21.71
C ARG A 169 19.16 -8.13 20.81
N ILE A 170 18.78 -8.32 19.54
CA ILE A 170 18.65 -7.18 18.64
C ILE A 170 17.56 -6.24 19.13
N ASP A 171 16.37 -6.77 19.43
CA ASP A 171 15.34 -5.95 20.06
C ASP A 171 15.89 -5.22 21.28
N ALA A 172 16.75 -5.89 22.05
CA ALA A 172 17.16 -5.41 23.36
C ALA A 172 17.98 -4.13 23.22
N GLN A 173 18.86 -4.08 22.22
CA GLN A 173 19.72 -2.93 22.01
C GLN A 173 19.09 -1.89 21.07
N GLY A 174 17.76 -1.84 20.99
CA GLY A 174 17.05 -0.74 20.38
C GLY A 174 16.71 -0.89 18.91
N GLY A 175 17.14 -1.97 18.26
CA GLY A 175 16.78 -2.24 16.88
C GLY A 175 15.50 -3.05 16.70
N SER A 176 15.48 -3.97 15.72
CA SER A 176 14.31 -4.82 15.47
C SER A 176 14.82 -6.18 15.02
N GLY A 177 14.77 -7.16 15.91
CA GLY A 177 15.10 -8.52 15.50
C GLY A 177 14.18 -9.06 14.44
N ILE A 178 12.90 -8.69 14.47
CA ILE A 178 11.95 -9.15 13.45
C ILE A 178 12.34 -8.61 12.08
N GLN A 179 12.68 -7.31 11.98
CA GLN A 179 13.11 -6.79 10.69
C GLN A 179 14.38 -7.49 10.23
N THR A 180 15.31 -7.75 11.16
CA THR A 180 16.54 -8.44 10.78
C THR A 180 16.27 -9.83 10.26
N VAL A 181 15.37 -10.58 10.92
CA VAL A 181 14.97 -11.89 10.40
C VAL A 181 14.31 -11.76 9.03
N THR A 182 13.42 -10.77 8.87
CA THR A 182 12.74 -10.56 7.58
C THR A 182 13.75 -10.34 6.45
N ASP A 183 14.67 -9.41 6.66
CA ASP A 183 15.69 -9.10 5.66
C ASP A 183 16.63 -10.28 5.45
N LEU A 184 17.00 -10.97 6.52
CA LEU A 184 17.93 -12.08 6.37
C LEU A 184 17.30 -13.19 5.57
N HIS A 185 16.03 -13.51 5.86
CA HIS A 185 15.34 -14.55 5.11
C HIS A 185 15.29 -14.21 3.63
N GLN A 186 14.88 -12.97 3.30
CA GLN A 186 14.85 -12.55 1.89
C GLN A 186 16.23 -12.71 1.25
N LEU A 187 17.28 -12.28 1.95
CA LEU A 187 18.63 -12.39 1.41
C LEU A 187 19.01 -13.84 1.17
N LEU A 188 18.67 -14.74 2.08
CA LEU A 188 19.07 -16.13 1.90
C LEU A 188 18.32 -16.74 0.74
N LYS A 189 17.02 -16.47 0.64
CA LYS A 189 16.23 -17.05 -0.45
C LYS A 189 16.66 -16.51 -1.81
N MET A 190 17.07 -15.24 -1.90
CA MET A 190 17.52 -14.72 -3.20
C MET A 190 18.96 -15.11 -3.49
N HIS A 191 19.82 -15.09 -2.49
CA HIS A 191 21.27 -15.01 -2.68
C HIS A 191 22.05 -16.13 -2.03
N ALA A 192 21.44 -16.94 -1.17
CA ALA A 192 22.14 -18.08 -0.60
C ALA A 192 21.14 -19.20 -0.38
N PRO A 193 20.52 -19.72 -1.44
CA PRO A 193 19.31 -20.53 -1.27
C PRO A 193 19.55 -21.89 -0.63
N GLN A 194 20.81 -22.30 -0.47
CA GLN A 194 21.12 -23.50 0.28
C GLN A 194 21.01 -23.32 1.79
N ALA A 195 20.83 -22.10 2.28
CA ALA A 195 20.82 -21.80 3.70
C ALA A 195 19.43 -21.46 4.17
N LYS A 196 19.17 -21.71 5.45
CA LYS A 196 17.91 -21.32 6.09
C LYS A 196 18.20 -20.44 7.29
N VAL A 197 17.23 -19.60 7.64
CA VAL A 197 17.29 -18.90 8.92
C VAL A 197 16.87 -19.89 10.01
N LEU A 198 17.64 -19.92 11.10
CA LEU A 198 17.28 -20.63 12.33
C LEU A 198 17.24 -19.57 13.41
N ALA A 199 16.07 -18.98 13.63
CA ALA A 199 15.97 -17.85 14.55
C ALA A 199 16.13 -18.33 15.99
N ALA A 200 16.82 -17.51 16.79
CA ALA A 200 17.06 -17.81 18.20
C ALA A 200 16.88 -16.54 19.01
N SER A 201 16.92 -16.72 20.35
CA SER A 201 16.84 -15.64 21.32
C SER A 201 15.43 -15.07 21.36
N PHE A 202 14.62 -15.55 22.30
CA PHE A 202 13.20 -15.21 22.38
C PHE A 202 12.78 -14.99 23.83
N LYS A 203 12.10 -13.88 24.08
CA LYS A 203 11.45 -13.64 25.35
C LYS A 203 9.97 -13.96 25.30
N THR A 204 9.33 -13.91 24.12
CA THR A 204 7.91 -14.21 24.00
C THR A 204 7.65 -15.15 22.84
N PRO A 205 6.55 -15.91 22.90
CA PRO A 205 6.15 -16.72 21.75
C PRO A 205 5.75 -15.86 20.55
N ARG A 206 5.29 -14.63 20.81
CA ARG A 206 4.91 -13.73 19.73
C ARG A 206 6.10 -13.37 18.84
N GLN A 207 7.28 -13.08 19.43
CA GLN A 207 8.48 -12.88 18.63
C GLN A 207 8.72 -14.05 17.69
N ALA A 208 8.54 -15.29 18.19
CA ALA A 208 8.77 -16.46 17.36
C ALA A 208 7.72 -16.58 16.25
N LEU A 209 6.45 -16.31 16.58
CA LEU A 209 5.40 -16.38 15.56
C LEU A 209 5.63 -15.33 14.49
N ASP A 210 6.13 -14.14 14.87
CA ASP A 210 6.41 -13.11 13.89
C ASP A 210 7.58 -13.49 13.01
N CYS A 211 8.61 -14.16 13.57
CA CYS A 211 9.66 -14.70 12.71
C CYS A 211 9.09 -15.67 11.68
N LEU A 212 8.22 -16.59 12.13
CA LEU A 212 7.65 -17.59 11.21
C LEU A 212 6.79 -16.94 10.14
N LEU A 213 6.01 -15.91 10.52
CA LEU A 213 5.17 -15.21 9.56
C LEU A 213 6.00 -14.48 8.52
N ALA A 214 7.23 -14.08 8.87
CA ALA A 214 8.14 -13.46 7.93
C ALA A 214 8.84 -14.47 7.03
N GLY A 215 8.51 -15.76 7.15
CA GLY A 215 9.06 -16.79 6.30
C GLY A 215 10.24 -17.54 6.87
N CYS A 216 10.74 -17.09 8.00
CA CYS A 216 11.84 -17.80 8.67
CA CYS A 216 11.84 -17.79 8.64
C CYS A 216 11.53 -19.28 8.78
N GLU A 217 12.47 -20.13 8.35
CA GLU A 217 12.17 -21.54 8.13
C GLU A 217 12.46 -22.45 9.31
N SER A 218 13.27 -22.01 10.27
CA SER A 218 13.44 -22.80 11.47
C SER A 218 13.62 -21.88 12.64
N ILE A 219 13.45 -22.44 13.83
CA ILE A 219 13.38 -21.63 15.04
C ILE A 219 13.79 -22.52 16.21
N THR A 220 14.52 -21.95 17.16
CA THR A 220 14.89 -22.69 18.35
C THR A 220 14.40 -21.91 19.56
N LEU A 221 13.55 -22.57 20.39
CA LEU A 221 12.79 -21.96 21.48
C LEU A 221 13.45 -22.26 22.81
N PRO A 222 13.59 -21.25 23.68
CA PRO A 222 14.06 -21.52 25.05
C PRO A 222 12.96 -22.19 25.85
N LEU A 223 13.36 -22.75 27.00
CA LEU A 223 12.46 -23.60 27.77
C LEU A 223 11.20 -22.85 28.17
N ASP A 224 11.35 -21.64 28.72
CA ASP A 224 10.17 -20.91 29.21
C ASP A 224 9.22 -20.56 28.08
N VAL A 225 9.73 -20.20 26.90
CA VAL A 225 8.85 -19.86 25.79
C VAL A 225 8.07 -21.09 25.32
N ALA A 226 8.78 -22.21 25.15
CA ALA A 226 8.11 -23.46 24.81
C ALA A 226 7.04 -23.80 25.84
N GLN A 227 7.37 -23.64 27.13
CA GLN A 227 6.43 -23.91 28.22
C GLN A 227 5.26 -22.94 28.26
N GLN A 228 5.41 -21.74 27.69
CA GLN A 228 4.26 -20.84 27.56
C GLN A 228 3.37 -21.27 26.40
N MET A 229 3.94 -21.94 25.42
CA MET A 229 3.08 -22.48 24.36
C MET A 229 2.31 -23.74 24.81
N GLN A 230 2.13 -23.96 26.12
CA GLN A 230 1.69 -25.25 26.64
C GLN A 230 0.34 -25.25 27.36
N SER A 231 -0.41 -24.14 27.38
CA SER A 231 -1.77 -24.20 27.91
C SER A 231 -2.56 -23.00 27.39
N TYR A 232 -3.88 -23.21 27.24
CA TYR A 232 -4.77 -22.18 26.72
C TYR A 232 -6.12 -22.34 27.41
N PRO A 233 -6.46 -21.44 28.34
CA PRO A 233 -7.70 -21.62 29.11
C PRO A 233 -8.94 -21.76 28.24
N ALA A 234 -9.03 -21.00 27.15
CA ALA A 234 -10.21 -21.03 26.28
C ALA A 234 -10.45 -22.43 25.73
N VAL A 235 -9.37 -23.15 25.40
CA VAL A 235 -9.49 -24.52 24.90
C VAL A 235 -10.08 -25.41 25.98
N ASP A 236 -9.55 -25.31 27.20
CA ASP A 236 -10.03 -26.12 28.30
C ASP A 236 -11.50 -25.81 28.60
N ALA A 237 -11.89 -24.54 28.50
CA ALA A 237 -13.31 -24.21 28.69
C ALA A 237 -14.17 -24.85 27.60
N ALA A 238 -13.70 -24.82 26.35
CA ALA A 238 -14.46 -25.47 25.28
C ALA A 238 -14.58 -26.97 25.52
N VAL A 239 -13.51 -27.59 26.00
CA VAL A 239 -13.53 -29.03 26.25
C VAL A 239 -14.45 -29.36 27.41
N ALA A 240 -14.43 -28.54 28.46
CA ALA A 240 -15.33 -28.73 29.60
C ALA A 240 -16.79 -28.60 29.18
N LYS A 241 -17.09 -27.66 28.27
CA LYS A 241 -18.45 -27.54 27.79
C LYS A 241 -18.86 -28.74 26.93
N PHE A 242 -17.94 -29.25 26.09
CA PHE A 242 -18.20 -30.52 25.40
C PHE A 242 -18.55 -31.61 26.40
N GLU A 243 -17.75 -31.75 27.45
CA GLU A 243 -17.98 -32.80 28.45
C GLU A 243 -19.32 -32.61 29.16
N GLN A 244 -19.68 -31.37 29.46
CA GLN A 244 -20.93 -31.11 30.17
C GLN A 244 -22.15 -31.40 29.28
N ASP A 245 -22.11 -31.02 28.00
CA ASP A 245 -23.21 -31.40 27.11
C ASP A 245 -23.29 -32.91 26.97
N TRP A 246 -22.14 -33.57 26.81
CA TRP A 246 -22.08 -35.02 26.68
C TRP A 246 -22.68 -35.69 27.92
N GLN A 247 -22.31 -35.20 29.11
CA GLN A 247 -22.85 -35.74 30.35
C GLN A 247 -24.36 -35.52 30.44
N GLY A 248 -24.83 -34.33 30.08
CA GLY A 248 -26.26 -34.07 30.10
C GLY A 248 -27.05 -34.96 29.16
N ALA A 249 -26.44 -35.37 28.05
CA ALA A 249 -27.19 -36.21 27.11
C ALA A 249 -27.04 -37.71 27.39
N PHE A 250 -25.87 -38.15 27.83
CA PHE A 250 -25.60 -39.58 28.04
C PHE A 250 -25.20 -39.93 29.46
N GLY A 251 -24.96 -38.95 30.34
CA GLY A 251 -24.49 -39.24 31.69
C GLY A 251 -23.15 -39.95 31.75
N ARG A 252 -22.25 -39.65 30.81
CA ARG A 252 -21.12 -40.55 30.64
C ARG A 252 -19.75 -39.88 30.71
N THR A 253 -19.60 -38.69 30.13
CA THR A 253 -18.33 -37.95 30.07
C THR A 253 -17.29 -38.58 29.13
N SER A 254 -17.42 -39.88 28.83
CA SER A 254 -16.46 -40.60 27.98
C SER A 254 -17.16 -41.22 26.76
N ILE A 255 -16.36 -41.81 25.88
CA ILE A 255 -16.91 -42.49 24.72
C ILE A 255 -17.12 -43.97 25.05
N SER B 35 22.00 -17.35 -6.13
CA SER B 35 23.19 -18.12 -5.77
C SER B 35 24.38 -17.23 -5.37
N MET B 36 24.56 -16.14 -6.13
CA MET B 36 25.14 -14.83 -5.77
C MET B 36 26.67 -14.76 -5.66
N GLU B 37 27.25 -13.75 -6.31
CA GLU B 37 28.70 -13.60 -6.47
C GLU B 37 29.16 -12.31 -5.80
N LEU B 38 30.13 -12.43 -4.90
CA LEU B 38 30.70 -11.31 -4.17
C LEU B 38 32.10 -11.03 -4.71
N TYR B 39 32.35 -9.80 -5.14
CA TYR B 39 33.64 -9.44 -5.70
C TYR B 39 34.29 -8.39 -4.83
N LEU B 40 35.63 -8.33 -4.91
CA LEU B 40 36.41 -7.25 -4.33
C LEU B 40 36.79 -6.27 -5.44
N ASP B 41 36.66 -4.98 -5.12
CA ASP B 41 36.89 -3.88 -6.05
C ASP B 41 38.24 -3.25 -5.71
N THR B 42 39.32 -3.85 -6.21
CA THR B 42 40.66 -3.45 -5.81
C THR B 42 41.66 -3.99 -6.82
N SER B 43 42.86 -3.40 -6.80
CA SER B 43 44.01 -3.94 -7.53
C SER B 43 45.14 -4.31 -6.59
N ASP B 44 44.87 -4.35 -5.29
CA ASP B 44 45.89 -4.62 -4.27
C ASP B 44 46.04 -6.14 -4.11
N VAL B 45 47.16 -6.68 -4.60
CA VAL B 45 47.37 -8.13 -4.59
C VAL B 45 47.47 -8.67 -3.16
N VAL B 46 48.12 -7.91 -2.28
CA VAL B 46 48.30 -8.34 -0.90
C VAL B 46 46.94 -8.42 -0.19
N ALA B 47 46.15 -7.34 -0.29
CA ALA B 47 44.84 -7.33 0.34
C ALA B 47 43.94 -8.41 -0.25
N VAL B 48 44.07 -8.68 -1.54
CA VAL B 48 43.26 -9.73 -2.14
C VAL B 48 43.59 -11.07 -1.51
N LYS B 49 44.89 -11.38 -1.40
CA LYS B 49 45.27 -12.66 -0.80
C LYS B 49 44.80 -12.77 0.64
N ALA B 50 44.94 -11.67 1.40
CA ALA B 50 44.51 -11.68 2.80
C ALA B 50 43.00 -11.90 2.92
N LEU B 51 42.21 -11.00 2.33
CA LEU B 51 40.77 -11.09 2.47
C LEU B 51 40.20 -12.34 1.82
N SER B 52 40.94 -13.00 0.92
CA SER B 52 40.40 -14.21 0.33
C SER B 52 40.33 -15.36 1.32
N ARG B 53 41.05 -15.28 2.44
CA ARG B 53 40.89 -16.28 3.48
C ARG B 53 39.60 -16.09 4.26
N ILE B 54 39.23 -14.84 4.52
CA ILE B 54 37.99 -14.55 5.24
C ILE B 54 36.78 -14.67 4.32
N PHE B 55 36.71 -13.80 3.29
CA PHE B 55 35.48 -13.63 2.53
C PHE B 55 35.29 -14.72 1.49
N PRO B 56 34.05 -15.07 1.19
CA PRO B 56 33.73 -16.01 0.09
C PRO B 56 33.71 -15.29 -1.25
N LEU B 57 34.90 -14.95 -1.74
CA LEU B 57 35.05 -14.10 -2.91
C LEU B 57 34.83 -14.87 -4.20
N ALA B 58 34.08 -14.26 -5.13
CA ALA B 58 33.95 -14.85 -6.45
C ALA B 58 35.03 -14.37 -7.40
N GLY B 59 35.71 -13.29 -7.09
CA GLY B 59 36.71 -12.75 -8.00
C GLY B 59 37.01 -11.32 -7.64
N VAL B 60 37.60 -10.61 -8.59
CA VAL B 60 38.11 -9.26 -8.35
C VAL B 60 37.79 -8.40 -9.56
N THR B 61 37.26 -7.21 -9.32
CA THR B 61 37.04 -6.22 -10.36
C THR B 61 38.15 -5.18 -10.26
N THR B 62 38.78 -4.88 -11.38
CA THR B 62 39.71 -3.76 -11.47
C THR B 62 39.09 -2.67 -12.35
N ASN B 63 39.65 -1.48 -12.25
CA ASN B 63 39.32 -0.39 -13.16
C ASN B 63 40.59 0.43 -13.35
N PRO B 64 40.61 1.33 -14.33
CA PRO B 64 41.88 2.04 -14.61
C PRO B 64 42.45 2.78 -13.41
N SER B 65 41.60 3.35 -12.55
CA SER B 65 42.12 4.12 -11.42
C SER B 65 42.90 3.24 -10.44
N THR B 66 42.36 2.06 -10.11
CA THR B 66 43.04 1.22 -9.13
C THR B 66 44.26 0.54 -9.75
N ILE B 67 44.21 0.18 -11.03
CA ILE B 67 45.42 -0.30 -11.69
C ILE B 67 46.50 0.76 -11.62
N ALA B 68 46.15 2.00 -11.99
CA ALA B 68 47.12 3.09 -11.95
C ALA B 68 47.67 3.32 -10.54
N ALA B 69 46.82 3.20 -9.51
CA ALA B 69 47.30 3.35 -8.15
C ALA B 69 48.26 2.25 -7.75
N GLY B 70 48.08 1.04 -8.30
CA GLY B 70 49.01 -0.03 -7.99
C GLY B 70 50.36 0.05 -8.69
N LYS B 71 50.48 0.94 -9.69
CA LYS B 71 51.71 1.20 -10.41
C LYS B 71 52.25 0.01 -11.21
N LYS B 72 51.57 -1.13 -11.16
CA LYS B 72 52.03 -2.19 -12.04
C LYS B 72 51.18 -2.28 -13.31
N PRO B 73 51.78 -2.51 -14.46
CA PRO B 73 51.01 -2.64 -15.69
C PRO B 73 50.14 -3.90 -15.68
N LEU B 74 49.19 -3.94 -16.62
CA LEU B 74 48.20 -5.01 -16.65
C LEU B 74 48.85 -6.38 -16.80
N ASP B 75 49.83 -6.49 -17.70
CA ASP B 75 50.44 -7.80 -17.96
C ASP B 75 51.16 -8.34 -16.73
N VAL B 76 51.44 -7.47 -15.76
CA VAL B 76 52.04 -7.86 -14.49
C VAL B 76 51.00 -8.07 -13.42
N VAL B 77 50.14 -7.07 -13.19
CA VAL B 77 49.28 -7.11 -12.01
C VAL B 77 48.13 -8.09 -12.19
N LEU B 78 47.66 -8.32 -13.42
CA LEU B 78 46.52 -9.20 -13.59
C LEU B 78 46.87 -10.64 -13.22
N PRO B 79 47.96 -11.23 -13.73
CA PRO B 79 48.34 -12.57 -13.24
C PRO B 79 48.61 -12.60 -11.75
N GLN B 80 49.15 -11.52 -11.18
CA GLN B 80 49.36 -11.48 -9.74
C GLN B 80 48.02 -11.58 -9.01
N LEU B 81 47.01 -10.84 -9.49
CA LEU B 81 45.71 -10.89 -8.84
C LEU B 81 45.09 -12.28 -8.98
N HIS B 82 45.19 -12.85 -10.18
CA HIS B 82 44.71 -14.21 -10.42
C HIS B 82 45.36 -15.20 -9.48
N GLU B 83 46.66 -15.05 -9.23
CA GLU B 83 47.33 -15.94 -8.30
C GLU B 83 46.84 -15.71 -6.86
N ALA B 84 46.70 -14.45 -6.45
CA ALA B 84 46.28 -14.16 -5.07
C ALA B 84 44.91 -14.76 -4.73
N MET B 85 44.10 -15.10 -5.72
CA MET B 85 42.85 -15.82 -5.49
C MET B 85 43.00 -17.32 -5.59
N GLY B 86 44.21 -17.82 -5.82
CA GLY B 86 44.42 -19.25 -5.98
C GLY B 86 44.05 -19.79 -7.34
N GLY B 87 44.06 -18.95 -8.38
CA GLY B 87 43.69 -19.42 -9.71
C GLY B 87 42.22 -19.71 -9.88
N GLN B 88 41.42 -19.52 -8.84
CA GLN B 88 39.97 -19.58 -8.93
C GLN B 88 39.41 -18.16 -8.85
N GLY B 89 38.37 -17.89 -9.63
CA GLY B 89 37.69 -16.61 -9.52
C GLY B 89 37.74 -15.77 -10.79
N ARG B 90 36.69 -15.02 -11.04
CA ARG B 90 36.64 -14.17 -12.22
C ARG B 90 37.46 -12.91 -11.98
N LEU B 91 38.14 -12.47 -13.02
CA LEU B 91 38.76 -11.16 -13.02
C LEU B 91 38.02 -10.28 -14.00
N PHE B 92 38.04 -8.97 -13.73
CA PHE B 92 37.45 -7.95 -14.61
C PHE B 92 38.44 -6.81 -14.81
N ALA B 93 38.53 -6.32 -16.05
CA ALA B 93 39.37 -5.17 -16.34
C ALA B 93 38.73 -4.32 -17.44
N THR B 94 39.11 -3.04 -17.47
CA THR B 94 38.44 -2.04 -18.28
C THR B 94 39.23 -1.69 -19.54
N VAL B 95 38.52 -1.56 -20.67
CA VAL B 95 39.15 -1.05 -21.88
C VAL B 95 39.43 0.43 -21.71
N MET B 96 40.44 0.91 -22.45
CA MET B 96 40.88 2.29 -22.38
C MET B 96 40.57 3.11 -23.62
N ALA B 97 40.44 2.47 -24.78
CA ALA B 97 40.19 3.16 -26.02
C ALA B 97 38.82 3.84 -26.05
N THR B 98 38.72 4.86 -26.90
CA THR B 98 37.54 5.72 -27.04
C THR B 98 36.58 5.26 -28.14
N THR B 99 37.10 4.60 -29.16
CA THR B 99 36.26 4.14 -30.26
C THR B 99 35.93 2.68 -30.07
N ALA B 100 34.84 2.27 -30.70
CA ALA B 100 34.33 0.92 -30.50
C ALA B 100 35.33 -0.13 -31.00
N GLU B 101 35.93 0.11 -32.16
CA GLU B 101 36.93 -0.82 -32.69
C GLU B 101 38.17 -0.85 -31.81
N GLY B 102 38.60 0.31 -31.32
CA GLY B 102 39.69 0.34 -30.36
C GLY B 102 39.37 -0.40 -29.07
N MET B 103 38.12 -0.29 -28.60
CA MET B 103 37.73 -1.04 -27.41
C MET B 103 37.77 -2.54 -27.67
N VAL B 104 37.37 -2.97 -28.87
CA VAL B 104 37.47 -4.40 -29.17
C VAL B 104 38.92 -4.83 -29.14
N ASN B 105 39.81 -3.99 -29.66
CA ASN B 105 41.23 -4.35 -29.64
C ASN B 105 41.74 -4.47 -28.21
N ASP B 106 41.45 -3.46 -27.37
CA ASP B 106 41.79 -3.53 -25.95
C ASP B 106 41.25 -4.80 -25.30
N ALA B 107 40.01 -5.17 -25.63
CA ALA B 107 39.44 -6.41 -25.14
C ALA B 107 40.33 -7.59 -25.49
N LEU B 108 40.75 -7.67 -26.75
CA LEU B 108 41.55 -8.81 -27.18
C LEU B 108 42.88 -8.86 -26.44
N LYS B 109 43.53 -7.71 -26.28
CA LYS B 109 44.76 -7.68 -25.50
C LYS B 109 44.53 -8.18 -24.08
N LEU B 110 43.45 -7.71 -23.44
CA LEU B 110 43.17 -8.15 -22.07
C LEU B 110 42.94 -9.65 -22.00
N ARG B 111 42.23 -10.20 -22.99
CA ARG B 111 41.99 -11.63 -23.02
C ARG B 111 43.27 -12.41 -23.32
N SER B 112 44.22 -11.79 -24.02
CA SER B 112 45.50 -12.44 -24.24
C SER B 112 46.26 -12.55 -22.93
N ILE B 113 46.10 -11.58 -22.03
CA ILE B 113 46.73 -11.70 -20.71
C ILE B 113 46.03 -12.75 -19.84
N ILE B 114 44.71 -12.65 -19.68
CA ILE B 114 43.92 -13.59 -18.88
C ILE B 114 42.82 -14.15 -19.77
N ALA B 115 42.87 -15.47 -20.03
CA ALA B 115 42.05 -16.07 -21.08
C ALA B 115 40.55 -16.09 -20.78
N ASP B 116 40.16 -15.93 -19.52
CA ASP B 116 38.75 -15.95 -19.14
C ASP B 116 38.35 -14.67 -18.44
N ILE B 117 39.08 -13.58 -18.69
CA ILE B 117 38.75 -12.32 -18.05
C ILE B 117 37.46 -11.76 -18.65
N VAL B 118 36.70 -11.04 -17.83
CA VAL B 118 35.52 -10.32 -18.30
C VAL B 118 35.94 -8.89 -18.58
N VAL B 119 35.58 -8.39 -19.76
CA VAL B 119 36.02 -7.08 -20.23
C VAL B 119 34.98 -6.04 -19.84
N LYS B 120 35.40 -5.02 -19.10
CA LYS B 120 34.52 -3.93 -18.72
C LYS B 120 34.55 -2.83 -19.77
N VAL B 121 33.37 -2.43 -20.25
CA VAL B 121 33.21 -1.42 -21.29
C VAL B 121 32.34 -0.31 -20.75
N PRO B 122 32.83 0.92 -20.64
CA PRO B 122 31.96 2.02 -20.22
C PRO B 122 30.82 2.18 -21.22
N VAL B 123 29.62 2.41 -20.69
CA VAL B 123 28.40 2.38 -21.53
C VAL B 123 28.22 3.79 -22.09
N THR B 124 28.99 4.09 -23.13
CA THR B 124 28.69 5.17 -24.06
C THR B 124 28.13 4.56 -25.34
N ALA B 125 27.81 5.45 -26.29
CA ALA B 125 27.42 5.01 -27.65
C ALA B 125 28.47 4.09 -28.26
N GLU B 126 29.73 4.56 -28.31
CA GLU B 126 30.81 3.70 -28.77
C GLU B 126 30.92 2.44 -27.91
N GLY B 127 30.76 2.60 -26.60
CA GLY B 127 30.76 1.42 -25.73
C GLY B 127 29.70 0.42 -26.11
N LEU B 128 28.49 0.89 -26.43
CA LEU B 128 27.42 -0.03 -26.83
C LEU B 128 27.76 -0.75 -28.14
N ALA B 129 28.29 0.00 -29.12
CA ALA B 129 28.76 -0.66 -30.33
C ALA B 129 29.81 -1.72 -30.01
N ALA B 130 30.74 -1.37 -29.10
CA ALA B 130 31.79 -2.29 -28.69
C ALA B 130 31.23 -3.53 -28.03
N ILE B 131 30.21 -3.37 -27.18
CA ILE B 131 29.60 -4.53 -26.53
C ILE B 131 28.95 -5.44 -27.56
N LYS B 132 28.25 -4.84 -28.55
CA LYS B 132 27.66 -5.66 -29.62
C LYS B 132 28.74 -6.45 -30.34
N MET B 133 29.83 -5.77 -30.70
CA MET B 133 30.88 -6.44 -31.47
C MET B 133 31.54 -7.52 -30.65
N LEU B 134 31.71 -7.30 -29.34
CA LEU B 134 32.35 -8.30 -28.49
C LEU B 134 31.45 -9.49 -28.28
N LYS B 135 30.13 -9.27 -28.30
CA LYS B 135 29.18 -10.38 -28.25
C LYS B 135 29.31 -11.25 -29.49
N ALA B 136 29.41 -10.62 -30.67
CA ALA B 136 29.65 -11.43 -31.87
C ALA B 136 30.96 -12.21 -31.78
N GLU B 137 31.95 -11.67 -31.07
CA GLU B 137 33.24 -12.34 -30.93
C GLU B 137 33.27 -13.38 -29.82
N GLY B 138 32.22 -13.50 -29.02
CA GLY B 138 32.20 -14.48 -27.95
C GLY B 138 33.01 -14.11 -26.73
N ILE B 139 33.26 -12.83 -26.50
CA ILE B 139 34.04 -12.37 -25.35
C ILE B 139 33.08 -11.76 -24.34
N PRO B 140 32.98 -12.31 -23.11
CA PRO B 140 32.03 -11.76 -22.14
C PRO B 140 32.40 -10.36 -21.75
N THR B 141 31.37 -9.53 -21.54
CA THR B 141 31.55 -8.14 -21.17
C THR B 141 30.68 -7.79 -19.97
N LEU B 142 31.06 -6.68 -19.37
CA LEU B 142 30.34 -6.04 -18.29
C LEU B 142 30.18 -4.59 -18.72
N GLY B 143 28.95 -4.08 -18.63
CA GLY B 143 28.75 -2.68 -18.95
C GLY B 143 29.01 -1.83 -17.73
N THR B 144 29.98 -0.93 -17.78
CA THR B 144 30.35 -0.19 -16.59
C THR B 144 30.05 1.30 -16.75
N ALA B 145 30.25 2.04 -15.66
CA ALA B 145 29.95 3.47 -15.60
C ALA B 145 28.46 3.74 -15.91
N VAL B 146 27.58 2.91 -15.36
CA VAL B 146 26.14 3.03 -15.59
C VAL B 146 25.53 3.96 -14.55
N TYR B 147 25.00 5.10 -15.00
CA TYR B 147 24.38 6.07 -14.10
C TYR B 147 22.86 6.07 -14.18
N GLY B 148 22.27 5.21 -14.99
CA GLY B 148 20.83 5.23 -15.12
C GLY B 148 20.35 3.88 -15.60
N ALA B 149 19.09 3.58 -15.29
CA ALA B 149 18.57 2.24 -15.53
C ALA B 149 18.45 1.92 -17.02
N ALA B 150 18.04 2.89 -17.84
CA ALA B 150 17.86 2.61 -19.27
C ALA B 150 19.20 2.35 -19.97
N GLN B 151 20.23 3.12 -19.60
CA GLN B 151 21.59 2.88 -20.08
C GLN B 151 22.06 1.47 -19.72
N GLY B 152 21.83 1.06 -18.46
CA GLY B 152 22.20 -0.29 -18.08
C GLY B 152 21.48 -1.35 -18.89
N LEU B 153 20.16 -1.21 -19.03
CA LEU B 153 19.39 -2.15 -19.83
C LEU B 153 19.93 -2.22 -21.27
N LEU B 154 20.24 -1.08 -21.87
CA LEU B 154 20.77 -1.09 -23.23
C LEU B 154 22.07 -1.89 -23.30
N SER B 155 22.95 -1.71 -22.31
CA SER B 155 24.20 -2.48 -22.34
C SER B 155 23.93 -3.98 -22.25
N ALA B 156 22.92 -4.38 -21.47
CA ALA B 156 22.59 -5.81 -21.41
C ALA B 156 21.98 -6.31 -22.71
N LEU B 157 21.15 -5.49 -23.37
CA LEU B 157 20.58 -5.91 -24.65
C LEU B 157 21.64 -6.00 -25.72
N ALA B 158 22.65 -5.13 -25.64
CA ALA B 158 23.80 -5.22 -26.53
C ALA B 158 24.59 -6.50 -26.31
N GLY B 159 24.51 -7.10 -25.13
CA GLY B 159 25.14 -8.39 -24.92
C GLY B 159 25.85 -8.58 -23.59
N ALA B 160 26.04 -7.50 -22.84
CA ALA B 160 26.76 -7.59 -21.57
C ALA B 160 26.12 -8.60 -20.64
N GLU B 161 26.96 -9.41 -20.01
CA GLU B 161 26.54 -10.39 -19.01
C GLU B 161 26.36 -9.77 -17.62
N TYR B 162 27.01 -8.65 -17.36
CA TYR B 162 26.89 -7.91 -16.12
C TYR B 162 26.71 -6.44 -16.45
N VAL B 163 26.01 -5.72 -15.58
CA VAL B 163 25.85 -4.28 -15.67
C VAL B 163 26.20 -3.67 -14.32
N ALA B 164 27.07 -2.67 -14.31
CA ALA B 164 27.60 -2.07 -13.10
C ALA B 164 27.16 -0.63 -12.91
N PRO B 165 26.04 -0.37 -12.25
CA PRO B 165 25.75 1.01 -11.84
C PRO B 165 26.71 1.44 -10.76
N TYR B 166 27.08 2.71 -10.79
CA TYR B 166 27.93 3.29 -9.76
C TYR B 166 26.98 3.88 -8.71
N VAL B 167 26.64 3.06 -7.72
CA VAL B 167 25.62 3.43 -6.73
C VAL B 167 25.94 4.77 -6.07
N ASN B 168 27.14 4.88 -5.50
CA ASN B 168 27.44 6.11 -4.75
C ASN B 168 27.61 7.33 -5.65
N ARG B 169 28.10 7.14 -6.87
CA ARG B 169 28.23 8.28 -7.77
C ARG B 169 26.86 8.81 -8.16
N ILE B 170 25.90 7.91 -8.39
CA ILE B 170 24.52 8.35 -8.61
C ILE B 170 24.02 9.12 -7.40
N ASP B 171 24.22 8.58 -6.19
CA ASP B 171 23.84 9.33 -4.98
C ASP B 171 24.49 10.72 -4.97
N ALA B 172 25.71 10.84 -5.49
CA ALA B 172 26.43 12.11 -5.41
C ALA B 172 25.87 13.14 -6.38
N GLN B 173 25.47 12.71 -7.57
CA GLN B 173 24.82 13.55 -8.56
C GLN B 173 23.41 14.01 -8.16
N GLY B 174 22.94 13.75 -6.93
CA GLY B 174 21.59 14.09 -6.54
C GLY B 174 20.51 13.08 -6.88
N GLY B 175 20.85 11.93 -7.46
CA GLY B 175 19.88 10.88 -7.76
C GLY B 175 19.71 9.89 -6.62
N SER B 176 19.35 8.66 -6.97
CA SER B 176 19.32 7.58 -5.97
C SER B 176 19.97 6.34 -6.58
N GLY B 177 21.19 6.04 -6.14
CA GLY B 177 21.82 4.80 -6.57
C GLY B 177 20.95 3.59 -6.28
N ILE B 178 20.31 3.56 -5.11
CA ILE B 178 19.46 2.42 -4.76
C ILE B 178 18.29 2.29 -5.73
N GLN B 179 17.61 3.41 -6.03
CA GLN B 179 16.52 3.31 -7.00
C GLN B 179 17.03 2.85 -8.35
N THR B 180 18.17 3.38 -8.81
CA THR B 180 18.69 2.96 -10.10
C THR B 180 18.90 1.46 -10.11
N VAL B 181 19.50 0.94 -9.04
CA VAL B 181 19.73 -0.50 -8.95
C VAL B 181 18.41 -1.28 -8.92
N THR B 182 17.43 -0.77 -8.17
CA THR B 182 16.13 -1.47 -8.08
C THR B 182 15.47 -1.61 -9.45
N ASP B 183 15.35 -0.46 -10.15
CA ASP B 183 14.78 -0.44 -11.49
C ASP B 183 15.59 -1.31 -12.46
N LEU B 184 16.92 -1.20 -12.40
CA LEU B 184 17.77 -1.95 -13.32
C LEU B 184 17.59 -3.43 -13.12
N HIS B 185 17.54 -3.87 -11.86
CA HIS B 185 17.35 -5.29 -11.62
C HIS B 185 16.04 -5.78 -12.23
N GLN B 186 14.95 -5.02 -11.99
CA GLN B 186 13.67 -5.41 -12.58
C GLN B 186 13.76 -5.45 -14.11
N LEU B 187 14.38 -4.45 -14.71
CA LEU B 187 14.47 -4.42 -16.17
C LEU B 187 15.27 -5.60 -16.69
N LEU B 188 16.35 -5.97 -16.01
CA LEU B 188 17.11 -7.12 -16.51
C LEU B 188 16.32 -8.39 -16.36
N LYS B 189 15.66 -8.58 -15.20
CA LYS B 189 14.95 -9.83 -15.01
C LYS B 189 13.79 -9.95 -15.99
N MET B 190 13.15 -8.84 -16.34
CA MET B 190 12.03 -8.91 -17.28
C MET B 190 12.50 -9.00 -18.73
N HIS B 191 13.55 -8.24 -19.09
CA HIS B 191 13.80 -7.88 -20.48
C HIS B 191 15.16 -8.30 -21.02
N ALA B 192 16.13 -8.59 -20.16
CA ALA B 192 17.45 -9.07 -20.60
C ALA B 192 17.92 -10.07 -19.57
N PRO B 193 17.24 -11.21 -19.45
CA PRO B 193 17.44 -12.08 -18.28
C PRO B 193 18.74 -12.86 -18.33
N GLN B 194 19.51 -12.83 -19.42
CA GLN B 194 20.82 -13.44 -19.33
C GLN B 194 21.85 -12.53 -18.64
N ALA B 195 21.46 -11.32 -18.22
CA ALA B 195 22.37 -10.40 -17.56
C ALA B 195 22.06 -10.28 -16.08
N LYS B 196 23.06 -9.82 -15.33
CA LYS B 196 22.96 -9.63 -13.90
C LYS B 196 23.44 -8.23 -13.56
N VAL B 197 22.89 -7.65 -12.51
CA VAL B 197 23.43 -6.42 -11.94
C VAL B 197 24.67 -6.78 -11.11
N LEU B 198 25.76 -6.06 -11.34
CA LEU B 198 26.96 -6.14 -10.52
C LEU B 198 27.16 -4.74 -9.97
N ALA B 199 26.54 -4.45 -8.82
CA ALA B 199 26.57 -3.08 -8.32
C ALA B 199 27.95 -2.75 -7.76
N ALA B 200 28.33 -1.47 -7.87
CA ALA B 200 29.67 -0.98 -7.57
C ALA B 200 29.56 0.43 -7.04
N SER B 201 30.70 0.95 -6.54
CA SER B 201 30.80 2.30 -5.96
C SER B 201 30.05 2.43 -4.64
N PHE B 202 30.73 2.13 -3.53
CA PHE B 202 30.10 2.07 -2.21
C PHE B 202 30.90 2.83 -1.16
N LYS B 203 30.23 3.71 -0.43
CA LYS B 203 30.81 4.35 0.75
C LYS B 203 30.50 3.62 2.05
N THR B 204 29.36 2.90 2.13
CA THR B 204 28.95 2.25 3.36
C THR B 204 28.54 0.80 3.08
N PRO B 205 28.68 -0.08 4.07
CA PRO B 205 28.06 -1.42 3.97
C PRO B 205 26.56 -1.37 3.74
N ARG B 206 25.87 -0.35 4.25
CA ARG B 206 24.42 -0.27 4.13
C ARG B 206 23.99 -0.05 2.68
N GLN B 207 24.78 0.65 1.87
CA GLN B 207 24.42 0.76 0.45
C GLN B 207 24.48 -0.59 -0.23
N ALA B 208 25.51 -1.36 0.06
CA ALA B 208 25.62 -2.70 -0.50
C ALA B 208 24.45 -3.56 -0.04
N LEU B 209 24.06 -3.42 1.22
CA LEU B 209 22.94 -4.21 1.73
C LEU B 209 21.64 -3.83 1.06
N ASP B 210 21.38 -2.53 0.91
CA ASP B 210 20.15 -2.11 0.23
C ASP B 210 20.13 -2.57 -1.22
N CYS B 211 21.31 -2.63 -1.87
CA CYS B 211 21.36 -3.20 -3.21
C CYS B 211 20.97 -4.66 -3.20
N LEU B 212 21.53 -5.44 -2.26
CA LEU B 212 21.21 -6.87 -2.23
C LEU B 212 19.75 -7.11 -1.92
N LEU B 213 19.16 -6.31 -1.02
CA LEU B 213 17.75 -6.45 -0.70
C LEU B 213 16.88 -6.09 -1.90
N ALA B 214 17.35 -5.18 -2.75
CA ALA B 214 16.64 -4.83 -3.98
C ALA B 214 16.71 -5.92 -5.04
N GLY B 215 17.49 -6.99 -4.83
CA GLY B 215 17.59 -8.10 -5.78
C GLY B 215 18.91 -8.22 -6.52
N CYS B 216 19.79 -7.24 -6.40
CA CYS B 216 21.13 -7.28 -7.00
CA CYS B 216 21.11 -7.28 -7.02
C CYS B 216 21.77 -8.64 -6.83
N GLU B 217 22.09 -9.30 -7.93
CA GLU B 217 22.61 -10.66 -7.83
CA GLU B 217 22.62 -10.67 -7.88
C GLU B 217 24.14 -10.72 -7.70
N SER B 218 24.84 -9.62 -7.87
CA SER B 218 26.28 -9.64 -7.63
C SER B 218 26.70 -8.21 -7.29
N ILE B 219 27.88 -8.08 -6.71
CA ILE B 219 28.29 -6.83 -6.08
C ILE B 219 29.81 -6.83 -5.97
N THR B 220 30.42 -5.64 -6.00
CA THR B 220 31.86 -5.57 -5.79
C THR B 220 32.15 -4.50 -4.75
N LEU B 221 32.88 -4.89 -3.70
CA LEU B 221 33.09 -3.99 -2.58
C LEU B 221 34.51 -3.45 -2.56
N PRO B 222 34.69 -2.17 -2.28
CA PRO B 222 36.04 -1.64 -2.06
C PRO B 222 36.57 -2.15 -0.71
N LEU B 223 37.87 -1.90 -0.48
CA LEU B 223 38.53 -2.54 0.67
C LEU B 223 37.89 -2.11 1.99
N ASP B 224 37.75 -0.81 2.21
CA ASP B 224 37.28 -0.35 3.52
C ASP B 224 35.86 -0.83 3.82
N VAL B 225 34.97 -0.83 2.81
CA VAL B 225 33.63 -1.35 3.05
C VAL B 225 33.68 -2.85 3.35
N ALA B 226 34.54 -3.58 2.65
CA ALA B 226 34.70 -5.00 2.97
C ALA B 226 35.17 -5.19 4.40
N GLN B 227 35.95 -4.26 4.93
CA GLN B 227 36.46 -4.45 6.28
C GLN B 227 35.52 -3.94 7.37
N GLN B 228 34.68 -2.95 7.08
CA GLN B 228 33.60 -2.65 8.00
C GLN B 228 32.64 -3.83 8.14
N MET B 229 32.58 -4.68 7.12
CA MET B 229 31.81 -5.93 7.17
C MET B 229 32.45 -7.01 8.12
N GLN B 230 33.50 -6.66 8.90
CA GLN B 230 34.12 -7.57 9.86
C GLN B 230 34.51 -6.79 11.14
N SER B 231 33.50 -6.36 11.90
CA SER B 231 33.74 -5.60 13.13
C SER B 231 32.84 -6.10 14.27
N TYR B 232 31.60 -5.56 14.33
CA TYR B 232 30.52 -5.87 15.28
C TYR B 232 31.01 -6.30 16.68
N PRO B 233 31.13 -5.35 17.61
CA PRO B 233 31.61 -5.71 18.95
C PRO B 233 30.69 -6.63 19.73
N ALA B 234 29.37 -6.54 19.51
CA ALA B 234 28.42 -7.35 20.26
C ALA B 234 28.69 -8.84 20.10
N VAL B 235 29.20 -9.25 18.93
CA VAL B 235 29.53 -10.65 18.72
C VAL B 235 30.71 -11.07 19.62
N ASP B 236 31.70 -10.19 19.76
CA ASP B 236 32.83 -10.49 20.64
C ASP B 236 32.41 -10.51 22.10
N ALA B 237 31.48 -9.62 22.50
CA ALA B 237 30.97 -9.65 23.88
C ALA B 237 30.22 -10.95 24.16
N ALA B 238 29.46 -11.44 23.17
CA ALA B 238 28.74 -12.70 23.34
C ALA B 238 29.71 -13.88 23.43
N VAL B 239 30.75 -13.89 22.60
CA VAL B 239 31.75 -14.97 22.70
C VAL B 239 32.49 -14.86 24.03
N ALA B 240 32.68 -13.64 24.53
CA ALA B 240 33.31 -13.45 25.83
C ALA B 240 32.47 -14.08 26.95
N LYS B 241 31.16 -13.79 26.96
CA LYS B 241 30.30 -14.41 27.97
C LYS B 241 30.26 -15.93 27.82
N PHE B 242 30.24 -16.43 26.57
CA PHE B 242 30.29 -17.87 26.35
C PHE B 242 31.53 -18.49 27.01
N GLU B 243 32.71 -17.95 26.72
CA GLU B 243 33.94 -18.51 27.29
C GLU B 243 33.99 -18.33 28.81
N GLN B 244 33.40 -17.24 29.34
CA GLN B 244 33.41 -17.06 30.79
C GLN B 244 32.54 -18.09 31.50
N ASP B 245 31.33 -18.34 30.99
CA ASP B 245 30.49 -19.39 31.59
C ASP B 245 31.15 -20.75 31.44
N TRP B 246 31.71 -21.03 30.26
CA TRP B 246 32.41 -22.28 30.03
C TRP B 246 33.52 -22.49 31.06
N GLN B 247 34.34 -21.46 31.27
CA GLN B 247 35.48 -21.58 32.18
C GLN B 247 35.06 -21.61 33.64
N GLY B 248 33.99 -20.90 34.00
CA GLY B 248 33.49 -20.92 35.37
C GLY B 248 32.75 -22.19 35.73
N ALA B 249 32.36 -23.01 34.75
CA ALA B 249 31.84 -24.33 35.03
C ALA B 249 32.82 -25.47 34.76
N PHE B 250 33.87 -25.24 33.97
CA PHE B 250 34.73 -26.32 33.52
C PHE B 250 36.21 -26.09 33.79
N GLY B 251 36.59 -24.93 34.34
CA GLY B 251 37.98 -24.67 34.65
C GLY B 251 38.81 -24.20 33.47
N ARG B 252 38.59 -24.76 32.29
CA ARG B 252 39.38 -24.47 31.10
C ARG B 252 38.56 -23.77 30.03
N THR B 253 39.22 -22.96 29.21
CA THR B 253 38.56 -22.24 28.12
C THR B 253 38.50 -23.03 26.83
N SER B 254 39.22 -24.15 26.73
CA SER B 254 39.27 -24.95 25.52
C SER B 254 37.97 -25.75 25.37
N ILE B 255 37.95 -26.68 24.41
CA ILE B 255 36.80 -27.55 24.21
C ILE B 255 37.20 -29.00 24.48
N SER C 35 16.00 -10.73 -24.58
CA SER C 35 14.65 -11.26 -24.73
C SER C 35 13.68 -10.16 -25.19
N MET C 36 13.75 -8.98 -24.57
CA MET C 36 12.99 -7.82 -25.02
C MET C 36 13.42 -7.42 -26.43
N GLU C 37 12.48 -6.82 -27.19
CA GLU C 37 12.71 -6.43 -28.59
C GLU C 37 12.72 -4.91 -28.72
N LEU C 38 13.83 -4.36 -29.21
CA LEU C 38 14.00 -2.93 -29.38
C LEU C 38 13.96 -2.59 -30.86
N TYR C 39 12.96 -1.81 -31.26
CA TYR C 39 12.80 -1.44 -32.65
C TYR C 39 13.02 0.05 -32.82
N LEU C 40 13.32 0.44 -34.05
CA LEU C 40 13.49 1.84 -34.40
C LEU C 40 12.28 2.26 -35.22
N ASP C 41 11.72 3.43 -34.90
CA ASP C 41 10.47 3.92 -35.53
C ASP C 41 10.82 4.95 -36.61
N THR C 42 11.13 4.44 -37.80
CA THR C 42 11.58 5.33 -38.87
C THR C 42 11.43 4.60 -40.20
N SER C 43 11.57 5.37 -41.27
CA SER C 43 11.73 4.81 -42.60
C SER C 43 13.00 5.35 -43.28
N ASP C 44 13.82 6.09 -42.54
CA ASP C 44 15.05 6.74 -42.98
C ASP C 44 16.16 5.70 -43.04
N VAL C 45 16.52 5.24 -44.25
CA VAL C 45 17.48 4.14 -44.41
C VAL C 45 18.87 4.55 -43.89
N VAL C 46 19.25 5.81 -44.11
CA VAL C 46 20.56 6.28 -43.64
C VAL C 46 20.63 6.26 -42.12
N ALA C 47 19.59 6.75 -41.44
CA ALA C 47 19.61 6.70 -39.99
C ALA C 47 19.56 5.26 -39.48
N VAL C 48 18.88 4.36 -40.18
CA VAL C 48 18.87 2.97 -39.72
C VAL C 48 20.28 2.40 -39.78
N LYS C 49 20.97 2.62 -40.91
CA LYS C 49 22.35 2.16 -41.05
C LYS C 49 23.22 2.69 -39.93
N ALA C 50 23.16 4.00 -39.68
CA ALA C 50 24.01 4.60 -38.65
C ALA C 50 23.67 4.05 -37.27
N LEU C 51 22.40 4.14 -36.86
CA LEU C 51 22.00 3.78 -35.51
C LEU C 51 22.10 2.30 -35.23
N SER C 52 22.06 1.44 -36.24
CA SER C 52 22.11 0.01 -35.98
C SER C 52 23.51 -0.45 -35.60
N ARG C 53 24.52 0.38 -35.85
CA ARG C 53 25.83 0.08 -35.35
C ARG C 53 25.87 0.22 -33.82
N ILE C 54 25.13 1.18 -33.28
CA ILE C 54 25.20 1.50 -31.86
C ILE C 54 24.19 0.70 -31.04
N PHE C 55 22.84 0.80 -31.42
CA PHE C 55 21.80 0.19 -30.61
C PHE C 55 21.57 -1.26 -30.97
N PRO C 56 21.21 -2.09 -29.99
CA PRO C 56 20.85 -3.50 -30.31
C PRO C 56 19.42 -3.54 -30.86
N LEU C 57 19.31 -3.30 -32.16
CA LEU C 57 18.01 -3.26 -32.82
C LEU C 57 17.51 -4.65 -33.15
N ALA C 58 16.22 -4.87 -32.95
CA ALA C 58 15.58 -6.08 -33.45
C ALA C 58 14.86 -5.85 -34.77
N GLY C 59 14.71 -4.61 -35.18
CA GLY C 59 14.05 -4.33 -36.45
C GLY C 59 13.66 -2.86 -36.53
N VAL C 60 12.82 -2.59 -37.52
CA VAL C 60 12.37 -1.24 -37.83
C VAL C 60 10.86 -1.30 -38.00
N THR C 61 10.16 -0.30 -37.50
CA THR C 61 8.73 -0.16 -37.76
C THR C 61 8.55 1.04 -38.66
N THR C 62 7.85 0.85 -39.77
CA THR C 62 7.47 1.97 -40.61
C THR C 62 6.00 2.30 -40.38
N ASN C 63 5.63 3.52 -40.71
CA ASN C 63 4.22 3.81 -40.80
C ASN C 63 3.99 4.71 -42.02
N PRO C 64 2.74 4.99 -42.40
CA PRO C 64 2.51 5.79 -43.61
C PRO C 64 3.16 7.15 -43.60
N SER C 65 3.19 7.82 -42.44
CA SER C 65 3.78 9.15 -42.39
C SER C 65 5.30 9.12 -42.61
N THR C 66 6.02 8.16 -42.02
CA THR C 66 7.46 8.20 -42.17
C THR C 66 7.89 7.73 -43.56
N ILE C 67 7.23 6.69 -44.08
CA ILE C 67 7.38 6.35 -45.50
C ILE C 67 7.17 7.59 -46.36
N ALA C 68 6.04 8.28 -46.15
CA ALA C 68 5.73 9.46 -46.96
C ALA C 68 6.83 10.51 -46.86
N ALA C 69 7.36 10.75 -45.66
CA ALA C 69 8.42 11.74 -45.52
C ALA C 69 9.67 11.32 -46.27
N GLY C 70 9.88 10.01 -46.44
CA GLY C 70 11.02 9.54 -47.23
C GLY C 70 10.84 9.56 -48.74
N LYS C 71 9.62 9.82 -49.23
CA LYS C 71 9.33 10.01 -50.65
C LYS C 71 9.66 8.81 -51.52
N LYS C 72 9.80 7.62 -50.94
CA LYS C 72 10.14 6.43 -51.70
C LYS C 72 9.04 5.38 -51.53
N PRO C 73 8.54 4.80 -52.62
CA PRO C 73 7.49 3.77 -52.50
C PRO C 73 7.96 2.57 -51.70
N LEU C 74 7.01 1.71 -51.35
CA LEU C 74 7.30 0.62 -50.41
C LEU C 74 8.23 -0.40 -51.03
N ASP C 75 8.03 -0.71 -52.32
CA ASP C 75 8.83 -1.75 -52.96
C ASP C 75 10.27 -1.30 -53.19
N VAL C 76 10.54 -0.01 -53.08
CA VAL C 76 11.90 0.53 -53.04
C VAL C 76 12.43 0.51 -51.61
N VAL C 77 11.78 1.22 -50.69
CA VAL C 77 12.36 1.50 -49.37
C VAL C 77 12.37 0.27 -48.44
N LEU C 78 11.35 -0.60 -48.49
CA LEU C 78 11.37 -1.76 -47.60
C LEU C 78 12.61 -2.62 -47.82
N PRO C 79 12.95 -3.04 -49.04
CA PRO C 79 14.20 -3.82 -49.20
C PRO C 79 15.43 -3.05 -48.75
N GLN C 80 15.44 -1.74 -48.99
CA GLN C 80 16.57 -0.93 -48.53
C GLN C 80 16.70 -0.98 -47.01
N LEU C 81 15.57 -0.96 -46.29
CA LEU C 81 15.65 -1.05 -44.83
C LEU C 81 16.09 -2.45 -44.40
N HIS C 82 15.54 -3.48 -45.04
CA HIS C 82 15.91 -4.86 -44.72
C HIS C 82 17.41 -5.05 -44.85
N GLU C 83 18.03 -4.45 -45.87
CA GLU C 83 19.47 -4.59 -46.01
C GLU C 83 20.22 -3.61 -45.11
N ALA C 84 19.61 -2.47 -44.77
CA ALA C 84 20.27 -1.51 -43.90
C ALA C 84 20.43 -2.03 -42.48
N MET C 85 19.73 -3.11 -42.14
CA MET C 85 20.02 -3.79 -40.88
C MET C 85 20.51 -5.22 -41.13
N GLY C 86 21.35 -5.39 -42.14
CA GLY C 86 22.04 -6.65 -42.36
C GLY C 86 21.15 -7.82 -42.70
N GLY C 87 19.97 -7.58 -43.26
CA GLY C 87 19.11 -8.69 -43.68
C GLY C 87 18.64 -9.58 -42.56
N GLN C 88 18.67 -9.09 -41.32
CA GLN C 88 18.16 -9.84 -40.18
C GLN C 88 17.36 -8.88 -39.31
N GLY C 89 16.38 -9.42 -38.61
CA GLY C 89 15.54 -8.50 -37.87
C GLY C 89 14.30 -8.11 -38.65
N ARG C 90 13.22 -7.84 -37.92
CA ARG C 90 11.94 -7.81 -38.59
C ARG C 90 11.58 -6.40 -39.05
N LEU C 91 10.74 -6.35 -40.07
CA LEU C 91 10.17 -5.12 -40.57
C LEU C 91 8.67 -5.13 -40.32
N PHE C 92 8.11 -3.94 -40.09
CA PHE C 92 6.68 -3.69 -39.96
C PHE C 92 6.30 -2.59 -40.93
N ALA C 93 5.18 -2.78 -41.64
CA ALA C 93 4.59 -1.72 -42.46
C ALA C 93 3.08 -1.81 -42.34
N THR C 94 2.43 -0.70 -42.67
CA THR C 94 1.02 -0.48 -42.38
C THR C 94 0.17 -0.56 -43.64
N VAL C 95 -0.94 -1.31 -43.58
CA VAL C 95 -1.95 -1.26 -44.65
C VAL C 95 -2.53 0.15 -44.78
N MET C 96 -3.06 0.46 -45.97
CA MET C 96 -3.67 1.77 -46.25
C MET C 96 -5.17 1.73 -46.53
N ALA C 97 -5.70 0.60 -46.98
CA ALA C 97 -7.10 0.51 -47.32
C ALA C 97 -7.99 0.74 -46.08
N THR C 98 -9.23 1.12 -46.36
CA THR C 98 -10.23 1.37 -45.33
C THR C 98 -11.17 0.18 -45.11
N THR C 99 -11.20 -0.79 -46.02
CA THR C 99 -12.05 -1.95 -45.82
C THR C 99 -11.21 -3.14 -45.42
N ALA C 100 -11.83 -4.06 -44.70
CA ALA C 100 -11.14 -5.26 -44.23
C ALA C 100 -10.55 -6.05 -45.40
N GLU C 101 -11.35 -6.25 -46.46
CA GLU C 101 -10.86 -6.98 -47.63
C GLU C 101 -9.69 -6.25 -48.28
N GLY C 102 -9.77 -4.91 -48.31
CA GLY C 102 -8.65 -4.11 -48.80
C GLY C 102 -7.41 -4.22 -47.94
N MET C 103 -7.59 -4.29 -46.62
CA MET C 103 -6.45 -4.44 -45.74
C MET C 103 -5.79 -5.80 -45.95
N VAL C 104 -6.58 -6.86 -46.11
CA VAL C 104 -6.03 -8.17 -46.46
C VAL C 104 -5.21 -8.08 -47.75
N ASN C 105 -5.79 -7.44 -48.77
CA ASN C 105 -5.09 -7.24 -50.04
C ASN C 105 -3.76 -6.53 -49.85
N ASP C 106 -3.78 -5.37 -49.15
CA ASP C 106 -2.53 -4.68 -48.83
C ASP C 106 -1.53 -5.60 -48.15
N ALA C 107 -2.01 -6.44 -47.22
CA ALA C 107 -1.12 -7.34 -46.50
C ALA C 107 -0.39 -8.25 -47.47
N LEU C 108 -1.12 -8.75 -48.48
CA LEU C 108 -0.46 -9.65 -49.42
C LEU C 108 0.52 -8.90 -50.31
N LYS C 109 0.17 -7.67 -50.72
CA LYS C 109 1.17 -6.83 -51.37
C LYS C 109 2.44 -6.75 -50.52
N LEU C 110 2.27 -6.38 -49.25
CA LEU C 110 3.41 -6.16 -48.38
C LEU C 110 4.24 -7.43 -48.24
N ARG C 111 3.59 -8.58 -48.10
CA ARG C 111 4.33 -9.82 -47.96
C ARG C 111 5.01 -10.24 -49.26
N SER C 112 4.51 -9.77 -50.41
CA SER C 112 5.22 -10.00 -51.67
C SER C 112 6.48 -9.14 -51.75
N ILE C 113 6.50 -7.96 -51.11
CA ILE C 113 7.74 -7.18 -51.07
C ILE C 113 8.73 -7.79 -50.08
N ILE C 114 8.30 -8.04 -48.85
CA ILE C 114 9.17 -8.55 -47.78
C ILE C 114 8.46 -9.79 -47.21
N ALA C 115 9.04 -10.96 -47.45
CA ALA C 115 8.26 -12.18 -47.26
C ALA C 115 7.88 -12.42 -45.81
N ASP C 116 8.67 -11.90 -44.87
CA ASP C 116 8.46 -12.13 -43.45
C ASP C 116 7.98 -10.89 -42.72
N ILE C 117 7.50 -9.89 -43.45
CA ILE C 117 7.14 -8.61 -42.85
C ILE C 117 5.95 -8.79 -41.91
N VAL C 118 5.89 -8.01 -40.83
CA VAL C 118 4.70 -7.99 -39.98
C VAL C 118 3.80 -6.85 -40.44
N VAL C 119 2.52 -7.15 -40.60
CA VAL C 119 1.56 -6.23 -41.22
C VAL C 119 0.83 -5.47 -40.11
N LYS C 120 0.98 -4.14 -40.10
CA LYS C 120 0.32 -3.31 -39.10
C LYS C 120 -1.05 -2.91 -39.60
N VAL C 121 -2.07 -3.10 -38.76
CA VAL C 121 -3.47 -2.85 -39.07
C VAL C 121 -4.01 -1.90 -38.01
N PRO C 122 -4.46 -0.70 -38.36
CA PRO C 122 -5.07 0.17 -37.34
C PRO C 122 -6.33 -0.47 -36.77
N VAL C 123 -6.49 -0.40 -35.44
CA VAL C 123 -7.52 -1.20 -34.75
C VAL C 123 -8.82 -0.41 -34.83
N THR C 124 -9.48 -0.50 -35.99
CA THR C 124 -10.85 -0.09 -36.20
C THR C 124 -11.70 -1.34 -36.37
N ALA C 125 -13.02 -1.14 -36.47
CA ALA C 125 -13.92 -2.27 -36.73
C ALA C 125 -13.47 -3.07 -37.96
N GLU C 126 -13.24 -2.38 -39.09
CA GLU C 126 -12.76 -3.06 -40.29
C GLU C 126 -11.37 -3.65 -40.07
N GLY C 127 -10.54 -2.94 -39.31
CA GLY C 127 -9.22 -3.48 -38.97
C GLY C 127 -9.31 -4.75 -38.14
N LEU C 128 -10.28 -4.82 -37.22
CA LEU C 128 -10.45 -6.06 -36.45
C LEU C 128 -10.86 -7.21 -37.37
N ALA C 129 -11.77 -6.94 -38.31
CA ALA C 129 -12.11 -7.97 -39.29
C ALA C 129 -10.89 -8.39 -40.11
N ALA C 130 -10.09 -7.41 -40.54
CA ALA C 130 -8.87 -7.74 -41.28
C ALA C 130 -7.94 -8.61 -40.45
N ILE C 131 -7.79 -8.32 -39.15
CA ILE C 131 -6.86 -9.09 -38.31
C ILE C 131 -7.34 -10.53 -38.17
N LYS C 132 -8.66 -10.72 -38.01
CA LYS C 132 -9.21 -12.08 -38.04
C LYS C 132 -8.88 -12.78 -39.36
N MET C 133 -9.13 -12.10 -40.48
CA MET C 133 -8.89 -12.76 -41.77
C MET C 133 -7.41 -13.09 -41.95
N LEU C 134 -6.52 -12.19 -41.50
CA LEU C 134 -5.09 -12.47 -41.65
C LEU C 134 -4.62 -13.59 -40.74
N LYS C 135 -5.23 -13.72 -39.55
CA LYS C 135 -4.93 -14.89 -38.72
C LYS C 135 -5.28 -16.18 -39.43
N ALA C 136 -6.46 -16.22 -40.08
CA ALA C 136 -6.79 -17.40 -40.88
C ALA C 136 -5.77 -17.62 -42.00
N GLU C 137 -5.28 -16.52 -42.61
CA GLU C 137 -4.31 -16.61 -43.69
C GLU C 137 -2.89 -16.90 -43.23
N GLY C 138 -2.62 -16.90 -41.91
CA GLY C 138 -1.28 -17.17 -41.42
C GLY C 138 -0.30 -16.01 -41.53
N ILE C 139 -0.78 -14.78 -41.62
CA ILE C 139 0.08 -13.62 -41.83
C ILE C 139 0.16 -12.85 -40.51
N PRO C 140 1.34 -12.69 -39.92
CA PRO C 140 1.43 -12.00 -38.63
C PRO C 140 1.04 -10.53 -38.74
N THR C 141 0.31 -10.07 -37.73
CA THR C 141 -0.20 -8.71 -37.69
C THR C 141 0.20 -8.03 -36.39
N LEU C 142 0.21 -6.71 -36.45
CA LEU C 142 0.27 -5.86 -35.30
C LEU C 142 -0.97 -4.97 -35.34
N GLY C 143 -1.62 -4.78 -34.19
CA GLY C 143 -2.71 -3.84 -34.13
C GLY C 143 -2.19 -2.48 -33.74
N THR C 144 -2.26 -1.50 -34.62
CA THR C 144 -1.67 -0.20 -34.37
C THR C 144 -2.76 0.85 -34.15
N ALA C 145 -2.33 2.07 -33.83
CA ALA C 145 -3.22 3.18 -33.52
C ALA C 145 -4.13 2.84 -32.33
N VAL C 146 -3.57 2.24 -31.30
CA VAL C 146 -4.35 1.81 -30.15
C VAL C 146 -4.36 2.94 -29.12
N TYR C 147 -5.55 3.39 -28.74
CA TYR C 147 -5.69 4.48 -27.78
C TYR C 147 -6.26 4.02 -26.44
N GLY C 148 -6.65 2.76 -26.30
CA GLY C 148 -7.23 2.28 -25.05
C GLY C 148 -6.94 0.81 -24.87
N ALA C 149 -6.95 0.39 -23.61
CA ALA C 149 -6.56 -0.99 -23.30
C ALA C 149 -7.52 -2.01 -23.92
N ALA C 150 -8.83 -1.73 -23.87
CA ALA C 150 -9.81 -2.69 -24.39
C ALA C 150 -9.66 -2.86 -25.90
N GLN C 151 -9.51 -1.76 -26.62
CA GLN C 151 -9.29 -1.84 -28.07
C GLN C 151 -8.05 -2.67 -28.41
N GLY C 152 -6.95 -2.45 -27.67
CA GLY C 152 -5.75 -3.24 -27.93
C GLY C 152 -5.98 -4.71 -27.67
N LEU C 153 -6.61 -5.02 -26.52
CA LEU C 153 -6.94 -6.40 -26.20
C LEU C 153 -7.79 -7.05 -27.30
N LEU C 154 -8.77 -6.31 -27.84
CA LEU C 154 -9.58 -6.88 -28.92
C LEU C 154 -8.69 -7.25 -30.10
N SER C 155 -7.75 -6.37 -30.48
CA SER C 155 -6.89 -6.71 -31.62
C SER C 155 -6.11 -7.99 -31.36
N ALA C 156 -5.69 -8.20 -30.11
CA ALA C 156 -4.97 -9.43 -29.78
C ALA C 156 -5.88 -10.65 -29.84
N LEU C 157 -7.08 -10.55 -29.28
CA LEU C 157 -8.03 -11.65 -29.38
C LEU C 157 -8.32 -12.00 -30.84
N ALA C 158 -8.42 -10.98 -31.69
CA ALA C 158 -8.62 -11.22 -33.12
C ALA C 158 -7.43 -11.94 -33.74
N GLY C 159 -6.23 -11.80 -33.18
CA GLY C 159 -5.11 -12.60 -33.64
C GLY C 159 -3.77 -11.88 -33.76
N ALA C 160 -3.78 -10.56 -33.57
CA ALA C 160 -2.55 -9.79 -33.63
C ALA C 160 -1.49 -10.35 -32.69
N GLU C 161 -0.27 -10.39 -33.18
CA GLU C 161 0.89 -10.82 -32.41
C GLU C 161 1.45 -9.68 -31.56
N TYR C 162 1.22 -8.45 -31.99
CA TYR C 162 1.70 -7.25 -31.34
C TYR C 162 0.55 -6.27 -31.24
N VAL C 163 0.53 -5.51 -30.15
CA VAL C 163 -0.39 -4.41 -30.00
C VAL C 163 0.41 -3.16 -29.68
N ALA C 164 0.20 -2.10 -30.46
CA ALA C 164 0.98 -0.87 -30.34
C ALA C 164 0.08 0.27 -29.88
N PRO C 165 -0.03 0.50 -28.57
CA PRO C 165 -0.63 1.74 -28.10
C PRO C 165 0.28 2.92 -28.40
N TYR C 166 -0.33 4.07 -28.65
CA TYR C 166 0.37 5.33 -28.96
C TYR C 166 0.52 6.13 -27.68
N VAL C 167 1.61 5.87 -26.95
CA VAL C 167 1.79 6.40 -25.59
C VAL C 167 1.61 7.93 -25.56
N ASN C 168 2.45 8.66 -26.29
CA ASN C 168 2.39 10.12 -26.19
C ASN C 168 1.07 10.69 -26.72
N ARG C 169 0.47 10.06 -27.74
CA ARG C 169 -0.80 10.60 -28.23
C ARG C 169 -1.91 10.41 -27.20
N ILE C 170 -1.89 9.30 -26.46
CA ILE C 170 -2.83 9.14 -25.36
C ILE C 170 -2.61 10.24 -24.33
N ASP C 171 -1.35 10.52 -23.98
CA ASP C 171 -1.08 11.63 -23.07
C ASP C 171 -1.69 12.93 -23.62
N ALA C 172 -1.49 13.18 -24.92
CA ALA C 172 -1.82 14.47 -25.51
C ALA C 172 -3.30 14.74 -25.43
N GLN C 173 -4.14 13.70 -25.48
CA GLN C 173 -5.57 13.87 -25.41
C GLN C 173 -6.11 13.77 -23.99
N GLY C 174 -5.27 14.08 -22.99
CA GLY C 174 -5.69 14.16 -21.63
C GLY C 174 -5.46 12.91 -20.79
N GLY C 175 -5.38 11.74 -21.42
CA GLY C 175 -5.25 10.47 -20.70
C GLY C 175 -3.87 10.21 -20.14
N SER C 176 -3.58 8.92 -19.91
CA SER C 176 -2.24 8.49 -19.50
C SER C 176 -1.81 7.36 -20.41
N GLY C 177 -0.85 7.64 -21.30
CA GLY C 177 -0.30 6.57 -22.11
C GLY C 177 0.35 5.47 -21.26
N ILE C 178 1.01 5.85 -20.17
CA ILE C 178 1.67 4.85 -19.32
C ILE C 178 0.64 3.92 -18.68
N GLN C 179 -0.50 4.47 -18.23
CA GLN C 179 -1.53 3.62 -17.62
C GLN C 179 -2.17 2.70 -18.66
N THR C 180 -2.41 3.21 -19.87
CA THR C 180 -2.89 2.33 -20.96
C THR C 180 -1.94 1.17 -21.20
N VAL C 181 -0.63 1.46 -21.33
CA VAL C 181 0.34 0.38 -21.50
C VAL C 181 0.30 -0.59 -20.33
N THR C 182 0.23 -0.07 -19.11
CA THR C 182 0.22 -0.94 -17.94
C THR C 182 -0.98 -1.90 -17.99
N ASP C 183 -2.18 -1.34 -18.20
CA ASP C 183 -3.38 -2.18 -18.25
C ASP C 183 -3.35 -3.13 -19.43
N LEU C 184 -2.94 -2.63 -20.60
CA LEU C 184 -2.91 -3.48 -21.79
C LEU C 184 -1.99 -4.66 -21.59
N HIS C 185 -0.81 -4.42 -21.03
CA HIS C 185 0.12 -5.53 -20.82
C HIS C 185 -0.49 -6.56 -19.88
N GLN C 186 -1.06 -6.11 -18.75
CA GLN C 186 -1.74 -7.06 -17.87
C GLN C 186 -2.82 -7.85 -18.62
N LEU C 187 -3.62 -7.15 -19.43
CA LEU C 187 -4.71 -7.84 -20.13
C LEU C 187 -4.16 -8.87 -21.10
N LEU C 188 -3.10 -8.54 -21.83
CA LEU C 188 -2.55 -9.50 -22.78
C LEU C 188 -2.03 -10.73 -22.06
N LYS C 189 -1.31 -10.53 -20.95
CA LYS C 189 -0.70 -11.67 -20.28
C LYS C 189 -1.75 -12.58 -19.68
N MET C 190 -2.86 -12.03 -19.17
CA MET C 190 -3.86 -12.98 -18.67
C MET C 190 -4.83 -13.47 -19.74
N HIS C 191 -5.11 -12.69 -20.80
CA HIS C 191 -6.25 -12.96 -21.67
C HIS C 191 -5.92 -13.18 -23.14
N ALA C 192 -4.73 -12.82 -23.60
CA ALA C 192 -4.31 -13.07 -24.98
C ALA C 192 -2.80 -13.29 -24.99
N PRO C 193 -2.33 -14.36 -24.33
CA PRO C 193 -0.91 -14.46 -23.97
C PRO C 193 0.02 -14.68 -25.14
N GLN C 194 -0.49 -14.92 -26.34
CA GLN C 194 0.37 -15.00 -27.52
C GLN C 194 0.77 -13.62 -28.06
N ALA C 195 0.16 -12.54 -27.57
CA ALA C 195 0.45 -11.19 -28.04
C ALA C 195 1.33 -10.45 -27.03
N LYS C 196 2.08 -9.49 -27.56
CA LYS C 196 2.94 -8.60 -26.79
C LYS C 196 2.56 -7.15 -27.03
N VAL C 197 2.85 -6.30 -26.06
CA VAL C 197 2.79 -4.87 -26.28
C VAL C 197 4.03 -4.45 -27.04
N LEU C 198 3.84 -3.71 -28.12
CA LEU C 198 4.91 -2.98 -28.82
C LEU C 198 4.59 -1.49 -28.67
N ALA C 199 5.11 -0.86 -27.61
CA ALA C 199 4.72 0.52 -27.33
C ALA C 199 5.39 1.49 -28.30
N ALA C 200 4.66 2.54 -28.69
CA ALA C 200 5.12 3.49 -29.69
C ALA C 200 4.67 4.87 -29.27
N SER C 201 5.12 5.89 -30.02
CA SER C 201 4.76 7.29 -29.83
C SER C 201 5.42 7.81 -28.56
N PHE C 202 6.63 8.37 -28.69
CA PHE C 202 7.40 8.83 -27.55
C PHE C 202 8.01 10.18 -27.82
N LYS C 203 8.01 11.04 -26.80
CA LYS C 203 8.78 12.27 -26.83
C LYS C 203 10.02 12.21 -25.96
N THR C 204 10.04 11.36 -24.93
CA THR C 204 11.20 11.30 -24.06
C THR C 204 11.64 9.86 -23.87
N PRO C 205 12.92 9.64 -23.58
CA PRO C 205 13.32 8.28 -23.19
C PRO C 205 12.62 7.80 -21.93
N ARG C 206 12.28 8.72 -21.02
CA ARG C 206 11.62 8.33 -19.78
C ARG C 206 10.25 7.68 -20.01
N GLN C 207 9.51 8.13 -21.03
CA GLN C 207 8.24 7.46 -21.36
C GLN C 207 8.47 6.01 -21.74
N ALA C 208 9.52 5.74 -22.54
CA ALA C 208 9.82 4.37 -22.94
C ALA C 208 10.28 3.54 -21.74
N LEU C 209 11.17 4.11 -20.92
CA LEU C 209 11.59 3.41 -19.71
C LEU C 209 10.39 3.07 -18.83
N ASP C 210 9.48 4.04 -18.63
CA ASP C 210 8.30 3.79 -17.82
C ASP C 210 7.45 2.66 -18.39
N CYS C 211 7.34 2.59 -19.73
CA CYS C 211 6.65 1.45 -20.34
C CYS C 211 7.35 0.15 -20.01
N LEU C 212 8.68 0.13 -20.10
CA LEU C 212 9.40 -1.12 -19.86
C LEU C 212 9.28 -1.54 -18.39
N LEU C 213 9.28 -0.56 -17.48
CA LEU C 213 9.10 -0.85 -16.07
C LEU C 213 7.73 -1.45 -15.80
N ALA C 214 6.72 -1.06 -16.57
CA ALA C 214 5.38 -1.60 -16.44
C ALA C 214 5.23 -3.00 -17.03
N GLY C 215 6.28 -3.55 -17.65
CA GLY C 215 6.25 -4.93 -18.15
C GLY C 215 6.22 -5.04 -19.67
N CYS C 216 6.01 -3.93 -20.36
CA CYS C 216 5.81 -3.94 -21.80
C CYS C 216 7.01 -4.58 -22.50
N GLU C 217 6.75 -5.56 -23.36
CA GLU C 217 7.83 -6.42 -23.82
C GLU C 217 8.56 -5.89 -25.06
N SER C 218 8.02 -4.90 -25.77
CA SER C 218 8.78 -4.29 -26.85
C SER C 218 8.33 -2.84 -27.01
N ILE C 219 9.20 -2.06 -27.66
CA ILE C 219 9.00 -0.64 -27.89
C ILE C 219 9.63 -0.32 -29.24
N THR C 220 9.16 0.75 -29.84
CA THR C 220 9.80 1.26 -31.03
C THR C 220 10.05 2.74 -30.80
N LEU C 221 11.30 3.16 -30.98
CA LEU C 221 11.69 4.52 -30.62
C LEU C 221 11.87 5.37 -31.87
N PRO C 222 11.36 6.59 -31.88
CA PRO C 222 11.62 7.50 -33.00
C PRO C 222 13.05 8.00 -32.96
N LEU C 223 13.47 8.60 -34.08
CA LEU C 223 14.86 9.03 -34.24
C LEU C 223 15.31 9.96 -33.13
N ASP C 224 14.53 11.01 -32.82
CA ASP C 224 15.03 12.00 -31.85
C ASP C 224 15.10 11.43 -30.44
N VAL C 225 14.28 10.44 -30.11
CA VAL C 225 14.39 9.83 -28.78
C VAL C 225 15.61 8.93 -28.71
N ALA C 226 15.85 8.14 -29.75
CA ALA C 226 17.04 7.29 -29.79
C ALA C 226 18.31 8.15 -29.77
N GLN C 227 18.29 9.31 -30.43
CA GLN C 227 19.36 10.29 -30.41
C GLN C 227 19.32 11.22 -29.21
N GLN C 228 18.38 11.01 -28.26
CA GLN C 228 18.49 11.54 -26.91
C GLN C 228 19.13 10.54 -25.95
N MET C 229 19.41 9.32 -26.41
CA MET C 229 19.95 8.23 -25.60
C MET C 229 21.41 7.93 -25.91
N GLN C 230 22.15 8.91 -26.44
CA GLN C 230 23.55 8.72 -26.82
C GLN C 230 24.53 9.61 -26.06
N SER C 231 24.06 10.63 -25.37
CA SER C 231 24.92 11.54 -24.62
C SER C 231 25.03 11.05 -23.18
N TYR C 232 26.26 10.93 -22.67
CA TYR C 232 26.50 10.41 -21.32
C TYR C 232 27.64 11.19 -20.68
N PRO C 233 27.40 12.46 -20.31
CA PRO C 233 28.52 13.31 -19.85
C PRO C 233 29.20 12.83 -18.57
N ALA C 234 28.43 12.27 -17.63
CA ALA C 234 29.03 11.66 -16.44
C ALA C 234 29.95 10.52 -16.82
N VAL C 235 29.57 9.70 -17.81
CA VAL C 235 30.43 8.61 -18.24
C VAL C 235 31.72 9.16 -18.81
N ASP C 236 31.61 10.17 -19.67
CA ASP C 236 32.80 10.73 -20.31
C ASP C 236 33.73 11.37 -19.29
N ALA C 237 33.17 11.99 -18.24
CA ALA C 237 33.99 12.52 -17.14
C ALA C 237 34.72 11.40 -16.40
N ALA C 238 34.00 10.33 -16.05
CA ALA C 238 34.64 9.20 -15.38
C ALA C 238 35.75 8.58 -16.24
N VAL C 239 35.48 8.40 -17.54
CA VAL C 239 36.48 7.88 -18.46
C VAL C 239 37.67 8.84 -18.57
N ALA C 240 37.41 10.14 -18.53
CA ALA C 240 38.50 11.12 -18.58
C ALA C 240 39.38 11.02 -17.34
N LYS C 241 38.77 10.88 -16.16
CA LYS C 241 39.56 10.69 -14.95
C LYS C 241 40.33 9.38 -14.99
N PHE C 242 39.73 8.33 -15.58
CA PHE C 242 40.45 7.09 -15.81
C PHE C 242 41.71 7.31 -16.66
N GLU C 243 41.57 8.01 -17.79
CA GLU C 243 42.71 8.29 -18.65
C GLU C 243 43.73 9.17 -17.95
N GLN C 244 43.27 10.10 -17.12
CA GLN C 244 44.18 10.98 -16.39
C GLN C 244 45.03 10.22 -15.40
N ASP C 245 44.41 9.35 -14.59
CA ASP C 245 45.17 8.54 -13.64
C ASP C 245 46.10 7.57 -14.36
N TRP C 246 45.63 6.99 -15.46
CA TRP C 246 46.47 6.13 -16.29
C TRP C 246 47.71 6.88 -16.79
N GLN C 247 47.54 8.12 -17.24
CA GLN C 247 48.68 8.89 -17.76
C GLN C 247 49.66 9.23 -16.64
N GLY C 248 49.14 9.66 -15.49
CA GLY C 248 50.00 9.89 -14.34
C GLY C 248 50.70 8.65 -13.83
N ALA C 249 50.20 7.46 -14.20
CA ALA C 249 50.84 6.22 -13.78
C ALA C 249 51.88 5.71 -14.78
N PHE C 250 51.52 5.66 -16.07
CA PHE C 250 52.35 5.04 -17.09
C PHE C 250 52.72 5.96 -18.25
N GLY C 251 52.43 7.26 -18.15
CA GLY C 251 52.71 8.17 -19.24
C GLY C 251 52.08 7.78 -20.56
N ARG C 252 50.92 7.13 -20.51
CA ARG C 252 50.26 6.66 -21.73
C ARG C 252 48.75 6.75 -21.53
N THR C 253 48.02 6.75 -22.64
CA THR C 253 46.56 6.71 -22.65
C THR C 253 46.01 5.34 -23.03
N SER C 254 46.87 4.40 -23.37
CA SER C 254 46.50 3.14 -23.99
C SER C 254 46.75 1.97 -23.04
N ILE C 255 46.15 0.83 -23.37
CA ILE C 255 46.40 -0.42 -22.66
C ILE C 255 47.79 -0.95 -23.02
N SER D 35 -7.26 -16.68 -25.59
CA SER D 35 -7.43 -17.47 -24.37
C SER D 35 -8.70 -17.06 -23.59
N MET D 36 -8.89 -15.77 -23.31
CA MET D 36 -10.18 -15.36 -22.79
C MET D 36 -11.27 -15.56 -23.86
N GLU D 37 -12.52 -15.64 -23.40
CA GLU D 37 -13.66 -15.96 -24.26
C GLU D 37 -14.65 -14.80 -24.28
N LEU D 38 -14.83 -14.20 -25.45
CA LEU D 38 -15.74 -13.07 -25.63
C LEU D 38 -17.06 -13.55 -26.24
N TYR D 39 -18.16 -13.29 -25.54
CA TYR D 39 -19.47 -13.71 -25.98
C TYR D 39 -20.35 -12.49 -26.22
N LEU D 40 -21.36 -12.70 -27.05
CA LEU D 40 -22.38 -11.72 -27.35
C LEU D 40 -23.66 -12.11 -26.61
N ASP D 41 -24.23 -11.18 -25.87
CA ASP D 41 -25.40 -11.46 -25.02
C ASP D 41 -26.63 -10.99 -25.78
N THR D 42 -27.16 -11.87 -26.64
CA THR D 42 -28.29 -11.49 -27.49
C THR D 42 -28.96 -12.75 -28.03
N SER D 43 -30.21 -12.57 -28.46
CA SER D 43 -30.91 -13.55 -29.29
C SER D 43 -31.19 -13.02 -30.69
N ASP D 44 -30.61 -11.88 -31.07
CA ASP D 44 -30.85 -11.21 -32.35
C ASP D 44 -29.95 -11.82 -33.42
N VAL D 45 -30.54 -12.68 -34.27
CA VAL D 45 -29.76 -13.44 -35.26
C VAL D 45 -29.08 -12.50 -36.25
N VAL D 46 -29.76 -11.43 -36.64
CA VAL D 46 -29.18 -10.47 -37.57
C VAL D 46 -27.95 -9.81 -36.96
N ALA D 47 -28.10 -9.27 -35.75
CA ALA D 47 -26.98 -8.67 -35.05
C ALA D 47 -25.84 -9.66 -34.88
N VAL D 48 -26.16 -10.92 -34.58
CA VAL D 48 -25.09 -11.89 -34.41
C VAL D 48 -24.29 -12.03 -35.71
N LYS D 49 -24.97 -12.09 -36.86
CA LYS D 49 -24.22 -12.20 -38.11
C LYS D 49 -23.38 -10.96 -38.37
N ALA D 50 -23.95 -9.79 -38.12
CA ALA D 50 -23.21 -8.55 -38.34
C ALA D 50 -21.96 -8.49 -37.47
N LEU D 51 -22.12 -8.69 -36.16
CA LEU D 51 -21.02 -8.53 -35.22
C LEU D 51 -20.02 -9.69 -35.27
N SER D 52 -20.44 -10.86 -35.76
CA SER D 52 -19.49 -11.95 -36.00
C SER D 52 -18.41 -11.56 -36.99
N ARG D 53 -18.72 -10.62 -37.89
CA ARG D 53 -17.75 -10.20 -38.89
C ARG D 53 -16.65 -9.36 -38.28
N ILE D 54 -16.98 -8.60 -37.24
CA ILE D 54 -16.05 -7.64 -36.66
C ILE D 54 -15.27 -8.24 -35.50
N PHE D 55 -15.96 -8.83 -34.54
CA PHE D 55 -15.42 -9.23 -33.25
C PHE D 55 -14.94 -10.67 -33.25
N PRO D 56 -13.95 -10.96 -32.44
CA PRO D 56 -13.53 -12.37 -32.26
C PRO D 56 -14.39 -13.07 -31.23
N LEU D 57 -15.61 -13.42 -31.63
CA LEU D 57 -16.59 -13.99 -30.72
C LEU D 57 -16.31 -15.46 -30.45
N ALA D 58 -16.47 -15.88 -29.20
CA ALA D 58 -16.45 -17.30 -28.88
C ALA D 58 -17.83 -17.93 -28.90
N GLY D 59 -18.89 -17.13 -28.92
CA GLY D 59 -20.23 -17.69 -28.96
C GLY D 59 -21.25 -16.65 -28.52
N VAL D 60 -22.40 -17.17 -28.10
CA VAL D 60 -23.59 -16.34 -27.86
C VAL D 60 -24.27 -16.86 -26.60
N THR D 61 -24.65 -15.96 -25.71
CA THR D 61 -25.44 -16.30 -24.54
C THR D 61 -26.85 -15.77 -24.75
N THR D 62 -27.84 -16.65 -24.61
CA THR D 62 -29.24 -16.26 -24.60
C THR D 62 -29.79 -16.35 -23.19
N ASN D 63 -30.83 -15.59 -22.91
CA ASN D 63 -31.61 -15.73 -21.69
C ASN D 63 -33.09 -15.67 -22.05
N PRO D 64 -33.98 -16.00 -21.10
CA PRO D 64 -35.43 -15.94 -21.40
C PRO D 64 -35.89 -14.59 -21.95
N SER D 65 -35.42 -13.49 -21.38
CA SER D 65 -35.90 -12.18 -21.81
C SER D 65 -35.53 -11.90 -23.27
N THR D 66 -34.31 -12.27 -23.69
CA THR D 66 -33.90 -11.94 -25.06
C THR D 66 -34.52 -12.92 -26.07
N ILE D 67 -34.62 -14.20 -25.72
CA ILE D 67 -35.39 -15.15 -26.51
C ILE D 67 -36.81 -14.65 -26.70
N ALA D 68 -37.45 -14.24 -25.60
CA ALA D 68 -38.82 -13.76 -25.65
C ALA D 68 -38.94 -12.52 -26.54
N ALA D 69 -38.04 -11.56 -26.35
CA ALA D 69 -38.07 -10.35 -27.16
C ALA D 69 -37.92 -10.69 -28.64
N GLY D 70 -37.25 -11.80 -28.95
CA GLY D 70 -37.13 -12.22 -30.35
C GLY D 70 -38.35 -12.93 -30.92
N LYS D 71 -39.29 -13.35 -30.07
CA LYS D 71 -40.56 -13.96 -30.47
C LYS D 71 -40.39 -15.23 -31.32
N LYS D 72 -39.29 -15.98 -31.14
CA LYS D 72 -39.14 -17.25 -31.82
C LYS D 72 -38.75 -18.33 -30.82
N PRO D 73 -39.41 -19.49 -30.85
CA PRO D 73 -39.12 -20.54 -29.86
C PRO D 73 -37.69 -21.04 -30.00
N LEU D 74 -37.23 -21.69 -28.93
CA LEU D 74 -35.87 -22.21 -28.87
C LEU D 74 -35.53 -23.09 -30.06
N ASP D 75 -36.44 -24.02 -30.39
CA ASP D 75 -36.21 -24.95 -31.50
C ASP D 75 -35.98 -24.23 -32.82
N VAL D 76 -36.52 -23.02 -32.99
CA VAL D 76 -36.31 -22.25 -34.20
C VAL D 76 -35.08 -21.36 -34.10
N VAL D 77 -34.94 -20.62 -33.00
CA VAL D 77 -33.91 -19.57 -32.98
C VAL D 77 -32.53 -20.11 -32.62
N LEU D 78 -32.43 -21.20 -31.84
CA LEU D 78 -31.10 -21.67 -31.46
C LEU D 78 -30.30 -22.19 -32.64
N PRO D 79 -30.87 -23.00 -33.55
CA PRO D 79 -30.09 -23.36 -34.75
C PRO D 79 -29.83 -22.17 -35.67
N GLN D 80 -30.75 -21.20 -35.73
CA GLN D 80 -30.47 -19.98 -36.47
C GLN D 80 -29.22 -19.29 -35.92
N LEU D 81 -29.13 -19.15 -34.58
CA LEU D 81 -27.95 -18.54 -33.96
C LEU D 81 -26.70 -19.35 -34.25
N HIS D 82 -26.80 -20.68 -34.15
CA HIS D 82 -25.65 -21.52 -34.48
C HIS D 82 -25.17 -21.25 -35.90
N GLU D 83 -26.10 -21.17 -36.85
CA GLU D 83 -25.74 -20.87 -38.24
C GLU D 83 -25.12 -19.48 -38.36
N ALA D 84 -25.70 -18.49 -37.67
CA ALA D 84 -25.17 -17.13 -37.71
C ALA D 84 -23.75 -17.04 -37.17
N MET D 85 -23.32 -18.00 -36.34
CA MET D 85 -21.95 -18.03 -35.87
C MET D 85 -21.03 -18.83 -36.79
N GLY D 86 -21.47 -19.16 -38.00
CA GLY D 86 -20.68 -20.00 -38.87
C GLY D 86 -20.56 -21.44 -38.42
N GLY D 87 -21.49 -21.90 -37.59
CA GLY D 87 -21.51 -23.29 -37.16
C GLY D 87 -20.47 -23.66 -36.12
N GLN D 88 -19.73 -22.69 -35.61
CA GLN D 88 -18.76 -22.93 -34.54
C GLN D 88 -19.03 -21.94 -33.42
N GLY D 89 -18.35 -22.15 -32.29
CA GLY D 89 -18.63 -21.36 -31.11
C GLY D 89 -19.72 -21.97 -30.25
N ARG D 90 -19.72 -21.54 -28.98
CA ARG D 90 -20.62 -22.09 -27.97
C ARG D 90 -21.92 -21.31 -27.89
N LEU D 91 -23.01 -22.03 -27.64
CA LEU D 91 -24.29 -21.44 -27.36
C LEU D 91 -24.64 -21.72 -25.91
N PHE D 92 -25.32 -20.76 -25.27
CA PHE D 92 -25.83 -20.92 -23.92
C PHE D 92 -27.33 -20.64 -23.95
N ALA D 93 -28.11 -21.42 -23.19
CA ALA D 93 -29.54 -21.16 -23.03
C ALA D 93 -30.00 -21.55 -21.64
N THR D 94 -31.00 -20.83 -21.13
CA THR D 94 -31.44 -20.94 -19.75
C THR D 94 -32.64 -21.87 -19.60
N VAL D 95 -32.63 -22.70 -18.53
CA VAL D 95 -33.79 -23.51 -18.16
C VAL D 95 -34.90 -22.62 -17.63
N MET D 96 -36.14 -23.14 -17.68
CA MET D 96 -37.31 -22.40 -17.22
C MET D 96 -38.03 -23.03 -16.04
N ALA D 97 -37.81 -24.31 -15.78
CA ALA D 97 -38.48 -25.00 -14.69
C ALA D 97 -38.04 -24.46 -13.33
N THR D 98 -38.81 -24.85 -12.31
CA THR D 98 -38.59 -24.39 -10.95
C THR D 98 -38.07 -25.48 -10.01
N THR D 99 -38.20 -26.75 -10.38
CA THR D 99 -37.67 -27.84 -9.59
C THR D 99 -36.41 -28.39 -10.24
N ALA D 100 -35.52 -28.91 -9.40
CA ALA D 100 -34.28 -29.48 -9.92
C ALA D 100 -34.57 -30.49 -11.03
N GLU D 101 -35.55 -31.37 -10.82
CA GLU D 101 -35.87 -32.39 -11.81
C GLU D 101 -36.49 -31.78 -13.07
N GLY D 102 -37.33 -30.76 -12.89
CA GLY D 102 -37.79 -29.99 -14.03
C GLY D 102 -36.64 -29.36 -14.80
N MET D 103 -35.74 -28.68 -14.09
CA MET D 103 -34.59 -28.06 -14.76
C MET D 103 -33.76 -29.09 -15.51
N VAL D 104 -33.59 -30.27 -14.94
CA VAL D 104 -32.80 -31.31 -15.61
C VAL D 104 -33.48 -31.72 -16.93
N ASN D 105 -34.80 -31.89 -16.92
CA ASN D 105 -35.47 -32.25 -18.17
C ASN D 105 -35.43 -31.10 -19.17
N ASP D 106 -35.51 -29.85 -18.69
CA ASP D 106 -35.29 -28.70 -19.55
C ASP D 106 -33.93 -28.80 -20.23
N ALA D 107 -32.89 -29.11 -19.44
CA ALA D 107 -31.55 -29.25 -19.99
C ALA D 107 -31.52 -30.30 -21.08
N LEU D 108 -32.24 -31.41 -20.87
CA LEU D 108 -32.27 -32.46 -21.89
C LEU D 108 -32.90 -31.95 -23.19
N LYS D 109 -34.01 -31.23 -23.09
CA LYS D 109 -34.61 -30.61 -24.27
C LYS D 109 -33.60 -29.72 -24.98
N LEU D 110 -32.95 -28.83 -24.21
CA LEU D 110 -31.97 -27.91 -24.80
C LEU D 110 -30.91 -28.70 -25.55
N ARG D 111 -30.36 -29.74 -24.92
CA ARG D 111 -29.30 -30.49 -25.58
C ARG D 111 -29.81 -31.24 -26.80
N SER D 112 -31.12 -31.51 -26.86
CA SER D 112 -31.65 -32.14 -28.07
C SER D 112 -31.73 -31.14 -29.22
N ILE D 113 -31.96 -29.85 -28.92
CA ILE D 113 -31.91 -28.85 -29.98
C ILE D 113 -30.47 -28.60 -30.42
N ILE D 114 -29.56 -28.31 -29.49
CA ILE D 114 -28.15 -28.03 -29.80
C ILE D 114 -27.30 -29.01 -29.00
N ALA D 115 -26.61 -29.92 -29.69
CA ALA D 115 -26.00 -31.08 -29.03
C ALA D 115 -24.93 -30.69 -28.02
N ASP D 116 -24.22 -29.58 -28.26
CA ASP D 116 -23.14 -29.15 -27.37
C ASP D 116 -23.48 -27.85 -26.62
N ILE D 117 -24.76 -27.55 -26.42
CA ILE D 117 -25.12 -26.29 -25.79
C ILE D 117 -24.71 -26.30 -24.31
N VAL D 118 -24.49 -25.12 -23.76
CA VAL D 118 -24.25 -24.97 -22.33
C VAL D 118 -25.53 -24.52 -21.67
N VAL D 119 -25.91 -25.21 -20.62
CA VAL D 119 -27.21 -24.98 -19.97
C VAL D 119 -27.01 -24.01 -18.81
N LYS D 120 -27.71 -22.87 -18.88
CA LYS D 120 -27.70 -21.86 -17.84
C LYS D 120 -28.77 -22.22 -16.80
N VAL D 121 -28.35 -22.31 -15.54
CA VAL D 121 -29.22 -22.65 -14.43
C VAL D 121 -29.13 -21.52 -13.40
N PRO D 122 -30.24 -20.86 -13.04
CA PRO D 122 -30.15 -19.80 -12.04
C PRO D 122 -29.78 -20.39 -10.69
N VAL D 123 -28.88 -19.71 -9.99
CA VAL D 123 -28.26 -20.31 -8.78
C VAL D 123 -29.19 -20.02 -7.61
N THR D 124 -30.26 -20.81 -7.53
CA THR D 124 -31.06 -21.01 -6.33
C THR D 124 -30.79 -22.41 -5.78
N ALA D 125 -31.49 -22.75 -4.69
CA ALA D 125 -31.36 -24.07 -4.09
C ALA D 125 -31.70 -25.18 -5.09
N GLU D 126 -32.88 -25.08 -5.71
CA GLU D 126 -33.25 -26.03 -6.77
C GLU D 126 -32.23 -26.01 -7.89
N GLY D 127 -31.81 -24.83 -8.33
CA GLY D 127 -30.80 -24.75 -9.37
C GLY D 127 -29.48 -25.40 -8.96
N LEU D 128 -29.08 -25.22 -7.71
CA LEU D 128 -27.90 -25.94 -7.20
C LEU D 128 -28.08 -27.45 -7.34
N ALA D 129 -29.20 -27.98 -6.87
CA ALA D 129 -29.44 -29.42 -7.02
C ALA D 129 -29.41 -29.81 -8.48
N ALA D 130 -29.98 -28.98 -9.35
CA ALA D 130 -29.97 -29.25 -10.78
C ALA D 130 -28.55 -29.29 -11.33
N ILE D 131 -27.69 -28.36 -10.88
CA ILE D 131 -26.30 -28.34 -11.35
C ILE D 131 -25.60 -29.63 -10.95
N LYS D 132 -25.81 -30.08 -9.70
CA LYS D 132 -25.21 -31.33 -9.26
C LYS D 132 -25.68 -32.50 -10.14
N MET D 133 -27.00 -32.59 -10.35
CA MET D 133 -27.53 -33.67 -11.18
C MET D 133 -26.98 -33.59 -12.61
N LEU D 134 -26.91 -32.39 -13.18
CA LEU D 134 -26.44 -32.26 -14.56
C LEU D 134 -24.96 -32.56 -14.67
N LYS D 135 -24.17 -32.32 -13.61
CA LYS D 135 -22.78 -32.76 -13.66
C LYS D 135 -22.71 -34.28 -13.60
N ALA D 136 -23.60 -34.90 -12.81
CA ALA D 136 -23.73 -36.36 -12.87
C ALA D 136 -24.07 -36.84 -14.28
N GLU D 137 -24.92 -36.10 -15.00
CA GLU D 137 -25.30 -36.43 -16.37
C GLU D 137 -24.26 -36.04 -17.42
N GLY D 138 -23.21 -35.29 -17.06
CA GLY D 138 -22.20 -34.89 -18.02
C GLY D 138 -22.61 -33.75 -18.94
N ILE D 139 -23.60 -32.97 -18.56
CA ILE D 139 -24.06 -31.83 -19.35
C ILE D 139 -23.43 -30.56 -18.78
N PRO D 140 -22.65 -29.82 -19.56
CA PRO D 140 -22.02 -28.59 -19.05
C PRO D 140 -23.06 -27.56 -18.67
N THR D 141 -22.82 -26.90 -17.53
CA THR D 141 -23.73 -25.90 -17.01
C THR D 141 -23.00 -24.61 -16.69
N LEU D 142 -23.80 -23.55 -16.64
CA LEU D 142 -23.38 -22.24 -16.19
C LEU D 142 -24.30 -21.85 -15.07
N GLY D 143 -23.74 -21.32 -13.99
CA GLY D 143 -24.59 -20.82 -12.92
C GLY D 143 -24.92 -19.36 -13.14
N THR D 144 -26.19 -19.01 -13.37
CA THR D 144 -26.53 -17.65 -13.73
C THR D 144 -27.30 -16.95 -12.61
N ALA D 145 -27.63 -15.67 -12.85
CA ALA D 145 -28.29 -14.84 -11.86
C ALA D 145 -27.54 -14.86 -10.53
N VAL D 146 -26.23 -14.71 -10.63
CA VAL D 146 -25.37 -14.67 -9.44
C VAL D 146 -25.29 -13.22 -8.99
N TYR D 147 -25.66 -12.97 -7.73
CA TYR D 147 -25.61 -11.65 -7.16
C TYR D 147 -24.57 -11.51 -6.06
N GLY D 148 -23.88 -12.59 -5.70
CA GLY D 148 -22.87 -12.54 -4.65
C GLY D 148 -21.83 -13.61 -4.84
N ALA D 149 -20.63 -13.36 -4.29
CA ALA D 149 -19.51 -14.23 -4.62
C ALA D 149 -19.68 -15.62 -4.02
N ALA D 150 -20.17 -15.69 -2.77
CA ALA D 150 -20.38 -17.00 -2.14
C ALA D 150 -21.36 -17.84 -2.95
N GLN D 151 -22.50 -17.26 -3.32
CA GLN D 151 -23.48 -17.97 -4.16
C GLN D 151 -22.82 -18.53 -5.43
N GLY D 152 -22.02 -17.69 -6.09
CA GLY D 152 -21.39 -18.12 -7.34
C GLY D 152 -20.42 -19.27 -7.14
N LEU D 153 -19.58 -19.16 -6.11
CA LEU D 153 -18.69 -20.26 -5.75
C LEU D 153 -19.46 -21.54 -5.46
N LEU D 154 -20.59 -21.46 -4.77
CA LEU D 154 -21.39 -22.67 -4.54
C LEU D 154 -21.75 -23.32 -5.88
N SER D 155 -22.21 -22.49 -6.84
CA SER D 155 -22.58 -23.01 -8.15
C SER D 155 -21.41 -23.71 -8.86
N ALA D 156 -20.21 -23.15 -8.73
CA ALA D 156 -19.04 -23.84 -9.31
C ALA D 156 -18.72 -25.15 -8.57
N LEU D 157 -18.80 -25.14 -7.23
CA LEU D 157 -18.51 -26.37 -6.48
C LEU D 157 -19.49 -27.47 -6.83
N ALA D 158 -20.74 -27.11 -7.13
CA ALA D 158 -21.74 -28.06 -7.58
C ALA D 158 -21.45 -28.61 -8.97
N GLY D 159 -20.58 -27.96 -9.73
CA GLY D 159 -20.18 -28.50 -11.01
C GLY D 159 -20.27 -27.54 -12.17
N ALA D 160 -20.81 -26.35 -11.98
CA ALA D 160 -20.88 -25.40 -13.10
C ALA D 160 -19.48 -25.08 -13.63
N GLU D 161 -19.33 -25.16 -14.95
CA GLU D 161 -18.09 -24.76 -15.63
C GLU D 161 -17.96 -23.24 -15.76
N TYR D 162 -19.06 -22.50 -15.63
CA TYR D 162 -19.13 -21.06 -15.78
C TYR D 162 -20.02 -20.48 -14.70
N VAL D 163 -19.67 -19.30 -14.18
CA VAL D 163 -20.51 -18.60 -13.21
C VAL D 163 -20.69 -17.18 -13.73
N ALA D 164 -21.95 -16.74 -13.84
CA ALA D 164 -22.29 -15.46 -14.44
C ALA D 164 -22.86 -14.52 -13.38
N PRO D 165 -22.02 -13.71 -12.74
CA PRO D 165 -22.55 -12.59 -11.95
C PRO D 165 -23.16 -11.53 -12.86
N TYR D 166 -24.18 -10.87 -12.35
CA TYR D 166 -24.87 -9.78 -13.06
C TYR D 166 -24.30 -8.46 -12.56
N VAL D 167 -23.21 -8.01 -13.19
CA VAL D 167 -22.43 -6.87 -12.72
C VAL D 167 -23.29 -5.64 -12.49
N ASN D 168 -23.98 -5.17 -13.55
CA ASN D 168 -24.73 -3.93 -13.42
C ASN D 168 -25.90 -4.08 -12.45
N ARG D 169 -26.56 -5.24 -12.45
CA ARG D 169 -27.67 -5.44 -11.53
C ARG D 169 -27.20 -5.46 -10.08
N ILE D 170 -26.02 -6.01 -9.81
CA ILE D 170 -25.45 -5.91 -8.47
C ILE D 170 -25.24 -4.44 -8.09
N ASP D 171 -24.62 -3.66 -9.00
CA ASP D 171 -24.53 -2.21 -8.75
C ASP D 171 -25.90 -1.66 -8.36
N ALA D 172 -26.92 -1.97 -9.16
CA ALA D 172 -28.23 -1.32 -9.02
C ALA D 172 -28.83 -1.51 -7.63
N GLN D 173 -28.68 -2.70 -7.04
CA GLN D 173 -29.21 -2.95 -5.72
C GLN D 173 -28.25 -2.52 -4.60
N GLY D 174 -27.31 -1.62 -4.88
CA GLY D 174 -26.51 -1.01 -3.84
C GLY D 174 -25.15 -1.62 -3.58
N GLY D 175 -24.78 -2.70 -4.26
CA GLY D 175 -23.45 -3.28 -4.10
C GLY D 175 -22.44 -2.76 -5.11
N SER D 176 -21.42 -3.57 -5.34
CA SER D 176 -20.43 -3.31 -6.39
C SER D 176 -20.28 -4.59 -7.21
N GLY D 177 -20.77 -4.58 -8.45
CA GLY D 177 -20.57 -5.72 -9.32
C GLY D 177 -19.09 -5.98 -9.60
N ILE D 178 -18.28 -4.92 -9.70
CA ILE D 178 -16.85 -5.12 -9.92
C ILE D 178 -16.24 -5.85 -8.74
N GLN D 179 -16.56 -5.42 -7.51
CA GLN D 179 -16.04 -6.12 -6.33
C GLN D 179 -16.50 -7.58 -6.33
N THR D 180 -17.77 -7.82 -6.66
CA THR D 180 -18.26 -9.21 -6.66
C THR D 180 -17.50 -10.06 -7.65
N VAL D 181 -17.25 -9.52 -8.86
CA VAL D 181 -16.50 -10.24 -9.87
C VAL D 181 -15.10 -10.54 -9.37
N THR D 182 -14.46 -9.53 -8.78
CA THR D 182 -13.09 -9.71 -8.28
C THR D 182 -13.02 -10.83 -7.24
N ASP D 183 -13.89 -10.77 -6.22
CA ASP D 183 -13.92 -11.80 -5.19
C ASP D 183 -14.25 -13.17 -5.77
N LEU D 184 -15.29 -13.23 -6.62
CA LEU D 184 -15.65 -14.51 -7.21
C LEU D 184 -14.50 -15.09 -8.03
N HIS D 185 -13.78 -14.25 -8.78
CA HIS D 185 -12.68 -14.80 -9.56
C HIS D 185 -11.61 -15.40 -8.66
N GLN D 186 -11.26 -14.69 -7.58
CA GLN D 186 -10.28 -15.24 -6.65
C GLN D 186 -10.80 -16.54 -6.02
N LEU D 187 -12.08 -16.57 -5.65
CA LEU D 187 -12.65 -17.77 -5.06
C LEU D 187 -12.57 -18.95 -6.02
N LEU D 188 -12.91 -18.73 -7.29
CA LEU D 188 -12.86 -19.81 -8.27
C LEU D 188 -11.43 -20.26 -8.50
N LYS D 189 -10.49 -19.34 -8.57
CA LYS D 189 -9.12 -19.74 -8.87
C LYS D 189 -8.50 -20.52 -7.70
N MET D 190 -8.84 -20.15 -6.45
CA MET D 190 -8.28 -20.87 -5.29
C MET D 190 -9.05 -22.15 -4.98
N HIS D 191 -10.38 -22.12 -5.12
CA HIS D 191 -11.27 -23.09 -4.52
C HIS D 191 -12.14 -23.86 -5.52
N ALA D 192 -12.13 -23.50 -6.80
CA ALA D 192 -12.89 -24.26 -7.78
C ALA D 192 -12.28 -24.02 -9.16
N PRO D 193 -11.07 -24.55 -9.40
CA PRO D 193 -10.29 -24.09 -10.58
C PRO D 193 -10.82 -24.58 -11.92
N GLN D 194 -11.76 -25.50 -11.95
CA GLN D 194 -12.31 -25.94 -13.22
C GLN D 194 -13.36 -24.95 -13.76
N ALA D 195 -13.73 -23.94 -12.97
CA ALA D 195 -14.78 -22.99 -13.29
C ALA D 195 -14.20 -21.63 -13.66
N LYS D 196 -14.87 -20.94 -14.59
CA LYS D 196 -14.50 -19.58 -15.00
C LYS D 196 -15.63 -18.62 -14.67
N VAL D 197 -15.26 -17.38 -14.34
CA VAL D 197 -16.26 -16.31 -14.31
C VAL D 197 -16.63 -15.98 -15.74
N LEU D 198 -17.93 -15.89 -16.01
CA LEU D 198 -18.40 -15.36 -17.29
C LEU D 198 -19.29 -14.18 -16.92
N ALA D 199 -18.71 -12.98 -16.86
CA ALA D 199 -19.45 -11.85 -16.35
C ALA D 199 -20.48 -11.38 -17.37
N ALA D 200 -21.63 -10.90 -16.87
CA ALA D 200 -22.76 -10.44 -17.68
C ALA D 200 -23.38 -9.22 -17.03
N SER D 201 -24.39 -8.65 -17.72
CA SER D 201 -25.13 -7.48 -17.28
C SER D 201 -24.23 -6.24 -17.30
N PHE D 202 -24.20 -5.52 -18.44
CA PHE D 202 -23.28 -4.39 -18.65
C PHE D 202 -24.01 -3.18 -19.23
N LYS D 203 -23.75 -2.00 -18.65
CA LYS D 203 -24.16 -0.75 -19.27
C LYS D 203 -23.04 -0.04 -20.02
N THR D 204 -21.78 -0.29 -19.72
CA THR D 204 -20.68 0.41 -20.37
C THR D 204 -19.57 -0.55 -20.72
N PRO D 205 -18.76 -0.21 -21.73
CA PRO D 205 -17.53 -0.97 -21.96
C PRO D 205 -16.56 -0.90 -20.79
N ARG D 206 -16.56 0.20 -20.04
CA ARG D 206 -15.65 0.31 -18.91
C ARG D 206 -15.93 -0.76 -17.86
N GLN D 207 -17.20 -1.08 -17.64
CA GLN D 207 -17.51 -2.13 -16.65
C GLN D 207 -16.88 -3.44 -17.06
N ALA D 208 -16.95 -3.74 -18.35
CA ALA D 208 -16.38 -4.99 -18.84
C ALA D 208 -14.86 -4.96 -18.76
N LEU D 209 -14.25 -3.83 -19.14
CA LEU D 209 -12.81 -3.72 -19.00
C LEU D 209 -12.39 -3.94 -17.56
N ASP D 210 -13.13 -3.34 -16.60
CA ASP D 210 -12.77 -3.50 -15.20
C ASP D 210 -12.92 -4.96 -14.76
N CYS D 211 -13.91 -5.68 -15.29
CA CYS D 211 -14.00 -7.10 -14.98
C CYS D 211 -12.79 -7.86 -15.51
N LEU D 212 -12.36 -7.55 -16.73
CA LEU D 212 -11.23 -8.25 -17.31
C LEU D 212 -9.94 -7.91 -16.56
N LEU D 213 -9.82 -6.68 -16.08
CA LEU D 213 -8.62 -6.28 -15.35
C LEU D 213 -8.55 -6.97 -13.98
N ALA D 214 -9.71 -7.32 -13.42
CA ALA D 214 -9.79 -8.10 -12.19
C ALA D 214 -9.55 -9.58 -12.43
N GLY D 215 -9.31 -10.00 -13.68
CA GLY D 215 -8.92 -11.36 -13.99
C GLY D 215 -10.02 -12.21 -14.57
N CYS D 216 -11.24 -11.73 -14.57
CA CYS D 216 -12.39 -12.48 -15.05
C CYS D 216 -12.12 -12.99 -16.47
N GLU D 217 -12.32 -14.31 -16.69
CA GLU D 217 -11.77 -14.93 -17.89
CA GLU D 217 -11.76 -14.95 -17.89
C GLU D 217 -12.74 -15.00 -19.06
N SER D 218 -14.00 -14.68 -18.86
CA SER D 218 -14.90 -14.65 -20.00
C SER D 218 -15.96 -13.60 -19.70
N ILE D 219 -16.70 -13.23 -20.74
CA ILE D 219 -17.52 -12.03 -20.67
C ILE D 219 -18.51 -12.09 -21.82
N THR D 220 -19.72 -11.58 -21.57
CA THR D 220 -20.74 -11.54 -22.60
C THR D 220 -21.33 -10.14 -22.62
N LEU D 221 -21.30 -9.51 -23.80
CA LEU D 221 -21.67 -8.10 -23.94
C LEU D 221 -23.00 -7.95 -24.63
N PRO D 222 -23.89 -7.09 -24.12
CA PRO D 222 -25.13 -6.78 -24.85
C PRO D 222 -24.80 -6.02 -26.13
N LEU D 223 -25.83 -5.80 -26.95
CA LEU D 223 -25.59 -5.27 -28.28
C LEU D 223 -25.04 -3.86 -28.24
N ASP D 224 -25.65 -2.97 -27.46
CA ASP D 224 -25.23 -1.57 -27.47
C ASP D 224 -23.81 -1.38 -26.89
N VAL D 225 -23.40 -2.20 -25.93
CA VAL D 225 -22.02 -2.09 -25.44
C VAL D 225 -21.03 -2.60 -26.48
N ALA D 226 -21.36 -3.73 -27.11
CA ALA D 226 -20.53 -4.23 -28.21
C ALA D 226 -20.43 -3.22 -29.34
N GLN D 227 -21.49 -2.43 -29.55
CA GLN D 227 -21.50 -1.44 -30.62
C GLN D 227 -20.75 -0.17 -30.25
N GLN D 228 -20.69 0.19 -28.96
CA GLN D 228 -19.75 1.23 -28.56
C GLN D 228 -18.32 0.78 -28.70
N MET D 229 -18.06 -0.52 -28.65
CA MET D 229 -16.68 -0.97 -28.79
C MET D 229 -16.20 -1.06 -30.26
N GLN D 230 -16.87 -0.40 -31.22
CA GLN D 230 -16.42 -0.44 -32.61
C GLN D 230 -16.42 0.96 -33.24
N SER D 231 -16.24 2.00 -32.43
CA SER D 231 -16.16 3.37 -32.93
C SER D 231 -15.03 4.08 -32.21
N TYR D 232 -14.03 4.55 -32.95
CA TYR D 232 -12.84 5.17 -32.37
C TYR D 232 -12.45 6.43 -33.14
N PRO D 233 -12.97 7.59 -32.72
CA PRO D 233 -12.71 8.82 -33.51
C PRO D 233 -11.24 9.19 -33.66
N ALA D 234 -10.46 9.08 -32.58
CA ALA D 234 -9.04 9.43 -32.66
C ALA D 234 -8.29 8.52 -33.62
N VAL D 235 -8.73 7.25 -33.72
CA VAL D 235 -8.12 6.32 -34.66
C VAL D 235 -8.43 6.75 -36.09
N ASP D 236 -9.70 7.09 -36.35
CA ASP D 236 -10.08 7.59 -37.66
C ASP D 236 -9.28 8.83 -38.03
N ALA D 237 -9.03 9.71 -37.05
CA ALA D 237 -8.26 10.91 -37.32
C ALA D 237 -6.81 10.56 -37.67
N ALA D 238 -6.20 9.65 -36.91
CA ALA D 238 -4.81 9.28 -37.19
C ALA D 238 -4.70 8.63 -38.56
N VAL D 239 -5.65 7.78 -38.90
CA VAL D 239 -5.64 7.13 -40.21
C VAL D 239 -5.81 8.15 -41.31
N ALA D 240 -6.74 9.11 -41.14
CA ALA D 240 -6.93 10.13 -42.15
C ALA D 240 -5.68 10.96 -42.34
N LYS D 241 -4.93 11.20 -41.25
CA LYS D 241 -3.66 11.90 -41.35
C LYS D 241 -2.62 11.07 -42.11
N PHE D 242 -2.51 9.76 -41.82
CA PHE D 242 -1.73 8.85 -42.65
C PHE D 242 -2.07 9.02 -44.13
N GLU D 243 -3.37 8.94 -44.44
CA GLU D 243 -3.84 9.02 -45.81
C GLU D 243 -3.39 10.32 -46.45
N GLN D 244 -3.55 11.42 -45.72
CA GLN D 244 -3.23 12.73 -46.27
C GLN D 244 -1.74 12.86 -46.55
N ASP D 245 -0.89 12.36 -45.64
CA ASP D 245 0.55 12.44 -45.87
C ASP D 245 0.98 11.57 -47.06
N TRP D 246 0.44 10.36 -47.12
CA TRP D 246 0.65 9.48 -48.26
C TRP D 246 0.25 10.15 -49.57
N GLN D 247 -0.87 10.89 -49.55
CA GLN D 247 -1.34 11.57 -50.76
C GLN D 247 -0.41 12.73 -51.13
N GLY D 248 -0.01 13.54 -50.14
CA GLY D 248 0.89 14.65 -50.39
C GLY D 248 2.25 14.23 -50.90
N ALA D 249 2.64 12.97 -50.66
CA ALA D 249 3.93 12.48 -51.16
C ALA D 249 3.83 11.64 -52.43
N PHE D 250 2.77 10.85 -52.61
CA PHE D 250 2.70 9.93 -53.75
C PHE D 250 1.52 10.20 -54.68
N GLY D 251 0.72 11.25 -54.40
CA GLY D 251 -0.42 11.57 -55.25
C GLY D 251 -1.49 10.50 -55.31
N ARG D 252 -1.55 9.61 -54.32
CA ARG D 252 -2.53 8.55 -54.27
C ARG D 252 -2.74 8.17 -52.81
N THR D 253 -3.81 7.42 -52.54
CA THR D 253 -4.17 7.05 -51.18
C THR D 253 -4.00 5.56 -50.92
N SER D 254 -3.40 4.81 -51.86
CA SER D 254 -3.38 3.36 -51.78
C SER D 254 -1.96 2.86 -52.02
N ILE D 255 -1.78 1.55 -51.83
CA ILE D 255 -0.50 0.89 -52.00
C ILE D 255 -0.38 0.29 -53.40
N SER E 35 -8.92 -28.05 -5.37
CA SER E 35 -10.33 -27.72 -5.19
C SER E 35 -10.80 -27.89 -3.73
N MET E 36 -11.87 -27.20 -3.37
CA MET E 36 -12.19 -26.93 -1.98
C MET E 36 -13.14 -27.98 -1.39
N GLU E 37 -13.05 -28.17 -0.08
CA GLU E 37 -13.92 -29.10 0.66
C GLU E 37 -14.86 -28.28 1.54
N LEU E 38 -16.15 -28.40 1.27
CA LEU E 38 -17.19 -27.71 2.04
C LEU E 38 -17.91 -28.73 2.91
N TYR E 39 -17.99 -28.47 4.21
CA TYR E 39 -18.56 -29.43 5.14
C TYR E 39 -19.77 -28.82 5.85
N LEU E 40 -20.62 -29.70 6.36
CA LEU E 40 -21.73 -29.32 7.22
C LEU E 40 -21.38 -29.60 8.67
N ASP E 41 -21.65 -28.64 9.54
CA ASP E 41 -21.25 -28.73 10.95
C ASP E 41 -22.48 -29.09 11.78
N THR E 42 -22.83 -30.38 11.76
CA THR E 42 -24.08 -30.81 12.41
C THR E 42 -24.06 -32.32 12.68
N SER E 43 -24.97 -32.75 13.55
CA SER E 43 -25.25 -34.17 13.73
C SER E 43 -26.71 -34.49 13.50
N ASP E 44 -27.46 -33.56 12.91
CA ASP E 44 -28.86 -33.74 12.53
C ASP E 44 -28.93 -34.58 11.25
N VAL E 45 -29.34 -35.84 11.38
CA VAL E 45 -29.38 -36.76 10.23
C VAL E 45 -30.39 -36.30 9.19
N VAL E 46 -31.57 -35.86 9.63
CA VAL E 46 -32.59 -35.44 8.67
C VAL E 46 -32.09 -34.25 7.86
N ALA E 47 -31.50 -33.27 8.54
CA ALA E 47 -30.98 -32.10 7.86
C ALA E 47 -29.86 -32.48 6.89
N VAL E 48 -28.97 -33.40 7.30
CA VAL E 48 -27.88 -33.79 6.40
C VAL E 48 -28.43 -34.40 5.13
N LYS E 49 -29.43 -35.29 5.25
CA LYS E 49 -30.00 -35.91 4.04
C LYS E 49 -30.65 -34.85 3.16
N ALA E 50 -31.39 -33.92 3.76
CA ALA E 50 -32.01 -32.86 2.95
C ALA E 50 -30.95 -32.02 2.24
N LEU E 51 -30.10 -31.36 3.00
CA LEU E 51 -29.15 -30.41 2.45
C LEU E 51 -28.15 -31.09 1.52
N SER E 52 -27.92 -32.41 1.64
CA SER E 52 -27.00 -33.04 0.70
C SER E 52 -27.55 -33.04 -0.72
N ARG E 53 -28.85 -32.85 -0.90
CA ARG E 53 -29.39 -32.80 -2.26
C ARG E 53 -29.08 -31.45 -2.91
N ILE E 54 -29.11 -30.38 -2.12
CA ILE E 54 -28.80 -29.05 -2.62
C ILE E 54 -27.30 -28.77 -2.60
N PHE E 55 -26.65 -29.08 -1.50
CA PHE E 55 -25.31 -28.52 -1.35
C PHE E 55 -24.25 -29.46 -1.89
N PRO E 56 -23.22 -28.93 -2.49
CA PRO E 56 -22.08 -29.77 -2.91
C PRO E 56 -21.18 -30.05 -1.71
N LEU E 57 -21.57 -31.02 -0.88
CA LEU E 57 -20.88 -31.29 0.38
C LEU E 57 -19.80 -32.32 0.19
N ALA E 58 -18.66 -32.09 0.83
CA ALA E 58 -17.62 -33.11 0.94
C ALA E 58 -17.79 -33.98 2.18
N GLY E 59 -18.66 -33.63 3.10
CA GLY E 59 -18.80 -34.42 4.31
C GLY E 59 -19.46 -33.63 5.42
N VAL E 60 -19.38 -34.21 6.62
CA VAL E 60 -20.00 -33.67 7.82
C VAL E 60 -18.96 -33.69 8.93
N THR E 61 -18.87 -32.58 9.68
CA THR E 61 -18.08 -32.55 10.91
C THR E 61 -19.04 -32.58 12.09
N THR E 62 -18.86 -33.54 13.00
CA THR E 62 -19.60 -33.57 14.25
C THR E 62 -18.70 -33.08 15.37
N ASN E 63 -19.32 -32.72 16.49
CA ASN E 63 -18.53 -32.45 17.68
C ASN E 63 -19.35 -32.94 18.89
N PRO E 64 -18.79 -32.96 20.11
CA PRO E 64 -19.55 -33.53 21.24
C PRO E 64 -20.87 -32.82 21.50
N SER E 65 -20.94 -31.50 21.32
CA SER E 65 -22.17 -30.76 21.60
C SER E 65 -23.29 -31.17 20.66
N THR E 66 -23.01 -31.25 19.35
CA THR E 66 -24.08 -31.61 18.42
C THR E 66 -24.42 -33.10 18.46
N ILE E 67 -23.43 -33.97 18.69
CA ILE E 67 -23.72 -35.38 18.95
C ILE E 67 -24.69 -35.49 20.14
N ALA E 68 -24.38 -34.79 21.23
CA ALA E 68 -25.22 -34.85 22.41
C ALA E 68 -26.62 -34.30 22.12
N ALA E 69 -26.71 -33.21 21.37
CA ALA E 69 -28.01 -32.65 21.04
C ALA E 69 -28.86 -33.62 20.23
N GLY E 70 -28.22 -34.45 19.39
CA GLY E 70 -28.95 -35.48 18.67
C GLY E 70 -29.38 -36.66 19.52
N LYS E 71 -28.78 -36.82 20.70
CA LYS E 71 -29.21 -37.74 21.75
C LYS E 71 -29.07 -39.20 21.35
N LYS E 72 -28.22 -39.49 20.35
CA LYS E 72 -27.88 -40.83 19.96
C LYS E 72 -26.36 -41.02 20.05
N PRO E 73 -25.90 -42.18 20.51
CA PRO E 73 -24.46 -42.40 20.65
C PRO E 73 -23.76 -42.49 19.29
N LEU E 74 -22.43 -42.52 19.37
CA LEU E 74 -21.61 -42.46 18.16
C LEU E 74 -21.85 -43.67 17.28
N ASP E 75 -21.80 -44.87 17.87
CA ASP E 75 -22.02 -46.12 17.16
C ASP E 75 -23.33 -46.14 16.40
N VAL E 76 -24.30 -45.33 16.79
CA VAL E 76 -25.57 -45.21 16.07
C VAL E 76 -25.56 -44.07 15.05
N VAL E 77 -25.18 -42.87 15.49
CA VAL E 77 -25.41 -41.70 14.64
C VAL E 77 -24.35 -41.60 13.53
N LEU E 78 -23.09 -41.99 13.79
CA LEU E 78 -22.10 -41.88 12.72
C LEU E 78 -22.48 -42.70 11.48
N PRO E 79 -22.88 -43.97 11.57
CA PRO E 79 -23.32 -44.65 10.35
C PRO E 79 -24.57 -44.03 9.75
N GLN E 80 -25.46 -43.50 10.59
CA GLN E 80 -26.63 -42.79 10.09
C GLN E 80 -26.22 -41.58 9.26
N LEU E 81 -25.25 -40.80 9.75
CA LEU E 81 -24.77 -39.66 8.97
C LEU E 81 -24.12 -40.12 7.67
N HIS E 82 -23.32 -41.19 7.75
CA HIS E 82 -22.65 -41.71 6.57
C HIS E 82 -23.66 -42.05 5.47
N GLU E 83 -24.71 -42.80 5.83
CA GLU E 83 -25.70 -43.15 4.83
C GLU E 83 -26.58 -41.97 4.44
N ALA E 84 -26.72 -40.96 5.30
CA ALA E 84 -27.46 -39.75 4.92
C ALA E 84 -26.72 -38.96 3.84
N MET E 85 -25.39 -39.08 3.76
CA MET E 85 -24.66 -38.54 2.62
C MET E 85 -24.54 -39.51 1.47
N GLY E 86 -25.26 -40.63 1.51
CA GLY E 86 -25.24 -41.58 0.41
C GLY E 86 -23.94 -42.35 0.26
N GLY E 87 -23.23 -42.61 1.36
CA GLY E 87 -21.99 -43.35 1.31
C GLY E 87 -20.79 -42.57 0.84
N GLN E 88 -20.98 -41.37 0.31
CA GLN E 88 -19.89 -40.48 -0.04
C GLN E 88 -19.55 -39.56 1.13
N GLY E 89 -18.45 -38.85 1.00
CA GLY E 89 -18.23 -37.85 2.04
C GLY E 89 -17.43 -38.38 3.20
N ARG E 90 -16.60 -37.50 3.76
CA ARG E 90 -15.80 -37.84 4.93
C ARG E 90 -16.56 -37.42 6.19
N LEU E 91 -16.31 -38.15 7.26
CA LEU E 91 -16.86 -37.82 8.56
C LEU E 91 -15.72 -37.39 9.49
N PHE E 92 -16.04 -36.48 10.40
CA PHE E 92 -15.11 -36.03 11.44
C PHE E 92 -15.81 -36.21 12.77
N ALA E 93 -15.07 -36.69 13.79
CA ALA E 93 -15.64 -36.79 15.13
C ALA E 93 -14.55 -36.56 16.16
N THR E 94 -14.94 -36.01 17.33
CA THR E 94 -14.01 -35.55 18.35
C THR E 94 -13.76 -36.59 19.46
N VAL E 95 -12.50 -36.70 19.90
CA VAL E 95 -12.18 -37.52 21.07
C VAL E 95 -12.73 -36.84 22.33
N MET E 96 -12.99 -37.65 23.36
CA MET E 96 -13.47 -37.12 24.64
C MET E 96 -12.44 -37.18 25.76
N ALA E 97 -11.55 -38.16 25.74
CA ALA E 97 -10.52 -38.30 26.79
C ALA E 97 -9.63 -37.06 26.88
N THR E 98 -9.04 -36.86 28.07
CA THR E 98 -8.18 -35.72 28.33
C THR E 98 -6.70 -36.05 28.38
N THR E 99 -6.32 -37.33 28.35
CA THR E 99 -4.91 -37.68 28.27
C THR E 99 -4.60 -38.16 26.86
N ALA E 100 -3.34 -37.98 26.45
CA ALA E 100 -2.92 -38.37 25.11
C ALA E 100 -3.25 -39.84 24.82
N GLU E 101 -2.88 -40.73 25.75
CA GLU E 101 -3.18 -42.14 25.59
C GLU E 101 -4.68 -42.37 25.46
N GLY E 102 -5.49 -41.66 26.27
CA GLY E 102 -6.92 -41.76 26.15
C GLY E 102 -7.45 -41.25 24.82
N MET E 103 -6.91 -40.12 24.35
CA MET E 103 -7.31 -39.59 23.05
C MET E 103 -7.02 -40.60 21.95
N VAL E 104 -5.85 -41.23 21.98
CA VAL E 104 -5.54 -42.28 21.01
C VAL E 104 -6.54 -43.43 21.12
N ASN E 105 -6.89 -43.82 22.34
CA ASN E 105 -7.85 -44.91 22.52
C ASN E 105 -9.21 -44.54 21.93
N ASP E 106 -9.64 -43.31 22.16
CA ASP E 106 -10.87 -42.81 21.54
C ASP E 106 -10.77 -42.83 20.01
N ALA E 107 -9.59 -42.48 19.48
CA ALA E 107 -9.43 -42.52 18.03
C ALA E 107 -9.63 -43.93 17.50
N LEU E 108 -9.14 -44.92 18.24
CA LEU E 108 -9.35 -46.31 17.85
C LEU E 108 -10.84 -46.68 17.88
N LYS E 109 -11.56 -46.28 18.93
CA LYS E 109 -13.01 -46.59 18.92
C LYS E 109 -13.71 -45.90 17.75
N LEU E 110 -13.36 -44.63 17.51
CA LEU E 110 -14.00 -43.88 16.43
C LEU E 110 -13.78 -44.58 15.11
N ARG E 111 -12.55 -45.01 14.85
CA ARG E 111 -12.23 -45.65 13.58
C ARG E 111 -12.83 -47.04 13.46
N SER E 112 -13.16 -47.71 14.57
CA SER E 112 -13.88 -48.97 14.44
C SER E 112 -15.34 -48.71 14.07
N ILE E 113 -15.91 -47.58 14.47
CA ILE E 113 -17.26 -47.26 14.01
C ILE E 113 -17.25 -46.87 12.52
N ILE E 114 -16.40 -45.91 12.14
CA ILE E 114 -16.27 -45.44 10.76
C ILE E 114 -14.81 -45.60 10.36
N ALA E 115 -14.53 -46.52 9.42
CA ALA E 115 -13.16 -46.95 9.17
C ALA E 115 -12.26 -45.83 8.64
N ASP E 116 -12.81 -44.88 7.89
CA ASP E 116 -12.04 -43.78 7.32
C ASP E 116 -12.36 -42.44 7.96
N ILE E 117 -12.89 -42.45 9.19
CA ILE E 117 -13.23 -41.20 9.86
C ILE E 117 -11.96 -40.40 10.13
N VAL E 118 -12.11 -39.07 10.17
CA VAL E 118 -11.04 -38.17 10.62
C VAL E 118 -11.28 -37.86 12.09
N VAL E 119 -10.24 -37.99 12.89
CA VAL E 119 -10.33 -37.85 14.34
C VAL E 119 -9.96 -36.43 14.72
N LYS E 120 -10.92 -35.72 15.32
CA LYS E 120 -10.68 -34.37 15.83
C LYS E 120 -10.09 -34.42 17.24
N VAL E 121 -8.96 -33.75 17.43
CA VAL E 121 -8.22 -33.69 18.68
C VAL E 121 -8.13 -32.23 19.12
N PRO E 122 -8.65 -31.86 20.28
CA PRO E 122 -8.44 -30.49 20.77
C PRO E 122 -6.96 -30.24 21.03
N VAL E 123 -6.49 -29.07 20.59
CA VAL E 123 -5.04 -28.79 20.58
C VAL E 123 -4.68 -28.25 21.95
N THR E 124 -4.58 -29.16 22.91
CA THR E 124 -3.93 -28.96 24.19
C THR E 124 -2.56 -29.60 24.10
N ALA E 125 -1.80 -29.50 25.20
CA ALA E 125 -0.51 -30.20 25.26
C ALA E 125 -0.69 -31.69 25.09
N GLU E 126 -1.66 -32.27 25.83
CA GLU E 126 -1.96 -33.70 25.67
C GLU E 126 -2.46 -33.98 24.25
N GLY E 127 -3.26 -33.07 23.71
CA GLY E 127 -3.72 -33.24 22.34
C GLY E 127 -2.58 -33.23 21.33
N LEU E 128 -1.60 -32.33 21.52
CA LEU E 128 -0.42 -32.35 20.66
C LEU E 128 0.26 -33.71 20.72
N ALA E 129 0.46 -34.23 21.94
CA ALA E 129 1.02 -35.56 22.10
C ALA E 129 0.19 -36.62 21.35
N ALA E 130 -1.11 -36.60 21.55
CA ALA E 130 -2.01 -37.52 20.85
C ALA E 130 -1.89 -37.41 19.33
N ILE E 131 -1.80 -36.18 18.82
CA ILE E 131 -1.66 -36.00 17.38
C ILE E 131 -0.37 -36.64 16.88
N LYS E 132 0.72 -36.45 17.63
CA LYS E 132 1.98 -37.11 17.27
C LYS E 132 1.82 -38.63 17.23
N MET E 133 1.22 -39.18 18.28
CA MET E 133 1.02 -40.62 18.34
C MET E 133 0.15 -41.11 17.17
N LEU E 134 -0.95 -40.42 16.89
CA LEU E 134 -1.85 -40.84 15.84
C LEU E 134 -1.20 -40.73 14.46
N LYS E 135 -0.34 -39.74 14.26
CA LYS E 135 0.47 -39.71 13.06
C LYS E 135 1.31 -40.97 12.95
N ALA E 136 1.99 -41.33 14.05
CA ALA E 136 2.77 -42.57 14.03
C ALA E 136 1.89 -43.79 13.76
N GLU E 137 0.62 -43.72 14.14
CA GLU E 137 -0.34 -44.80 13.88
C GLU E 137 -0.93 -44.76 12.48
N GLY E 138 -0.87 -43.62 11.80
CA GLY E 138 -1.46 -43.52 10.47
C GLY E 138 -2.94 -43.23 10.46
N ILE E 139 -3.47 -42.66 11.54
CA ILE E 139 -4.87 -42.25 11.61
C ILE E 139 -4.93 -40.75 11.34
N PRO E 140 -5.69 -40.30 10.34
CA PRO E 140 -5.70 -38.86 10.03
C PRO E 140 -6.38 -38.08 11.14
N THR E 141 -5.81 -36.92 11.48
CA THR E 141 -6.35 -36.10 12.56
C THR E 141 -6.64 -34.68 12.09
N LEU E 142 -7.56 -34.04 12.79
CA LEU E 142 -7.79 -32.61 12.68
C LEU E 142 -7.51 -32.00 14.05
N GLY E 143 -6.77 -30.89 14.07
CA GLY E 143 -6.56 -30.19 15.33
C GLY E 143 -7.65 -29.17 15.59
N THR E 144 -8.49 -29.39 16.61
CA THR E 144 -9.67 -28.56 16.81
C THR E 144 -9.47 -27.60 17.99
N ALA E 145 -10.46 -26.72 18.18
CA ALA E 145 -10.47 -25.71 19.24
C ALA E 145 -9.20 -24.87 19.18
N VAL E 146 -8.82 -24.47 17.97
CA VAL E 146 -7.67 -23.60 17.75
C VAL E 146 -8.14 -22.15 17.89
N TYR E 147 -7.54 -21.42 18.84
CA TYR E 147 -7.85 -20.00 19.07
C TYR E 147 -6.73 -19.07 18.64
N GLY E 148 -5.59 -19.60 18.20
CA GLY E 148 -4.48 -18.75 17.78
C GLY E 148 -3.65 -19.45 16.73
N ALA E 149 -2.92 -18.64 15.94
CA ALA E 149 -2.29 -19.19 14.75
C ALA E 149 -1.11 -20.10 15.10
N ALA E 150 -0.35 -19.76 16.13
CA ALA E 150 0.80 -20.60 16.47
C ALA E 150 0.35 -21.96 17.02
N GLN E 151 -0.70 -21.96 17.86
CA GLN E 151 -1.30 -23.21 18.33
C GLN E 151 -1.69 -24.11 17.16
N GLY E 152 -2.41 -23.54 16.18
CA GLY E 152 -2.78 -24.30 14.99
C GLY E 152 -1.58 -24.82 14.22
N LEU E 153 -0.56 -23.99 14.05
CA LEU E 153 0.62 -24.46 13.34
C LEU E 153 1.27 -25.64 14.06
N LEU E 154 1.35 -25.58 15.40
CA LEU E 154 1.91 -26.69 16.16
C LEU E 154 1.13 -27.98 15.90
N SER E 155 -0.20 -27.89 15.89
CA SER E 155 -0.97 -29.11 15.62
C SER E 155 -0.68 -29.67 14.23
N ALA E 156 -0.52 -28.79 13.21
CA ALA E 156 -0.12 -29.31 11.90
C ALA E 156 1.27 -29.93 11.94
N LEU E 157 2.21 -29.28 12.63
CA LEU E 157 3.57 -29.81 12.71
C LEU E 157 3.59 -31.17 13.37
N ALA E 158 2.72 -31.39 14.36
CA ALA E 158 2.62 -32.69 15.02
C ALA E 158 2.07 -33.76 14.09
N GLY E 159 1.31 -33.39 13.05
CA GLY E 159 0.85 -34.34 12.07
C GLY E 159 -0.58 -34.15 11.58
N ALA E 160 -1.32 -33.18 12.15
CA ALA E 160 -2.71 -33.00 11.75
C ALA E 160 -2.79 -32.57 10.29
N GLU E 161 -3.70 -33.20 9.56
CA GLU E 161 -3.98 -32.90 8.17
C GLU E 161 -4.89 -31.69 8.03
N TYR E 162 -5.69 -31.39 9.05
CA TYR E 162 -6.60 -30.25 9.09
C TYR E 162 -6.39 -29.50 10.39
N VAL E 163 -6.49 -28.17 10.34
CA VAL E 163 -6.49 -27.34 11.54
C VAL E 163 -7.74 -26.48 11.54
N ALA E 164 -8.49 -26.49 12.65
CA ALA E 164 -9.81 -25.84 12.75
C ALA E 164 -9.82 -24.73 13.79
N PRO E 165 -9.58 -23.47 13.40
CA PRO E 165 -9.80 -22.36 14.33
C PRO E 165 -11.29 -22.11 14.48
N TYR E 166 -11.67 -21.63 15.68
CA TYR E 166 -13.05 -21.29 16.00
C TYR E 166 -13.23 -19.81 15.70
N VAL E 167 -13.55 -19.50 14.44
CA VAL E 167 -13.52 -18.12 13.96
C VAL E 167 -14.38 -17.22 14.85
N ASN E 168 -15.68 -17.53 14.98
CA ASN E 168 -16.54 -16.63 15.73
C ASN E 168 -16.19 -16.61 17.21
N ARG E 169 -15.70 -17.73 17.74
CA ARG E 169 -15.31 -17.73 19.15
C ARG E 169 -14.07 -16.91 19.38
N ILE E 170 -13.12 -16.92 18.44
CA ILE E 170 -11.99 -16.00 18.55
C ILE E 170 -12.49 -14.56 18.60
N ASP E 171 -13.44 -14.22 17.71
CA ASP E 171 -14.02 -12.88 17.75
C ASP E 171 -14.58 -12.55 19.15
N ALA E 172 -15.38 -13.47 19.71
CA ALA E 172 -16.06 -13.19 20.98
C ALA E 172 -15.08 -12.91 22.11
N GLN E 173 -13.89 -13.48 22.05
CA GLN E 173 -12.85 -13.17 23.01
C GLN E 173 -12.14 -11.85 22.74
N GLY E 174 -12.66 -11.02 21.82
CA GLY E 174 -12.08 -9.73 21.53
C GLY E 174 -11.03 -9.72 20.44
N GLY E 175 -10.54 -10.88 19.98
CA GLY E 175 -9.59 -10.96 18.89
C GLY E 175 -10.24 -10.80 17.52
N SER E 176 -9.61 -11.42 16.53
CA SER E 176 -10.17 -11.42 15.18
C SER E 176 -10.03 -12.83 14.60
N GLY E 177 -11.15 -13.52 14.46
CA GLY E 177 -11.10 -14.86 13.87
C GLY E 177 -10.58 -14.81 12.45
N ILE E 178 -10.94 -13.74 11.72
CA ILE E 178 -10.49 -13.64 10.33
C ILE E 178 -8.97 -13.50 10.27
N GLN E 179 -8.39 -12.66 11.13
CA GLN E 179 -6.93 -12.51 11.15
C GLN E 179 -6.26 -13.83 11.53
N THR E 180 -6.80 -14.55 12.51
CA THR E 180 -6.24 -15.85 12.89
C THR E 180 -6.24 -16.82 11.72
N VAL E 181 -7.35 -16.87 10.97
CA VAL E 181 -7.41 -17.76 9.83
C VAL E 181 -6.38 -17.35 8.78
N THR E 182 -6.24 -16.04 8.54
CA THR E 182 -5.29 -15.54 7.53
C THR E 182 -3.85 -15.93 7.89
N ASP E 183 -3.43 -15.60 9.11
CA ASP E 183 -2.09 -15.94 9.57
C ASP E 183 -1.89 -17.45 9.56
N LEU E 184 -2.87 -18.21 10.06
CA LEU E 184 -2.69 -19.66 10.09
C LEU E 184 -2.56 -20.23 8.69
N HIS E 185 -3.34 -19.72 7.73
CA HIS E 185 -3.23 -20.25 6.39
C HIS E 185 -1.84 -20.00 5.82
N GLN E 186 -1.32 -18.77 5.99
CA GLN E 186 0.05 -18.48 5.57
C GLN E 186 1.05 -19.41 6.24
N LEU E 187 0.91 -19.58 7.56
CA LEU E 187 1.83 -20.44 8.30
C LEU E 187 1.80 -21.86 7.76
N LEU E 188 0.61 -22.40 7.49
CA LEU E 188 0.53 -23.77 6.99
C LEU E 188 1.16 -23.89 5.61
N LYS E 189 0.87 -22.91 4.73
CA LYS E 189 1.37 -23.03 3.36
C LYS E 189 2.89 -22.93 3.31
N MET E 190 3.49 -22.09 4.15
CA MET E 190 4.95 -22.08 4.08
C MET E 190 5.64 -23.07 4.99
N HIS E 191 5.03 -23.47 6.13
CA HIS E 191 5.75 -24.22 7.14
C HIS E 191 5.20 -25.61 7.45
N ALA E 192 3.99 -25.94 7.00
CA ALA E 192 3.42 -27.28 7.20
C ALA E 192 2.49 -27.58 6.03
N PRO E 193 3.06 -27.76 4.83
CA PRO E 193 2.22 -27.74 3.62
C PRO E 193 1.29 -28.95 3.48
N GLN E 194 1.47 -30.00 4.27
CA GLN E 194 0.54 -31.12 4.17
C GLN E 194 -0.79 -30.85 4.87
N ALA E 195 -0.93 -29.73 5.57
CA ALA E 195 -2.13 -29.42 6.34
C ALA E 195 -2.94 -28.31 5.67
N LYS E 196 -4.26 -28.36 5.89
CA LYS E 196 -5.21 -27.38 5.40
C LYS E 196 -5.92 -26.74 6.59
N VAL E 197 -6.24 -25.46 6.46
CA VAL E 197 -7.18 -24.85 7.39
C VAL E 197 -8.58 -25.35 7.08
N LEU E 198 -9.32 -25.76 8.12
CA LEU E 198 -10.73 -26.13 8.00
C LEU E 198 -11.44 -25.20 8.97
N ALA E 199 -11.84 -24.03 8.49
CA ALA E 199 -12.38 -23.04 9.40
C ALA E 199 -13.76 -23.50 9.89
N ALA E 200 -14.05 -23.14 11.15
CA ALA E 200 -15.29 -23.52 11.80
C ALA E 200 -15.75 -22.38 12.70
N SER E 201 -17.00 -22.51 13.16
CA SER E 201 -17.60 -21.59 14.13
C SER E 201 -17.96 -20.27 13.45
N PHE E 202 -19.20 -20.18 12.96
CA PHE E 202 -19.67 -19.07 12.15
C PHE E 202 -21.06 -18.62 12.62
N LYS E 203 -21.24 -17.31 12.73
CA LYS E 203 -22.56 -16.71 12.90
C LYS E 203 -23.12 -16.14 11.60
N THR E 204 -22.28 -15.77 10.64
CA THR E 204 -22.79 -15.21 9.40
C THR E 204 -22.12 -15.86 8.21
N PRO E 205 -22.78 -15.87 7.05
CA PRO E 205 -22.10 -16.33 5.83
C PRO E 205 -20.94 -15.44 5.44
N ARG E 206 -21.01 -14.15 5.81
CA ARG E 206 -19.93 -13.23 5.48
C ARG E 206 -18.62 -13.63 6.16
N GLN E 207 -18.68 -14.09 7.42
CA GLN E 207 -17.47 -14.62 8.07
C GLN E 207 -16.84 -15.74 7.25
N ALA E 208 -17.68 -16.69 6.79
CA ALA E 208 -17.20 -17.80 5.99
C ALA E 208 -16.56 -17.30 4.71
N LEU E 209 -17.25 -16.39 4.01
CA LEU E 209 -16.71 -15.84 2.78
C LEU E 209 -15.35 -15.19 3.04
N ASP E 210 -15.24 -14.39 4.11
CA ASP E 210 -13.97 -13.75 4.43
C ASP E 210 -12.88 -14.77 4.68
N CYS E 211 -13.21 -15.90 5.31
CA CYS E 211 -12.20 -16.96 5.47
C CYS E 211 -11.79 -17.52 4.11
N LEU E 212 -12.75 -17.78 3.23
CA LEU E 212 -12.40 -18.34 1.92
C LEU E 212 -11.57 -17.36 1.10
N LEU E 213 -11.92 -16.07 1.18
CA LEU E 213 -11.10 -15.06 0.53
C LEU E 213 -9.71 -15.02 1.13
N ALA E 214 -9.57 -15.35 2.42
CA ALA E 214 -8.24 -15.37 3.02
C ALA E 214 -7.42 -16.57 2.58
N GLY E 215 -7.99 -17.50 1.83
CA GLY E 215 -7.24 -18.63 1.31
C GLY E 215 -7.56 -19.95 1.97
N CYS E 216 -8.26 -19.92 3.09
CA CYS E 216 -8.84 -21.08 3.76
C CYS E 216 -9.29 -22.17 2.80
N GLU E 217 -8.76 -23.40 2.91
CA GLU E 217 -9.02 -24.40 1.88
C GLU E 217 -10.20 -25.32 2.16
N SER E 218 -10.68 -25.34 3.39
CA SER E 218 -11.92 -26.03 3.67
C SER E 218 -12.61 -25.28 4.79
N ILE E 219 -13.87 -25.62 4.99
CA ILE E 219 -14.73 -24.86 5.88
C ILE E 219 -15.86 -25.78 6.27
N THR E 220 -16.47 -25.52 7.43
CA THR E 220 -17.62 -26.30 7.85
C THR E 220 -18.67 -25.34 8.38
N LEU E 221 -19.87 -25.41 7.81
CA LEU E 221 -20.93 -24.45 8.10
C LEU E 221 -21.98 -25.06 9.00
N PRO E 222 -22.38 -24.35 10.07
CA PRO E 222 -23.60 -24.75 10.79
C PRO E 222 -24.80 -24.62 9.87
N LEU E 223 -25.93 -25.16 10.34
CA LEU E 223 -27.10 -25.30 9.45
C LEU E 223 -27.66 -23.94 9.05
N ASP E 224 -27.82 -23.03 10.01
CA ASP E 224 -28.51 -21.78 9.69
C ASP E 224 -27.71 -20.92 8.70
N VAL E 225 -26.38 -20.86 8.87
CA VAL E 225 -25.54 -20.18 7.89
C VAL E 225 -25.64 -20.87 6.52
N ALA E 226 -25.65 -22.20 6.52
CA ALA E 226 -25.77 -22.95 5.27
C ALA E 226 -27.04 -22.56 4.53
N GLN E 227 -28.16 -22.49 5.26
CA GLN E 227 -29.43 -22.16 4.63
C GLN E 227 -29.43 -20.72 4.12
N GLN E 228 -28.93 -19.77 4.94
CA GLN E 228 -28.82 -18.41 4.45
C GLN E 228 -28.03 -18.34 3.14
N MET E 229 -27.08 -19.26 2.93
CA MET E 229 -26.25 -19.15 1.74
C MET E 229 -26.92 -19.59 0.44
N GLN E 230 -28.15 -20.09 0.48
CA GLN E 230 -28.78 -20.55 -0.77
C GLN E 230 -29.76 -19.54 -1.37
N SER E 231 -30.71 -19.04 -0.57
CA SER E 231 -31.83 -18.25 -1.09
C SER E 231 -31.51 -16.76 -1.08
N TYR E 232 -31.75 -16.09 -2.22
CA TYR E 232 -31.60 -14.65 -2.36
C TYR E 232 -32.81 -14.10 -3.10
N PRO E 233 -33.53 -13.16 -2.49
CA PRO E 233 -34.76 -12.64 -3.12
C PRO E 233 -34.51 -12.01 -4.50
N ALA E 234 -33.38 -11.32 -4.70
CA ALA E 234 -33.11 -10.71 -6.00
C ALA E 234 -33.01 -11.77 -7.10
N VAL E 235 -32.46 -12.95 -6.78
CA VAL E 235 -32.41 -14.04 -7.75
C VAL E 235 -33.83 -14.47 -8.12
N ASP E 236 -34.70 -14.65 -7.12
CA ASP E 236 -36.07 -15.05 -7.40
C ASP E 236 -36.80 -13.99 -8.22
N ALA E 237 -36.55 -12.71 -7.93
CA ALA E 237 -37.17 -11.63 -8.69
C ALA E 237 -36.71 -11.67 -10.14
N ALA E 238 -35.44 -11.98 -10.38
CA ALA E 238 -34.95 -12.06 -11.75
C ALA E 238 -35.52 -13.26 -12.48
N VAL E 239 -35.66 -14.39 -11.78
CA VAL E 239 -36.29 -15.57 -12.39
C VAL E 239 -37.74 -15.29 -12.72
N ALA E 240 -38.43 -14.54 -11.85
CA ALA E 240 -39.82 -14.19 -12.10
C ALA E 240 -39.95 -13.26 -13.30
N LYS E 241 -39.05 -12.27 -13.41
CA LYS E 241 -39.10 -11.40 -14.58
C LYS E 241 -38.85 -12.19 -15.86
N PHE E 242 -37.90 -13.14 -15.81
CA PHE E 242 -37.69 -14.04 -16.96
C PHE E 242 -38.98 -14.76 -17.33
N GLU E 243 -39.65 -15.37 -16.34
CA GLU E 243 -40.89 -16.09 -16.61
C GLU E 243 -41.96 -15.17 -17.19
N GLN E 244 -42.08 -13.96 -16.63
CA GLN E 244 -43.08 -13.02 -17.13
C GLN E 244 -42.83 -12.67 -18.59
N ASP E 245 -41.57 -12.39 -18.95
CA ASP E 245 -41.24 -12.09 -20.35
C ASP E 245 -41.58 -13.28 -21.23
N TRP E 246 -41.20 -14.48 -20.80
CA TRP E 246 -41.47 -15.69 -21.57
C TRP E 246 -42.98 -15.84 -21.79
N GLN E 247 -43.76 -15.67 -20.71
CA GLN E 247 -45.21 -15.81 -20.81
C GLN E 247 -45.76 -14.80 -21.81
N GLY E 248 -45.32 -13.55 -21.71
CA GLY E 248 -45.79 -12.53 -22.63
C GLY E 248 -45.48 -12.84 -24.07
N ALA E 249 -44.37 -13.53 -24.34
CA ALA E 249 -44.01 -13.81 -25.72
C ALA E 249 -44.47 -15.17 -26.23
N PHE E 250 -44.89 -16.08 -25.35
CA PHE E 250 -45.18 -17.44 -25.76
C PHE E 250 -46.42 -18.04 -25.10
N GLY E 251 -47.09 -17.32 -24.21
CA GLY E 251 -48.27 -17.87 -23.56
C GLY E 251 -48.02 -19.07 -22.67
N ARG E 252 -46.78 -19.28 -22.24
CA ARG E 252 -46.46 -20.39 -21.35
C ARG E 252 -45.28 -20.00 -20.46
N THR E 253 -44.92 -20.89 -19.54
CA THR E 253 -43.81 -20.66 -18.63
C THR E 253 -42.78 -21.79 -18.68
N SER E 254 -42.80 -22.61 -19.73
CA SER E 254 -42.11 -23.88 -19.74
C SER E 254 -41.39 -24.09 -21.08
N ILE E 255 -40.79 -25.28 -21.20
CA ILE E 255 -39.96 -25.74 -22.32
C ILE E 255 -38.68 -24.90 -22.38
N SER F 35 -18.28 11.41 23.03
CA SER F 35 -18.58 11.89 21.69
C SER F 35 -19.50 10.92 20.93
N MET F 36 -19.09 9.67 20.80
CA MET F 36 -19.90 8.65 20.12
C MET F 36 -21.21 8.40 20.87
N GLU F 37 -22.26 8.06 20.12
CA GLU F 37 -23.59 7.79 20.67
C GLU F 37 -23.93 6.31 20.49
N LEU F 38 -24.08 5.60 21.60
CA LEU F 38 -24.38 4.18 21.59
C LEU F 38 -25.86 3.99 21.90
N TYR F 39 -26.57 3.25 21.04
CA TYR F 39 -28.01 3.06 21.19
C TYR F 39 -28.36 1.58 21.34
N LEU F 40 -29.51 1.34 21.97
CA LEU F 40 -30.12 0.01 22.01
C LEU F 40 -31.24 -0.07 21.00
N ASP F 41 -31.25 -1.16 20.25
CA ASP F 41 -32.24 -1.41 19.20
C ASP F 41 -33.25 -2.41 19.76
N THR F 42 -34.28 -1.88 20.40
CA THR F 42 -35.26 -2.67 21.15
C THR F 42 -36.41 -1.76 21.52
N SER F 43 -37.55 -2.37 21.85
CA SER F 43 -38.63 -1.64 22.51
C SER F 43 -39.04 -2.31 23.81
N ASP F 44 -38.25 -3.28 24.28
CA ASP F 44 -38.44 -3.97 25.55
C ASP F 44 -38.06 -3.04 26.71
N VAL F 45 -39.07 -2.54 27.42
CA VAL F 45 -38.87 -1.53 28.47
C VAL F 45 -38.04 -2.08 29.63
N VAL F 46 -38.31 -3.33 30.03
CA VAL F 46 -37.58 -3.93 31.15
C VAL F 46 -36.11 -4.03 30.82
N ALA F 47 -35.80 -4.53 29.62
CA ALA F 47 -34.41 -4.68 29.23
C ALA F 47 -33.70 -3.34 29.17
N VAL F 48 -34.41 -2.29 28.73
CA VAL F 48 -33.81 -0.96 28.66
C VAL F 48 -33.47 -0.46 30.06
N LYS F 49 -34.40 -0.62 31.01
CA LYS F 49 -34.11 -0.20 32.38
C LYS F 49 -32.91 -0.95 32.94
N ALA F 50 -32.81 -2.25 32.64
CA ALA F 50 -31.71 -3.04 33.17
C ALA F 50 -30.37 -2.64 32.54
N LEU F 51 -30.32 -2.53 31.21
CA LEU F 51 -29.05 -2.27 30.54
C LEU F 51 -28.61 -0.82 30.65
N SER F 52 -29.52 0.10 30.95
CA SER F 52 -29.09 1.49 31.12
C SER F 52 -28.27 1.69 32.39
N ARG F 53 -28.27 0.72 33.31
CA ARG F 53 -27.40 0.78 34.48
C ARG F 53 -25.97 0.38 34.14
N ILE F 54 -25.80 -0.49 33.14
CA ILE F 54 -24.50 -1.03 32.79
C ILE F 54 -23.92 -0.21 31.63
N PHE F 55 -24.62 -0.19 30.48
CA PHE F 55 -24.07 0.43 29.29
C PHE F 55 -24.19 1.95 29.36
N PRO F 56 -23.28 2.66 28.71
CA PRO F 56 -23.37 4.12 28.53
C PRO F 56 -24.26 4.46 27.34
N LEU F 57 -25.55 4.23 27.52
CA LEU F 57 -26.53 4.38 26.45
C LEU F 57 -26.80 5.84 26.16
N ALA F 58 -26.97 6.16 24.88
CA ALA F 58 -27.42 7.47 24.46
C ALA F 58 -28.91 7.52 24.19
N GLY F 59 -29.56 6.37 24.08
CA GLY F 59 -30.97 6.35 23.79
C GLY F 59 -31.37 5.01 23.22
N VAL F 60 -32.56 4.97 22.65
CA VAL F 60 -33.14 3.73 22.16
C VAL F 60 -33.74 4.02 20.78
N THR F 61 -33.51 3.12 19.85
CA THR F 61 -34.16 3.19 18.55
C THR F 61 -35.25 2.13 18.54
N THR F 62 -36.45 2.49 18.07
CA THR F 62 -37.48 1.50 17.80
C THR F 62 -37.71 1.39 16.29
N ASN F 63 -38.30 0.28 15.88
CA ASN F 63 -38.79 0.16 14.52
C ASN F 63 -40.17 -0.50 14.59
N PRO F 64 -40.95 -0.56 13.51
CA PRO F 64 -42.32 -1.09 13.64
C PRO F 64 -42.39 -2.55 14.05
N SER F 65 -41.42 -3.37 13.63
CA SER F 65 -41.43 -4.77 14.04
C SER F 65 -41.21 -4.89 15.54
N THR F 66 -40.31 -4.09 16.08
CA THR F 66 -40.00 -4.28 17.49
C THR F 66 -41.10 -3.71 18.37
N ILE F 67 -41.74 -2.61 17.95
CA ILE F 67 -42.94 -2.13 18.62
C ILE F 67 -44.00 -3.22 18.61
N ALA F 68 -44.29 -3.78 17.44
CA ALA F 68 -45.33 -4.81 17.33
C ALA F 68 -45.03 -5.98 18.25
N ALA F 69 -43.80 -6.48 18.24
CA ALA F 69 -43.43 -7.57 19.14
C ALA F 69 -43.60 -7.18 20.60
N GLY F 70 -43.46 -5.89 20.94
CA GLY F 70 -43.77 -5.46 22.29
C GLY F 70 -45.26 -5.43 22.61
N LYS F 71 -46.10 -5.43 21.59
CA LYS F 71 -47.57 -5.49 21.64
C LYS F 71 -48.21 -4.25 22.27
N LYS F 72 -47.42 -3.23 22.64
CA LYS F 72 -47.97 -1.98 23.16
C LYS F 72 -47.98 -0.90 22.08
N PRO F 73 -49.00 -0.04 22.06
CA PRO F 73 -49.02 1.06 21.10
C PRO F 73 -48.01 2.13 21.44
N LEU F 74 -47.75 2.98 20.45
CA LEU F 74 -46.68 3.98 20.56
C LEU F 74 -46.90 4.90 21.75
N ASP F 75 -48.13 5.43 21.90
CA ASP F 75 -48.42 6.39 22.97
C ASP F 75 -48.29 5.77 24.35
N VAL F 76 -48.17 4.45 24.46
CA VAL F 76 -47.87 3.78 25.72
C VAL F 76 -46.38 3.51 25.85
N VAL F 77 -45.77 2.84 24.87
CA VAL F 77 -44.42 2.35 25.06
C VAL F 77 -43.37 3.45 24.93
N LEU F 78 -43.59 4.47 24.09
CA LEU F 78 -42.58 5.51 23.98
C LEU F 78 -42.38 6.26 25.30
N PRO F 79 -43.42 6.76 25.98
CA PRO F 79 -43.18 7.33 27.32
C PRO F 79 -42.58 6.34 28.28
N GLN F 80 -42.94 5.06 28.18
CA GLN F 80 -42.33 4.05 29.04
C GLN F 80 -40.83 3.94 28.79
N LEU F 81 -40.41 3.89 27.52
CA LEU F 81 -38.98 3.78 27.24
C LEU F 81 -38.24 5.02 27.73
N HIS F 82 -38.82 6.20 27.48
CA HIS F 82 -38.25 7.45 27.99
C HIS F 82 -38.03 7.39 29.49
N GLU F 83 -39.07 7.00 30.25
CA GLU F 83 -38.92 6.88 31.70
C GLU F 83 -37.86 5.84 32.06
N ALA F 84 -37.84 4.70 31.36
CA ALA F 84 -36.89 3.65 31.66
C ALA F 84 -35.45 4.09 31.44
N MET F 85 -35.22 5.10 30.61
CA MET F 85 -33.90 5.72 30.48
C MET F 85 -33.67 6.84 31.47
N GLY F 86 -34.60 7.07 32.39
CA GLY F 86 -34.43 8.12 33.38
C GLY F 86 -34.64 9.54 32.88
N GLY F 87 -35.41 9.71 31.80
CA GLY F 87 -35.70 11.03 31.28
C GLY F 87 -34.62 11.64 30.42
N GLN F 88 -33.39 11.15 30.51
CA GLN F 88 -32.35 11.48 29.54
C GLN F 88 -32.51 10.59 28.32
N GLY F 89 -31.59 10.73 27.36
CA GLY F 89 -31.61 9.86 26.21
C GLY F 89 -32.55 10.27 25.10
N ARG F 90 -32.14 10.00 23.87
CA ARG F 90 -32.91 10.29 22.67
C ARG F 90 -33.70 9.05 22.28
N LEU F 91 -34.91 9.25 21.76
CA LEU F 91 -35.70 8.16 21.22
C LEU F 91 -35.87 8.34 19.71
N PHE F 92 -35.95 7.22 19.00
CA PHE F 92 -36.22 7.19 17.56
C PHE F 92 -37.41 6.28 17.30
N ALA F 93 -38.32 6.69 16.41
CA ALA F 93 -39.42 5.82 16.00
C ALA F 93 -39.73 6.00 14.52
N THR F 94 -40.23 4.94 13.88
CA THR F 94 -40.47 4.90 12.44
C THR F 94 -41.88 5.35 12.06
N VAL F 95 -41.99 6.10 10.94
CA VAL F 95 -43.30 6.41 10.36
C VAL F 95 -43.85 5.18 9.66
N MET F 96 -45.18 5.17 9.47
CA MET F 96 -45.88 4.03 8.87
C MET F 96 -46.51 4.32 7.52
N ALA F 97 -46.80 5.57 7.21
CA ALA F 97 -47.49 5.93 5.97
C ALA F 97 -46.63 5.57 4.75
N THR F 98 -47.30 5.42 3.62
CA THR F 98 -46.65 5.17 2.33
C THR F 98 -46.43 6.44 1.52
N THR F 99 -47.24 7.47 1.71
CA THR F 99 -47.11 8.71 0.96
C THR F 99 -46.40 9.76 1.80
N ALA F 100 -45.72 10.68 1.11
CA ALA F 100 -44.87 11.63 1.81
C ALA F 100 -45.67 12.48 2.80
N GLU F 101 -46.88 12.90 2.39
CA GLU F 101 -47.71 13.75 3.24
C GLU F 101 -48.20 12.98 4.47
N GLY F 102 -48.62 11.72 4.28
CA GLY F 102 -48.96 10.89 5.43
C GLY F 102 -47.78 10.65 6.34
N MET F 103 -46.57 10.55 5.78
CA MET F 103 -45.39 10.38 6.63
C MET F 103 -45.14 11.62 7.48
N VAL F 104 -45.31 12.82 6.89
CA VAL F 104 -45.24 14.04 7.69
C VAL F 104 -46.28 14.01 8.81
N ASN F 105 -47.47 13.51 8.51
CA ASN F 105 -48.51 13.38 9.52
C ASN F 105 -48.02 12.52 10.68
N ASP F 106 -47.63 11.28 10.37
CA ASP F 106 -47.07 10.37 11.39
C ASP F 106 -45.98 11.06 12.21
N ALA F 107 -45.15 11.88 11.56
CA ALA F 107 -44.08 12.55 12.29
C ALA F 107 -44.65 13.48 13.34
N LEU F 108 -45.67 14.26 12.95
CA LEU F 108 -46.28 15.17 13.92
C LEU F 108 -46.89 14.40 15.10
N LYS F 109 -47.57 13.30 14.81
CA LYS F 109 -48.13 12.48 15.88
C LYS F 109 -47.04 11.98 16.82
N LEU F 110 -45.98 11.40 16.24
CA LEU F 110 -44.87 10.90 17.04
C LEU F 110 -44.30 12.01 17.93
N ARG F 111 -44.18 13.22 17.39
CA ARG F 111 -43.63 14.34 18.16
C ARG F 111 -44.57 14.77 19.27
N SER F 112 -45.89 14.63 19.07
CA SER F 112 -46.82 14.91 20.16
C SER F 112 -46.65 13.91 21.30
N ILE F 113 -46.31 12.66 20.98
CA ILE F 113 -46.05 11.70 22.07
C ILE F 113 -44.73 12.02 22.77
N ILE F 114 -43.65 12.18 22.02
CA ILE F 114 -42.34 12.52 22.57
C ILE F 114 -41.85 13.77 21.85
N ALA F 115 -41.66 14.85 22.61
CA ALA F 115 -41.46 16.17 22.01
C ALA F 115 -40.17 16.25 21.19
N ASP F 116 -39.10 15.57 21.63
CA ASP F 116 -37.81 15.63 20.99
C ASP F 116 -37.42 14.32 20.30
N ILE F 117 -38.40 13.54 19.86
CA ILE F 117 -38.12 12.24 19.23
C ILE F 117 -37.61 12.45 17.81
N VAL F 118 -36.68 11.58 17.41
CA VAL F 118 -36.18 11.56 16.03
C VAL F 118 -37.06 10.63 15.21
N VAL F 119 -37.48 11.10 14.05
CA VAL F 119 -38.44 10.41 13.20
C VAL F 119 -37.68 9.60 12.16
N LYS F 120 -37.85 8.29 12.18
CA LYS F 120 -37.22 7.41 11.20
C LYS F 120 -38.11 7.30 9.97
N VAL F 121 -37.53 7.60 8.80
CA VAL F 121 -38.23 7.55 7.52
C VAL F 121 -37.49 6.57 6.63
N PRO F 122 -38.13 5.52 6.14
CA PRO F 122 -37.44 4.63 5.18
C PRO F 122 -37.13 5.39 3.90
N VAL F 123 -35.89 5.24 3.42
CA VAL F 123 -35.40 6.01 2.28
C VAL F 123 -35.90 5.40 0.98
N THR F 124 -37.16 5.71 0.65
CA THR F 124 -37.78 5.51 -0.65
C THR F 124 -37.91 6.87 -1.32
N ALA F 125 -38.48 6.87 -2.52
CA ALA F 125 -38.73 8.16 -3.17
C ALA F 125 -39.67 9.02 -2.31
N GLU F 126 -40.78 8.44 -1.87
CA GLU F 126 -41.69 9.18 -0.99
C GLU F 126 -41.00 9.54 0.30
N GLY F 127 -40.17 8.64 0.83
CA GLY F 127 -39.45 8.95 2.05
C GLY F 127 -38.50 10.10 1.88
N LEU F 128 -37.84 10.18 0.73
CA LEU F 128 -36.98 11.33 0.43
C LEU F 128 -37.81 12.62 0.43
N ALA F 129 -38.96 12.58 -0.23
CA ALA F 129 -39.88 13.72 -0.20
C ALA F 129 -40.27 14.07 1.24
N ALA F 130 -40.60 13.05 2.03
CA ALA F 130 -41.02 13.27 3.40
C ALA F 130 -39.89 13.88 4.21
N ILE F 131 -38.65 13.47 3.93
CA ILE F 131 -37.50 13.99 4.67
C ILE F 131 -37.27 15.45 4.34
N LYS F 132 -37.40 15.82 3.06
CA LYS F 132 -37.27 17.23 2.69
C LYS F 132 -38.35 18.07 3.36
N MET F 133 -39.60 17.58 3.33
CA MET F 133 -40.69 18.29 4.00
C MET F 133 -40.41 18.43 5.49
N LEU F 134 -39.96 17.34 6.12
CA LEU F 134 -39.74 17.38 7.55
C LEU F 134 -38.60 18.31 7.91
N LYS F 135 -37.58 18.38 7.05
CA LYS F 135 -36.54 19.38 7.21
C LYS F 135 -37.12 20.78 7.19
N ALA F 136 -38.04 21.04 6.24
CA ALA F 136 -38.73 22.34 6.22
C ALA F 136 -39.51 22.60 7.50
N GLU F 137 -40.05 21.55 8.11
CA GLU F 137 -40.80 21.65 9.36
C GLU F 137 -39.93 21.77 10.61
N GLY F 138 -38.62 21.55 10.50
CA GLY F 138 -37.79 21.56 11.69
C GLY F 138 -37.84 20.30 12.55
N ILE F 139 -38.41 19.22 12.03
CA ILE F 139 -38.46 17.94 12.75
C ILE F 139 -37.23 17.12 12.36
N PRO F 140 -36.38 16.72 13.30
CA PRO F 140 -35.20 15.92 12.94
C PRO F 140 -35.60 14.53 12.47
N THR F 141 -34.87 14.02 11.46
CA THR F 141 -35.16 12.74 10.84
C THR F 141 -33.93 11.86 10.78
N LEU F 142 -34.20 10.57 10.67
CA LEU F 142 -33.21 9.54 10.40
C LEU F 142 -33.66 8.85 9.12
N GLY F 143 -32.75 8.69 8.16
CA GLY F 143 -33.07 7.90 6.98
C GLY F 143 -32.79 6.44 7.26
N THR F 144 -33.80 5.57 7.19
CA THR F 144 -33.62 4.19 7.61
C THR F 144 -33.82 3.24 6.43
N ALA F 145 -33.61 1.95 6.69
CA ALA F 145 -33.69 0.91 5.66
C ALA F 145 -32.77 1.24 4.48
N VAL F 146 -31.50 1.49 4.79
CA VAL F 146 -30.52 1.94 3.81
C VAL F 146 -29.67 0.73 3.42
N TYR F 147 -29.65 0.42 2.13
CA TYR F 147 -28.95 -0.75 1.64
C TYR F 147 -27.77 -0.43 0.74
N GLY F 148 -27.51 0.86 0.47
CA GLY F 148 -26.35 1.24 -0.32
C GLY F 148 -25.96 2.66 -0.01
N ALA F 149 -24.70 2.99 -0.34
CA ALA F 149 -24.09 4.25 0.09
C ALA F 149 -24.77 5.46 -0.55
N ALA F 150 -25.14 5.36 -1.83
CA ALA F 150 -25.71 6.51 -2.52
C ALA F 150 -27.10 6.84 -1.99
N GLN F 151 -27.92 5.81 -1.79
CA GLN F 151 -29.26 5.99 -1.20
C GLN F 151 -29.18 6.69 0.15
N GLY F 152 -28.22 6.26 0.99
CA GLY F 152 -28.06 6.89 2.29
C GLY F 152 -27.62 8.33 2.18
N LEU F 153 -26.66 8.60 1.28
CA LEU F 153 -26.20 9.96 1.07
C LEU F 153 -27.36 10.87 0.67
N LEU F 154 -28.22 10.38 -0.22
CA LEU F 154 -29.38 11.16 -0.65
C LEU F 154 -30.26 11.51 0.55
N SER F 155 -30.49 10.55 1.46
CA SER F 155 -31.32 10.88 2.62
C SER F 155 -30.68 11.98 3.45
N ALA F 156 -29.34 11.96 3.58
CA ALA F 156 -28.68 13.05 4.30
C ALA F 156 -28.81 14.38 3.58
N LEU F 157 -28.69 14.37 2.25
CA LEU F 157 -28.82 15.60 1.46
C LEU F 157 -30.22 16.16 1.59
N ALA F 158 -31.23 15.29 1.59
CA ALA F 158 -32.61 15.71 1.80
C ALA F 158 -32.82 16.30 3.20
N GLY F 159 -31.92 16.01 4.15
CA GLY F 159 -31.93 16.70 5.42
C GLY F 159 -31.85 15.80 6.64
N ALA F 160 -31.94 14.50 6.48
CA ALA F 160 -31.78 13.59 7.62
C ALA F 160 -30.49 13.89 8.36
N GLU F 161 -30.59 13.95 9.69
CA GLU F 161 -29.44 14.10 10.56
C GLU F 161 -28.74 12.77 10.82
N TYR F 162 -29.42 11.64 10.62
CA TYR F 162 -28.84 10.32 10.80
C TYR F 162 -29.21 9.46 9.62
N VAL F 163 -28.30 8.55 9.25
CA VAL F 163 -28.51 7.61 8.17
C VAL F 163 -28.16 6.23 8.69
N ALA F 164 -29.09 5.28 8.54
CA ALA F 164 -28.99 3.97 9.18
C ALA F 164 -28.94 2.89 8.11
N PRO F 165 -27.75 2.47 7.72
CA PRO F 165 -27.63 1.25 6.90
C PRO F 165 -27.87 0.01 7.74
N TYR F 166 -28.43 -1.00 7.08
CA TYR F 166 -28.69 -2.30 7.70
C TYR F 166 -27.50 -3.20 7.39
N VAL F 167 -26.48 -3.12 8.24
CA VAL F 167 -25.21 -3.81 8.03
C VAL F 167 -25.43 -5.28 7.70
N ASN F 168 -26.02 -6.03 8.63
CA ASN F 168 -26.10 -7.48 8.42
C ASN F 168 -27.04 -7.83 7.30
N ARG F 169 -28.11 -7.06 7.09
CA ARG F 169 -29.00 -7.36 5.98
C ARG F 169 -28.30 -7.13 4.64
N ILE F 170 -27.42 -6.13 4.56
CA ILE F 170 -26.58 -6.02 3.37
C ILE F 170 -25.69 -7.25 3.24
N ASP F 171 -25.06 -7.67 4.35
CA ASP F 171 -24.23 -8.88 4.30
C ASP F 171 -25.00 -10.07 3.76
N ALA F 172 -26.29 -10.18 4.13
CA ALA F 172 -27.07 -11.36 3.81
C ALA F 172 -27.41 -11.41 2.33
N GLN F 173 -27.65 -10.27 1.70
CA GLN F 173 -27.94 -10.25 0.27
C GLN F 173 -26.68 -10.38 -0.60
N GLY F 174 -25.54 -10.80 -0.05
CA GLY F 174 -24.36 -11.05 -0.85
C GLY F 174 -23.36 -9.91 -0.93
N GLY F 175 -23.78 -8.67 -0.65
CA GLY F 175 -22.84 -7.56 -0.57
C GLY F 175 -21.96 -7.50 0.68
N SER F 176 -21.63 -6.28 1.12
CA SER F 176 -20.77 -6.04 2.28
C SER F 176 -21.31 -4.85 3.07
N GLY F 177 -21.95 -5.12 4.21
CA GLY F 177 -22.41 -4.04 5.06
C GLY F 177 -21.30 -3.16 5.58
N ILE F 178 -20.13 -3.75 5.87
CA ILE F 178 -19.01 -2.93 6.33
C ILE F 178 -18.55 -1.97 5.24
N GLN F 179 -18.45 -2.45 3.99
CA GLN F 179 -18.03 -1.54 2.93
C GLN F 179 -19.05 -0.43 2.73
N THR F 180 -20.33 -0.77 2.75
CA THR F 180 -21.37 0.25 2.61
C THR F 180 -21.24 1.31 3.69
N VAL F 181 -21.02 0.89 4.94
CA VAL F 181 -20.83 1.85 6.04
C VAL F 181 -19.56 2.68 5.85
N THR F 182 -18.46 2.04 5.44
CA THR F 182 -17.21 2.78 5.18
C THR F 182 -17.45 3.88 4.14
N ASP F 183 -18.05 3.49 3.01
CA ASP F 183 -18.32 4.44 1.93
C ASP F 183 -19.28 5.53 2.39
N LEU F 184 -20.35 5.13 3.10
CA LEU F 184 -21.34 6.09 3.54
C LEU F 184 -20.76 7.10 4.51
N HIS F 185 -19.94 6.62 5.44
CA HIS F 185 -19.30 7.56 6.37
C HIS F 185 -18.45 8.57 5.60
N GLN F 186 -17.58 8.11 4.69
CA GLN F 186 -16.80 9.07 3.88
C GLN F 186 -17.72 10.05 3.14
N LEU F 187 -18.78 9.54 2.50
CA LEU F 187 -19.66 10.41 1.73
C LEU F 187 -20.32 11.46 2.61
N LEU F 188 -20.75 11.06 3.81
CA LEU F 188 -21.36 12.04 4.70
C LEU F 188 -20.35 13.06 5.18
N LYS F 189 -19.14 12.61 5.56
CA LYS F 189 -18.17 13.56 6.07
C LYS F 189 -17.73 14.56 5.01
N MET F 190 -17.64 14.15 3.74
CA MET F 190 -17.25 15.23 2.81
C MET F 190 -18.43 15.94 2.15
N HIS F 191 -19.59 15.28 1.96
CA HIS F 191 -20.66 15.85 1.15
C HIS F 191 -21.96 16.16 1.92
N ALA F 192 -22.09 15.75 3.17
CA ALA F 192 -23.30 16.04 3.95
C ALA F 192 -22.92 16.06 5.42
N PRO F 193 -22.11 17.05 5.82
CA PRO F 193 -21.39 16.95 7.10
C PRO F 193 -22.28 17.09 8.33
N GLN F 194 -23.52 17.56 8.21
CA GLN F 194 -24.44 17.62 9.35
C GLN F 194 -25.08 16.27 9.66
N ALA F 195 -24.75 15.22 8.93
CA ALA F 195 -25.33 13.90 9.12
C ALA F 195 -24.30 12.93 9.68
N LYS F 196 -24.78 11.97 10.47
CA LYS F 196 -23.97 10.88 11.01
C LYS F 196 -24.51 9.54 10.52
N VAL F 197 -23.62 8.58 10.38
CA VAL F 197 -24.05 7.20 10.25
C VAL F 197 -24.47 6.71 11.62
N LEU F 198 -25.62 6.05 11.69
CA LEU F 198 -26.10 5.32 12.86
C LEU F 198 -26.33 3.91 12.36
N ALA F 199 -25.27 3.10 12.41
CA ALA F 199 -25.34 1.77 11.82
C ALA F 199 -26.27 0.89 12.64
N ALA F 200 -27.00 0.01 11.95
CA ALA F 200 -27.95 -0.89 12.57
C ALA F 200 -27.84 -2.25 11.91
N SER F 201 -28.53 -3.23 12.50
CA SER F 201 -28.67 -4.58 11.99
C SER F 201 -27.39 -5.38 12.20
N PHE F 202 -27.26 -6.02 13.37
CA PHE F 202 -26.03 -6.67 13.76
C PHE F 202 -26.29 -8.12 14.21
N LYS F 203 -25.41 -9.03 13.79
CA LYS F 203 -25.39 -10.39 14.32
C LYS F 203 -24.24 -10.64 15.27
N THR F 204 -23.14 -9.92 15.14
CA THR F 204 -21.98 -10.13 16.00
C THR F 204 -21.49 -8.81 16.55
N PRO F 205 -20.88 -8.83 17.72
CA PRO F 205 -20.17 -7.63 18.18
C PRO F 205 -19.08 -7.19 17.21
N ARG F 206 -18.44 -8.12 16.51
CA ARG F 206 -17.37 -7.78 15.57
C ARG F 206 -17.87 -6.90 14.43
N GLN F 207 -19.11 -7.13 13.96
CA GLN F 207 -19.67 -6.24 12.94
C GLN F 207 -19.72 -4.80 13.44
N ALA F 208 -20.21 -4.61 14.66
CA ALA F 208 -20.33 -3.26 15.23
C ALA F 208 -18.96 -2.64 15.42
N LEU F 209 -18.01 -3.43 15.91
CA LEU F 209 -16.64 -2.95 16.06
C LEU F 209 -16.10 -2.49 14.72
N ASP F 210 -16.31 -3.27 13.67
CA ASP F 210 -15.77 -2.91 12.36
C ASP F 210 -16.43 -1.63 11.84
N CYS F 211 -17.73 -1.45 12.09
CA CYS F 211 -18.34 -0.18 11.72
C CYS F 211 -17.66 0.98 12.45
N LEU F 212 -17.44 0.82 13.75
CA LEU F 212 -16.82 1.90 14.50
C LEU F 212 -15.39 2.15 14.03
N LEU F 213 -14.66 1.09 13.69
CA LEU F 213 -13.30 1.28 13.18
C LEU F 213 -13.33 1.99 11.84
N ALA F 214 -14.45 1.88 11.11
CA ALA F 214 -14.59 2.58 9.84
C ALA F 214 -14.97 4.04 10.02
N GLY F 215 -15.18 4.48 11.26
CA GLY F 215 -15.49 5.86 11.54
C GLY F 215 -16.93 6.15 11.87
N CYS F 216 -17.79 5.15 11.78
CA CYS F 216 -19.19 5.26 12.16
CA CYS F 216 -19.19 5.25 12.18
C CYS F 216 -19.36 5.99 13.49
N GLU F 217 -20.11 7.09 13.47
CA GLU F 217 -20.19 7.96 14.64
CA GLU F 217 -20.19 7.96 14.64
C GLU F 217 -21.28 7.57 15.62
N SER F 218 -22.19 6.67 15.25
CA SER F 218 -23.17 6.15 16.19
C SER F 218 -23.59 4.77 15.72
N ILE F 219 -24.30 4.08 16.59
CA ILE F 219 -24.55 2.65 16.40
C ILE F 219 -25.72 2.28 17.28
N THR F 220 -26.53 1.32 16.84
CA THR F 220 -27.62 0.83 17.68
C THR F 220 -27.56 -0.69 17.72
N LEU F 221 -27.44 -1.24 18.93
CA LEU F 221 -27.20 -2.66 19.10
C LEU F 221 -28.47 -3.40 19.50
N PRO F 222 -28.73 -4.55 18.90
CA PRO F 222 -29.81 -5.41 19.40
C PRO F 222 -29.40 -6.03 20.73
N LEU F 223 -30.38 -6.61 21.42
CA LEU F 223 -30.16 -7.00 22.81
C LEU F 223 -29.11 -8.09 22.93
N ASP F 224 -29.24 -9.16 22.14
CA ASP F 224 -28.29 -10.25 22.29
C ASP F 224 -26.86 -9.80 22.00
N VAL F 225 -26.67 -8.91 21.01
CA VAL F 225 -25.33 -8.43 20.72
C VAL F 225 -24.79 -7.58 21.86
N ALA F 226 -25.64 -6.72 22.45
CA ALA F 226 -25.19 -5.95 23.60
C ALA F 226 -24.81 -6.87 24.76
N GLN F 227 -25.56 -7.96 24.92
CA GLN F 227 -25.35 -8.96 25.96
C GLN F 227 -24.13 -9.84 25.73
N GLN F 228 -23.39 -9.68 24.62
CA GLN F 228 -22.22 -10.49 24.35
C GLN F 228 -20.91 -9.74 24.56
N MET F 229 -20.91 -8.40 24.46
CA MET F 229 -19.79 -7.62 24.95
C MET F 229 -19.96 -7.25 26.42
N GLN F 230 -20.65 -8.10 27.17
CA GLN F 230 -20.99 -7.90 28.56
C GLN F 230 -20.29 -8.89 29.50
N SER F 231 -19.59 -9.89 28.98
CA SER F 231 -18.88 -10.83 29.84
C SER F 231 -17.62 -11.33 29.13
N TYR F 232 -16.50 -11.34 29.84
CA TYR F 232 -15.21 -11.74 29.25
C TYR F 232 -14.49 -12.70 30.20
N PRO F 233 -14.36 -13.99 29.84
CA PRO F 233 -13.78 -14.97 30.78
C PRO F 233 -12.40 -14.63 31.27
N ALA F 234 -11.50 -14.17 30.38
CA ALA F 234 -10.14 -13.87 30.79
C ALA F 234 -10.10 -12.72 31.79
N VAL F 235 -11.09 -11.82 31.73
CA VAL F 235 -11.17 -10.75 32.70
C VAL F 235 -11.49 -11.29 34.09
N ASP F 236 -12.47 -12.21 34.16
CA ASP F 236 -12.82 -12.79 35.46
C ASP F 236 -11.67 -13.62 36.02
N ALA F 237 -10.92 -14.29 35.13
CA ALA F 237 -9.73 -15.02 35.58
C ALA F 237 -8.65 -14.10 36.11
N ALA F 238 -8.45 -12.93 35.47
CA ALA F 238 -7.47 -11.97 35.99
C ALA F 238 -7.89 -11.41 37.34
N VAL F 239 -9.19 -11.12 37.51
CA VAL F 239 -9.65 -10.61 38.79
C VAL F 239 -9.54 -11.68 39.88
N ALA F 240 -9.80 -12.94 39.53
CA ALA F 240 -9.64 -14.02 40.50
C ALA F 240 -8.19 -14.21 40.91
N LYS F 241 -7.25 -14.04 39.96
CA LYS F 241 -5.83 -14.08 40.32
C LYS F 241 -5.48 -12.94 41.27
N PHE F 242 -6.02 -11.76 40.99
CA PHE F 242 -5.85 -10.63 41.91
C PHE F 242 -6.33 -11.00 43.31
N GLU F 243 -7.57 -11.47 43.42
CA GLU F 243 -8.13 -11.85 44.73
C GLU F 243 -7.27 -12.90 45.43
N GLN F 244 -6.82 -13.91 44.69
CA GLN F 244 -6.01 -14.97 45.27
C GLN F 244 -4.70 -14.42 45.84
N ASP F 245 -3.99 -13.59 45.07
CA ASP F 245 -2.76 -12.98 45.58
C ASP F 245 -3.05 -12.08 46.79
N TRP F 246 -4.17 -11.37 46.73
CA TRP F 246 -4.52 -10.41 47.78
C TRP F 246 -4.84 -11.12 49.09
N GLN F 247 -5.45 -12.30 49.01
CA GLN F 247 -5.73 -13.07 50.23
C GLN F 247 -4.52 -13.88 50.69
N GLY F 248 -3.66 -14.30 49.77
CA GLY F 248 -2.39 -14.86 50.18
C GLY F 248 -1.50 -13.86 50.91
N ALA F 249 -1.72 -12.56 50.69
CA ALA F 249 -0.94 -11.54 51.39
C ALA F 249 -1.63 -10.94 52.61
N PHE F 250 -2.93 -10.64 52.55
CA PHE F 250 -3.62 -9.93 53.62
C PHE F 250 -4.74 -10.75 54.26
N GLY F 251 -4.80 -12.06 54.00
CA GLY F 251 -5.79 -12.95 54.59
C GLY F 251 -7.20 -12.83 54.02
N ARG F 252 -7.59 -11.61 53.66
CA ARG F 252 -8.95 -11.26 53.27
C ARG F 252 -9.01 -10.89 51.80
N THR F 253 -10.24 -10.80 51.29
CA THR F 253 -10.53 -9.97 50.13
C THR F 253 -11.12 -8.65 50.64
N SER F 254 -11.44 -7.75 49.71
CA SER F 254 -11.90 -6.39 50.01
C SER F 254 -10.75 -5.51 50.54
N ILE F 255 -10.88 -4.20 50.32
CA ILE F 255 -9.81 -3.24 50.59
C ILE F 255 -9.75 -2.84 52.07
N ARG G 34 -21.05 23.09 4.05
CA ARG G 34 -20.09 22.42 3.19
C ARG G 34 -20.73 21.24 2.44
N SER G 35 -22.05 21.30 2.27
CA SER G 35 -22.80 20.22 1.63
C SER G 35 -22.54 20.16 0.12
N MET G 36 -22.62 18.95 -0.44
CA MET G 36 -22.43 18.80 -1.88
C MET G 36 -23.61 19.40 -2.63
N GLU G 37 -23.40 19.67 -3.92
CA GLU G 37 -24.47 20.17 -4.78
C GLU G 37 -24.83 19.13 -5.83
N LEU G 38 -26.11 18.79 -5.90
CA LEU G 38 -26.61 17.77 -6.83
C LEU G 38 -27.52 18.43 -7.85
N TYR G 39 -27.20 18.26 -9.13
CA TYR G 39 -27.92 18.91 -10.23
C TYR G 39 -28.56 17.88 -11.15
N LEU G 40 -29.58 18.33 -11.88
CA LEU G 40 -30.17 17.55 -12.95
C LEU G 40 -29.61 18.06 -14.26
N ASP G 41 -29.22 17.13 -15.12
CA ASP G 41 -28.65 17.46 -16.41
C ASP G 41 -29.75 17.27 -17.44
N THR G 42 -30.55 18.33 -17.65
CA THR G 42 -31.73 18.23 -18.50
C THR G 42 -32.20 19.62 -18.90
N SER G 43 -33.04 19.66 -19.94
CA SER G 43 -33.81 20.86 -20.24
C SER G 43 -35.32 20.59 -20.21
N ASP G 44 -35.72 19.46 -19.64
CA ASP G 44 -37.09 18.95 -19.70
C ASP G 44 -37.82 19.46 -18.46
N VAL G 45 -38.62 20.54 -18.64
CA VAL G 45 -39.27 21.24 -17.54
C VAL G 45 -40.16 20.30 -16.71
N VAL G 46 -40.96 19.48 -17.40
CA VAL G 46 -41.87 18.56 -16.71
C VAL G 46 -41.08 17.64 -15.77
N ALA G 47 -40.01 17.02 -16.28
CA ALA G 47 -39.23 16.10 -15.45
C ALA G 47 -38.59 16.83 -14.28
N VAL G 48 -38.15 18.06 -14.50
CA VAL G 48 -37.58 18.83 -13.40
C VAL G 48 -38.61 19.06 -12.32
N LYS G 49 -39.85 19.40 -12.70
CA LYS G 49 -40.91 19.63 -11.72
C LYS G 49 -41.20 18.37 -10.92
N ALA G 50 -41.35 17.23 -11.61
CA ALA G 50 -41.59 15.96 -10.92
C ALA G 50 -40.42 15.59 -9.98
N LEU G 51 -39.19 15.63 -10.49
CA LEU G 51 -38.05 15.16 -9.71
C LEU G 51 -37.68 16.12 -8.59
N SER G 52 -37.99 17.42 -8.74
CA SER G 52 -37.74 18.37 -7.67
C SER G 52 -38.48 18.02 -6.39
N ARG G 53 -39.60 17.31 -6.50
CA ARG G 53 -40.35 16.93 -5.29
C ARG G 53 -39.60 15.87 -4.50
N ILE G 54 -38.95 14.95 -5.19
CA ILE G 54 -38.30 13.81 -4.56
C ILE G 54 -36.87 14.13 -4.14
N PHE G 55 -36.03 14.71 -5.09
CA PHE G 55 -34.60 14.83 -4.88
C PHE G 55 -34.22 16.13 -4.17
N PRO G 56 -33.12 16.12 -3.44
CA PRO G 56 -32.57 17.37 -2.89
C PRO G 56 -31.66 18.05 -3.92
N LEU G 57 -32.30 18.68 -4.92
CA LEU G 57 -31.63 19.25 -6.08
C LEU G 57 -31.11 20.65 -5.79
N ALA G 58 -29.88 20.91 -6.24
CA ALA G 58 -29.29 22.24 -6.16
C ALA G 58 -29.58 23.08 -7.39
N GLY G 59 -30.08 22.51 -8.45
CA GLY G 59 -30.35 23.26 -9.66
C GLY G 59 -30.32 22.37 -10.88
N VAL G 60 -30.13 22.99 -12.04
CA VAL G 60 -30.26 22.32 -13.32
C VAL G 60 -29.16 22.82 -14.23
N THR G 61 -28.47 21.90 -14.89
CA THR G 61 -27.49 22.23 -15.92
C THR G 61 -28.10 21.92 -17.27
N THR G 62 -28.04 22.88 -18.19
CA THR G 62 -28.46 22.69 -19.57
C THR G 62 -27.22 22.76 -20.46
N ASN G 63 -27.33 22.17 -21.66
CA ASN G 63 -26.31 22.29 -22.69
C ASN G 63 -27.04 22.49 -24.02
N PRO G 64 -26.34 22.85 -25.10
CA PRO G 64 -27.07 23.17 -26.34
C PRO G 64 -27.87 22.00 -26.90
N SER G 65 -27.44 20.76 -26.67
CA SER G 65 -28.18 19.61 -27.18
C SER G 65 -29.48 19.38 -26.40
N THR G 66 -29.48 19.54 -25.09
CA THR G 66 -30.76 19.33 -24.40
C THR G 66 -31.68 20.54 -24.56
N ILE G 67 -31.12 21.74 -24.67
CA ILE G 67 -31.95 22.88 -25.03
C ILE G 67 -32.60 22.64 -26.40
N ALA G 68 -31.80 22.27 -27.39
CA ALA G 68 -32.32 22.02 -28.73
C ALA G 68 -33.37 20.92 -28.73
N ALA G 69 -33.12 19.84 -27.97
CA ALA G 69 -34.08 18.76 -27.87
C ALA G 69 -35.42 19.25 -27.35
N GLY G 70 -35.40 20.17 -26.37
CA GLY G 70 -36.65 20.72 -25.87
C GLY G 70 -37.40 21.58 -26.87
N LYS G 71 -36.72 22.08 -27.90
CA LYS G 71 -37.28 22.90 -28.97
C LYS G 71 -37.72 24.30 -28.51
N LYS G 72 -37.46 24.66 -27.27
CA LYS G 72 -37.84 26.01 -26.87
C LYS G 72 -36.60 26.87 -26.66
N PRO G 73 -36.61 28.12 -27.12
CA PRO G 73 -35.42 28.98 -26.99
C PRO G 73 -35.11 29.30 -25.54
N LEU G 74 -33.86 29.76 -25.33
CA LEU G 74 -33.36 30.00 -23.99
C LEU G 74 -34.26 30.97 -23.22
N ASP G 75 -34.75 32.00 -23.89
CA ASP G 75 -35.53 33.03 -23.21
C ASP G 75 -36.88 32.50 -22.75
N VAL G 76 -37.31 31.38 -23.31
CA VAL G 76 -38.49 30.68 -22.84
C VAL G 76 -38.13 29.60 -21.85
N VAL G 77 -37.17 28.72 -22.19
CA VAL G 77 -37.01 27.52 -21.37
C VAL G 77 -36.30 27.82 -20.06
N LEU G 78 -35.39 28.79 -20.02
CA LEU G 78 -34.66 29.06 -18.78
C LEU G 78 -35.58 29.54 -17.66
N PRO G 79 -36.47 30.54 -17.87
CA PRO G 79 -37.41 30.89 -16.79
C PRO G 79 -38.31 29.73 -16.43
N GLN G 80 -38.72 28.93 -17.42
CA GLN G 80 -39.54 27.76 -17.11
C GLN G 80 -38.81 26.78 -16.20
N LEU G 81 -37.53 26.53 -16.44
CA LEU G 81 -36.81 25.61 -15.56
C LEU G 81 -36.68 26.20 -14.16
N HIS G 82 -36.40 27.50 -14.09
CA HIS G 82 -36.32 28.14 -12.77
C HIS G 82 -37.64 28.01 -12.02
N GLU G 83 -38.77 28.24 -12.71
CA GLU G 83 -40.08 28.11 -12.09
C GLU G 83 -40.32 26.69 -11.63
N ALA G 84 -39.91 25.71 -12.45
CA ALA G 84 -40.10 24.30 -12.12
C ALA G 84 -39.34 23.90 -10.86
N MET G 85 -38.26 24.62 -10.53
CA MET G 85 -37.60 24.41 -9.24
C MET G 85 -38.08 25.37 -8.16
N GLY G 86 -39.26 25.94 -8.30
CA GLY G 86 -39.79 26.81 -7.26
C GLY G 86 -39.02 28.10 -7.07
N GLY G 87 -38.35 28.60 -8.11
CA GLY G 87 -37.55 29.79 -8.03
C GLY G 87 -36.23 29.64 -7.31
N GLN G 88 -35.97 28.49 -6.68
CA GLN G 88 -34.71 28.23 -5.99
C GLN G 88 -33.72 27.53 -6.93
N GLY G 89 -32.48 27.44 -6.47
CA GLY G 89 -31.49 26.66 -7.20
C GLY G 89 -30.81 27.46 -8.28
N ARG G 90 -29.70 26.89 -8.77
CA ARG G 90 -28.85 27.53 -9.75
C ARG G 90 -29.13 26.95 -11.13
N LEU G 91 -29.10 27.81 -12.14
CA LEU G 91 -29.18 27.37 -13.52
C LEU G 91 -27.83 27.54 -14.19
N PHE G 92 -27.52 26.64 -15.14
CA PHE G 92 -26.34 26.73 -15.99
C PHE G 92 -26.75 26.62 -17.45
N ALA G 93 -26.14 27.45 -18.30
CA ALA G 93 -26.37 27.37 -19.74
C ALA G 93 -25.07 27.70 -20.47
N THR G 94 -24.97 27.22 -21.71
CA THR G 94 -23.71 27.18 -22.45
C THR G 94 -23.66 28.28 -23.50
N VAL G 95 -22.53 29.00 -23.57
CA VAL G 95 -22.29 29.91 -24.71
C VAL G 95 -22.21 29.12 -26.01
N MET G 96 -22.49 29.83 -27.12
CA MET G 96 -22.46 29.26 -28.46
C MET G 96 -21.45 29.90 -29.39
N ALA G 97 -20.97 31.10 -29.08
CA ALA G 97 -20.06 31.79 -29.99
C ALA G 97 -18.71 31.10 -30.06
N THR G 98 -18.01 31.33 -31.17
CA THR G 98 -16.72 30.72 -31.44
C THR G 98 -15.55 31.54 -30.88
N THR G 99 -15.62 32.85 -30.94
CA THR G 99 -14.53 33.66 -30.43
C THR G 99 -14.76 34.04 -28.96
N ALA G 100 -13.66 34.34 -28.27
CA ALA G 100 -13.75 34.70 -26.86
C ALA G 100 -14.70 35.86 -26.63
N GLU G 101 -14.57 36.90 -27.45
CA GLU G 101 -15.40 38.10 -27.30
C GLU G 101 -16.87 37.80 -27.59
N GLY G 102 -17.15 37.00 -28.62
CA GLY G 102 -18.51 36.56 -28.85
C GLY G 102 -19.05 35.71 -27.71
N MET G 103 -18.19 34.94 -27.05
CA MET G 103 -18.61 34.16 -25.89
C MET G 103 -18.95 35.07 -24.71
N VAL G 104 -18.22 36.18 -24.55
CA VAL G 104 -18.59 37.15 -23.53
C VAL G 104 -19.96 37.77 -23.84
N ASN G 105 -20.22 38.04 -25.12
CA ASN G 105 -21.53 38.60 -25.48
C ASN G 105 -22.65 37.60 -25.20
N ASP G 106 -22.41 36.32 -25.51
CA ASP G 106 -23.37 35.27 -25.13
C ASP G 106 -23.60 35.26 -23.63
N ALA G 107 -22.53 35.35 -22.85
CA ALA G 107 -22.68 35.38 -21.40
C ALA G 107 -23.58 36.54 -20.97
N LEU G 108 -23.38 37.71 -21.56
CA LEU G 108 -24.18 38.88 -21.19
C LEU G 108 -25.65 38.63 -21.49
N LYS G 109 -25.95 38.06 -22.66
CA LYS G 109 -27.33 37.69 -22.99
C LYS G 109 -27.90 36.68 -21.99
N LEU G 110 -27.14 35.61 -21.70
CA LEU G 110 -27.63 34.61 -20.76
C LEU G 110 -27.95 35.24 -19.42
N ARG G 111 -27.07 36.12 -18.92
CA ARG G 111 -27.31 36.76 -17.64
C ARG G 111 -28.51 37.69 -17.70
N SER G 112 -28.76 38.31 -18.84
CA SER G 112 -29.95 39.16 -18.95
C SER G 112 -31.21 38.32 -18.90
N ILE G 113 -31.14 37.05 -19.33
CA ILE G 113 -32.29 36.18 -19.18
C ILE G 113 -32.43 35.70 -17.73
N ILE G 114 -31.34 35.24 -17.14
CA ILE G 114 -31.34 34.75 -15.76
C ILE G 114 -30.21 35.43 -15.03
N ALA G 115 -30.56 36.31 -14.09
CA ALA G 115 -29.59 37.26 -13.56
C ALA G 115 -28.44 36.56 -12.86
N ASP G 116 -28.69 35.41 -12.22
CA ASP G 116 -27.65 34.71 -11.49
C ASP G 116 -27.27 33.38 -12.14
N ILE G 117 -27.45 33.27 -13.46
CA ILE G 117 -27.06 32.06 -14.16
C ILE G 117 -25.53 31.89 -14.14
N VAL G 118 -25.10 30.65 -14.16
CA VAL G 118 -23.68 30.32 -14.32
C VAL G 118 -23.44 29.97 -15.78
N VAL G 119 -22.46 30.61 -16.39
CA VAL G 119 -22.22 30.49 -17.82
C VAL G 119 -21.22 29.36 -18.06
N LYS G 120 -21.62 28.36 -18.85
CA LYS G 120 -20.76 27.25 -19.20
C LYS G 120 -19.95 27.65 -20.43
N VAL G 121 -18.63 27.41 -20.39
CA VAL G 121 -17.74 27.75 -21.48
C VAL G 121 -16.94 26.50 -21.83
N PRO G 122 -17.06 25.95 -23.04
CA PRO G 122 -16.19 24.82 -23.43
C PRO G 122 -14.73 25.24 -23.32
N VAL G 123 -13.91 24.36 -22.73
CA VAL G 123 -12.53 24.69 -22.40
C VAL G 123 -11.65 24.43 -23.63
N THR G 124 -11.76 25.33 -24.61
CA THR G 124 -10.83 25.50 -25.71
C THR G 124 -9.97 26.72 -25.40
N ALA G 125 -9.03 27.02 -26.32
CA ALA G 125 -8.21 28.22 -26.17
C ALA G 125 -9.05 29.48 -26.10
N GLU G 126 -9.92 29.68 -27.09
CA GLU G 126 -10.83 30.83 -27.02
C GLU G 126 -11.67 30.76 -25.75
N GLY G 127 -12.09 29.55 -25.38
CA GLY G 127 -12.86 29.41 -24.15
C GLY G 127 -12.11 29.87 -22.92
N LEU G 128 -10.82 29.51 -22.84
CA LEU G 128 -10.00 30.00 -21.73
C LEU G 128 -9.93 31.52 -21.75
N ALA G 129 -9.74 32.11 -22.93
CA ALA G 129 -9.70 33.57 -23.00
C ALA G 129 -11.01 34.16 -22.50
N ALA G 130 -12.13 33.55 -22.93
CA ALA G 130 -13.46 33.99 -22.49
C ALA G 130 -13.60 33.87 -20.97
N ILE G 131 -13.10 32.77 -20.40
CA ILE G 131 -13.24 32.58 -18.96
C ILE G 131 -12.47 33.66 -18.21
N LYS G 132 -11.29 34.02 -18.71
CA LYS G 132 -10.55 35.13 -18.08
C LYS G 132 -11.34 36.43 -18.20
N MET G 133 -11.85 36.71 -19.40
CA MET G 133 -12.62 37.92 -19.58
C MET G 133 -13.81 37.96 -18.63
N LEU G 134 -14.52 36.84 -18.50
CA LEU G 134 -15.71 36.80 -17.65
C LEU G 134 -15.37 36.91 -16.17
N LYS G 135 -14.22 36.38 -15.75
CA LYS G 135 -13.76 36.61 -14.39
C LYS G 135 -13.55 38.10 -14.14
N ALA G 136 -12.96 38.80 -15.13
CA ALA G 136 -12.81 40.25 -15.01
C ALA G 136 -14.16 40.96 -14.96
N GLU G 137 -15.16 40.45 -15.68
CA GLU G 137 -16.50 41.05 -15.64
C GLU G 137 -17.31 40.63 -14.42
N GLY G 138 -16.83 39.67 -13.62
CA GLY G 138 -17.57 39.23 -12.46
C GLY G 138 -18.72 38.29 -12.73
N ILE G 139 -18.72 37.58 -13.85
CA ILE G 139 -19.79 36.65 -14.19
C ILE G 139 -19.31 35.24 -13.89
N PRO G 140 -20.00 34.47 -13.04
CA PRO G 140 -19.53 33.12 -12.71
C PRO G 140 -19.55 32.19 -13.92
N THR G 141 -18.53 31.34 -14.02
CA THR G 141 -18.39 30.44 -15.15
C THR G 141 -18.10 29.02 -14.69
N LEU G 142 -18.44 28.10 -15.58
CA LEU G 142 -18.08 26.68 -15.44
C LEU G 142 -17.30 26.31 -16.70
N GLY G 143 -16.15 25.66 -16.52
CA GLY G 143 -15.44 25.09 -17.65
C GLY G 143 -16.02 23.75 -18.07
N THR G 144 -16.58 23.65 -19.26
CA THR G 144 -17.23 22.42 -19.67
C THR G 144 -16.46 21.74 -20.81
N ALA G 145 -16.93 20.55 -21.15
CA ALA G 145 -16.31 19.70 -22.17
C ALA G 145 -14.85 19.46 -21.81
N VAL G 146 -14.64 19.09 -20.54
CA VAL G 146 -13.31 18.82 -20.02
C VAL G 146 -13.05 17.33 -20.18
N TYR G 147 -11.96 17.00 -20.88
CA TYR G 147 -11.58 15.62 -21.13
C TYR G 147 -10.32 15.20 -20.41
N GLY G 148 -9.61 16.12 -19.78
CA GLY G 148 -8.41 15.76 -19.04
C GLY G 148 -8.19 16.70 -17.89
N ALA G 149 -7.39 16.25 -16.94
CA ALA G 149 -7.27 16.97 -15.68
C ALA G 149 -6.55 18.29 -15.86
N ALA G 150 -5.50 18.33 -16.70
CA ALA G 150 -4.77 19.59 -16.87
C ALA G 150 -5.64 20.64 -17.56
N GLN G 151 -6.40 20.24 -18.58
CA GLN G 151 -7.34 21.16 -19.21
C GLN G 151 -8.35 21.70 -18.19
N GLY G 152 -8.90 20.82 -17.34
CA GLY G 152 -9.81 21.29 -16.31
C GLY G 152 -9.16 22.27 -15.35
N LEU G 153 -7.94 21.95 -14.89
CA LEU G 153 -7.28 22.84 -13.95
C LEU G 153 -7.04 24.20 -14.59
N LEU G 154 -6.67 24.21 -15.89
CA LEU G 154 -6.44 25.47 -16.57
C LEU G 154 -7.69 26.32 -16.53
N SER G 155 -8.86 25.72 -16.79
CA SER G 155 -10.09 26.52 -16.77
C SER G 155 -10.35 27.09 -15.38
N ALA G 156 -10.05 26.33 -14.32
CA ALA G 156 -10.18 26.89 -12.97
C ALA G 156 -9.21 28.07 -12.73
N LEU G 157 -7.94 27.89 -13.09
CA LEU G 157 -6.97 28.98 -12.95
C LEU G 157 -7.41 30.23 -13.70
N ALA G 158 -8.02 30.05 -14.87
CA ALA G 158 -8.58 31.15 -15.63
C ALA G 158 -9.72 31.83 -14.89
N GLY G 159 -10.36 31.14 -13.94
CA GLY G 159 -11.42 31.78 -13.16
C GLY G 159 -12.70 30.96 -12.98
N ALA G 160 -12.84 29.83 -13.66
CA ALA G 160 -14.10 29.08 -13.57
C ALA G 160 -14.31 28.59 -12.14
N GLU G 161 -15.54 28.72 -11.66
CA GLU G 161 -15.89 28.28 -10.31
C GLU G 161 -16.31 26.81 -10.27
N TYR G 162 -16.67 26.26 -11.43
CA TYR G 162 -16.94 24.85 -11.61
C TYR G 162 -16.15 24.37 -12.82
N VAL G 163 -15.72 23.11 -12.76
CA VAL G 163 -15.08 22.44 -13.88
C VAL G 163 -15.81 21.11 -14.09
N ALA G 164 -16.28 20.87 -15.33
CA ALA G 164 -17.10 19.69 -15.61
C ALA G 164 -16.38 18.73 -16.53
N PRO G 165 -15.65 17.73 -15.98
CA PRO G 165 -15.20 16.63 -16.83
C PRO G 165 -16.38 15.81 -17.29
N TYR G 166 -16.29 15.28 -18.52
CA TYR G 166 -17.28 14.37 -19.08
C TYR G 166 -16.86 12.93 -18.77
N VAL G 167 -17.33 12.40 -17.64
CA VAL G 167 -16.85 11.10 -17.14
C VAL G 167 -17.02 10.00 -18.18
N ASN G 168 -18.27 9.76 -18.60
CA ASN G 168 -18.52 8.63 -19.48
C ASN G 168 -17.89 8.84 -20.85
N ARG G 169 -17.83 10.06 -21.35
CA ARG G 169 -17.19 10.36 -22.61
C ARG G 169 -15.73 10.09 -22.53
N ILE G 170 -15.10 10.40 -21.41
CA ILE G 170 -13.67 10.10 -21.26
C ILE G 170 -13.45 8.61 -21.36
N ASP G 171 -14.29 7.81 -20.69
CA ASP G 171 -14.21 6.36 -20.83
C ASP G 171 -14.28 5.98 -22.31
N ALA G 172 -15.31 6.46 -23.01
CA ALA G 172 -15.58 6.01 -24.37
C ALA G 172 -14.44 6.28 -25.34
N GLN G 173 -13.59 7.28 -25.10
CA GLN G 173 -12.40 7.37 -25.93
C GLN G 173 -11.21 6.64 -25.31
N GLY G 174 -11.45 5.58 -24.53
CA GLY G 174 -10.39 4.73 -24.02
C GLY G 174 -9.60 5.27 -22.85
N GLY G 175 -10.16 6.16 -22.06
CA GLY G 175 -9.50 6.61 -20.85
C GLY G 175 -10.21 6.14 -19.60
N SER G 176 -10.10 6.90 -18.52
CA SER G 176 -10.86 6.62 -17.31
C SER G 176 -11.45 7.94 -16.85
N GLY G 177 -12.77 8.08 -16.98
CA GLY G 177 -13.44 9.24 -16.41
C GLY G 177 -13.20 9.36 -14.91
N ILE G 178 -13.25 8.23 -14.19
CA ILE G 178 -13.09 8.29 -12.74
C ILE G 178 -11.70 8.80 -12.37
N GLN G 179 -10.67 8.31 -13.05
CA GLN G 179 -9.31 8.78 -12.76
C GLN G 179 -9.15 10.26 -13.08
N THR G 180 -9.75 10.72 -14.19
CA THR G 180 -9.69 12.15 -14.49
C THR G 180 -10.33 12.97 -13.39
N VAL G 181 -11.50 12.53 -12.90
CA VAL G 181 -12.17 13.25 -11.82
C VAL G 181 -11.28 13.24 -10.58
N THR G 182 -10.66 12.09 -10.29
CA THR G 182 -9.81 11.96 -9.10
C THR G 182 -8.66 12.95 -9.17
N ASP G 183 -7.92 12.93 -10.29
CA ASP G 183 -6.81 13.86 -10.48
C ASP G 183 -7.28 15.30 -10.47
N LEU G 184 -8.36 15.59 -11.22
CA LEU G 184 -8.84 16.97 -11.29
C LEU G 184 -9.21 17.50 -9.91
N HIS G 185 -9.89 16.68 -9.10
CA HIS G 185 -10.29 17.15 -7.79
C HIS G 185 -9.06 17.45 -6.93
N GLN G 186 -8.05 16.56 -6.97
CA GLN G 186 -6.80 16.85 -6.24
C GLN G 186 -6.17 18.16 -6.72
N LEU G 187 -6.12 18.35 -8.03
CA LEU G 187 -5.46 19.54 -8.58
C LEU G 187 -6.20 20.80 -8.17
N LEU G 188 -7.54 20.78 -8.23
CA LEU G 188 -8.28 21.96 -7.79
C LEU G 188 -8.05 22.22 -6.32
N LYS G 189 -8.07 21.17 -5.48
CA LYS G 189 -7.97 21.44 -4.04
C LYS G 189 -6.59 21.99 -3.69
N MET G 190 -5.54 21.51 -4.37
CA MET G 190 -4.20 22.03 -4.09
C MET G 190 -3.93 23.38 -4.75
N HIS G 191 -4.37 23.57 -6.01
CA HIS G 191 -3.84 24.60 -6.90
C HIS G 191 -4.86 25.63 -7.38
N ALA G 192 -6.15 25.42 -7.16
CA ALA G 192 -7.18 26.36 -7.57
C ALA G 192 -8.38 26.18 -6.66
N PRO G 193 -8.22 26.44 -5.36
CA PRO G 193 -9.21 25.96 -4.37
C PRO G 193 -10.52 26.70 -4.39
N GLN G 194 -10.66 27.75 -5.20
CA GLN G 194 -11.97 28.39 -5.36
C GLN G 194 -12.88 27.62 -6.30
N ALA G 195 -12.38 26.61 -7.01
CA ALA G 195 -13.19 25.85 -7.94
C ALA G 195 -13.57 24.47 -7.41
N LYS G 196 -14.69 23.97 -7.90
CA LYS G 196 -15.19 22.65 -7.58
C LYS G 196 -15.26 21.86 -8.85
N VAL G 197 -15.14 20.55 -8.73
CA VAL G 197 -15.51 19.67 -9.82
C VAL G 197 -17.03 19.54 -9.84
N LEU G 198 -17.62 19.60 -11.03
CA LEU G 198 -19.04 19.32 -11.23
C LEU G 198 -19.07 18.26 -12.31
N ALA G 199 -18.99 17.00 -11.91
CA ALA G 199 -18.86 15.91 -12.89
C ALA G 199 -20.15 15.74 -13.67
N ALA G 200 -20.00 15.47 -14.97
CA ALA G 200 -21.15 15.23 -15.85
C ALA G 200 -20.90 13.97 -16.67
N SER G 201 -21.89 13.64 -17.49
CA SER G 201 -21.79 12.54 -18.45
C SER G 201 -21.80 11.20 -17.72
N PHE G 202 -22.98 10.69 -17.43
CA PHE G 202 -23.10 9.44 -16.70
C PHE G 202 -24.00 8.48 -17.44
N LYS G 203 -23.64 7.21 -17.38
CA LYS G 203 -24.52 6.15 -17.83
C LYS G 203 -25.05 5.28 -16.69
N THR G 204 -24.42 5.30 -15.52
CA THR G 204 -24.86 4.52 -14.38
C THR G 204 -24.76 5.33 -13.10
N PRO G 205 -25.63 5.04 -12.12
CA PRO G 205 -25.46 5.66 -10.79
C PRO G 205 -24.11 5.36 -10.16
N ARG G 206 -23.54 4.18 -10.44
CA ARG G 206 -22.26 3.80 -9.86
C ARG G 206 -21.14 4.74 -10.28
N GLN G 207 -21.11 5.19 -11.55
CA GLN G 207 -20.11 6.17 -11.97
C GLN G 207 -20.16 7.41 -11.10
N ALA G 208 -21.39 7.90 -10.86
CA ALA G 208 -21.54 9.12 -10.07
C ALA G 208 -21.14 8.87 -8.62
N LEU G 209 -21.51 7.69 -8.09
CA LEU G 209 -21.05 7.30 -6.76
C LEU G 209 -19.53 7.31 -6.68
N ASP G 210 -18.87 6.70 -7.68
CA ASP G 210 -17.41 6.64 -7.67
C ASP G 210 -16.79 8.03 -7.77
N CYS G 211 -17.44 8.97 -8.50
CA CYS G 211 -16.92 10.33 -8.51
C CYS G 211 -17.01 10.99 -7.14
N LEU G 212 -18.15 10.81 -6.46
CA LEU G 212 -18.31 11.40 -5.14
C LEU G 212 -17.33 10.78 -4.14
N LEU G 213 -17.10 9.48 -4.25
CA LEU G 213 -16.16 8.84 -3.36
C LEU G 213 -14.74 9.34 -3.60
N ALA G 214 -14.45 9.84 -4.79
CA ALA G 214 -13.15 10.45 -5.06
C ALA G 214 -13.06 11.91 -4.62
N GLY G 215 -14.11 12.46 -4.03
CA GLY G 215 -14.04 13.79 -3.43
C GLY G 215 -14.76 14.87 -4.21
N CYS G 216 -15.15 14.56 -5.44
CA CYS G 216 -15.79 15.51 -6.32
C CYS G 216 -17.03 16.12 -5.68
N GLU G 217 -17.09 17.45 -5.64
CA GLU G 217 -18.01 18.15 -4.73
C GLU G 217 -19.38 18.47 -5.34
N SER G 218 -19.57 18.22 -6.62
CA SER G 218 -20.89 18.41 -7.22
C SER G 218 -20.97 17.51 -8.45
N ILE G 219 -22.19 17.40 -8.95
CA ILE G 219 -22.51 16.35 -9.89
C ILE G 219 -23.83 16.71 -10.55
N THR G 220 -23.95 16.44 -11.86
CA THR G 220 -25.20 16.64 -12.55
C THR G 220 -25.56 15.35 -13.24
N LEU G 221 -26.76 14.83 -12.93
CA LEU G 221 -27.21 13.53 -13.38
C LEU G 221 -28.21 13.68 -14.49
N PRO G 222 -28.07 12.92 -15.57
CA PRO G 222 -29.11 12.90 -16.60
C PRO G 222 -30.34 12.18 -16.06
N LEU G 223 -31.43 12.28 -16.83
CA LEU G 223 -32.74 11.85 -16.32
C LEU G 223 -32.77 10.36 -16.00
N ASP G 224 -32.27 9.51 -16.91
CA ASP G 224 -32.37 8.08 -16.69
C ASP G 224 -31.55 7.64 -15.48
N VAL G 225 -30.36 8.22 -15.28
CA VAL G 225 -29.58 7.85 -14.12
C VAL G 225 -30.29 8.31 -12.85
N ALA G 226 -30.89 9.50 -12.88
CA ALA G 226 -31.63 9.96 -11.71
C ALA G 226 -32.80 9.03 -11.41
N GLN G 227 -33.44 8.50 -12.44
CA GLN G 227 -34.60 7.64 -12.24
C GLN G 227 -34.20 6.24 -11.76
N GLN G 228 -33.02 5.75 -12.13
CA GLN G 228 -32.55 4.49 -11.57
C GLN G 228 -32.29 4.57 -10.06
N MET G 229 -32.31 5.77 -9.48
CA MET G 229 -32.04 5.97 -8.06
C MET G 229 -33.32 6.11 -7.23
N GLN G 230 -34.43 5.56 -7.72
CA GLN G 230 -35.72 5.59 -7.02
C GLN G 230 -36.26 4.20 -6.70
N SER G 231 -35.48 3.15 -6.92
CA SER G 231 -36.03 1.80 -6.89
C SER G 231 -35.89 1.13 -5.53
N TYR G 232 -34.81 0.36 -5.37
CA TYR G 232 -34.48 -0.51 -4.24
CA TYR G 232 -34.50 -0.46 -4.20
C TYR G 232 -35.68 -1.33 -3.77
N PRO G 233 -35.83 -2.54 -4.32
CA PRO G 233 -36.94 -3.41 -3.88
C PRO G 233 -36.75 -3.97 -2.48
N ALA G 234 -35.50 -4.10 -2.01
CA ALA G 234 -35.28 -4.57 -0.63
C ALA G 234 -35.89 -3.60 0.37
N VAL G 235 -35.84 -2.29 0.09
CA VAL G 235 -36.49 -1.32 0.97
C VAL G 235 -37.99 -1.55 1.00
N ASP G 236 -38.59 -1.77 -0.18
CA ASP G 236 -40.02 -2.05 -0.27
C ASP G 236 -40.39 -3.26 0.57
N ALA G 237 -39.63 -4.36 0.44
CA ALA G 237 -39.93 -5.56 1.22
C ALA G 237 -39.74 -5.33 2.72
N ALA G 238 -38.78 -4.50 3.12
CA ALA G 238 -38.61 -4.21 4.54
C ALA G 238 -39.78 -3.41 5.09
N VAL G 239 -40.26 -2.43 4.32
CA VAL G 239 -41.47 -1.70 4.73
C VAL G 239 -42.67 -2.63 4.75
N ALA G 240 -42.74 -3.58 3.81
CA ALA G 240 -43.84 -4.53 3.76
C ALA G 240 -43.86 -5.42 4.99
N LYS G 241 -42.68 -5.88 5.43
CA LYS G 241 -42.58 -6.70 6.65
C LYS G 241 -42.91 -5.87 7.89
N PHE G 242 -42.48 -4.60 7.92
CA PHE G 242 -42.93 -3.68 8.97
C PHE G 242 -44.44 -3.62 9.05
N GLU G 243 -45.09 -3.45 7.90
CA GLU G 243 -46.55 -3.37 7.88
C GLU G 243 -47.19 -4.69 8.29
N GLN G 244 -46.60 -5.82 7.89
CA GLN G 244 -47.19 -7.10 8.27
C GLN G 244 -47.11 -7.31 9.79
N ASP G 245 -45.97 -6.97 10.39
CA ASP G 245 -45.85 -7.11 11.84
C ASP G 245 -46.79 -6.14 12.57
N TRP G 246 -46.89 -4.91 12.06
CA TRP G 246 -47.76 -3.90 12.69
C TRP G 246 -49.22 -4.32 12.62
N GLN G 247 -49.69 -4.69 11.41
CA GLN G 247 -51.03 -5.26 11.21
C GLN G 247 -50.94 -6.76 11.51
N GLY G 248 -50.86 -7.05 12.80
CA GLY G 248 -50.65 -8.40 13.28
C GLY G 248 -50.49 -8.34 14.77
N ALA G 249 -49.84 -7.27 15.24
CA ALA G 249 -49.93 -6.92 16.64
C ALA G 249 -51.11 -6.00 16.92
N PHE G 250 -51.41 -5.09 15.99
CA PHE G 250 -52.55 -4.19 16.07
C PHE G 250 -53.54 -4.53 14.95
N GLY G 251 -54.53 -3.68 14.76
CA GLY G 251 -55.43 -3.84 13.65
C GLY G 251 -55.33 -2.69 12.66
N ARG G 252 -54.11 -2.37 12.28
CA ARG G 252 -53.82 -1.10 11.62
C ARG G 252 -52.58 -1.25 10.75
N THR G 253 -52.56 -0.54 9.62
CA THR G 253 -51.29 -0.19 8.98
C THR G 253 -50.92 1.26 9.22
N SER G 254 -51.84 2.05 9.76
CA SER G 254 -51.59 3.44 10.11
C SER G 254 -51.06 3.55 11.54
N ILE G 255 -50.66 4.76 11.90
CA ILE G 255 -49.99 4.99 13.16
C ILE G 255 -50.99 5.40 14.25
N SER H 35 -4.54 29.90 -7.21
CA SER H 35 -3.54 29.82 -6.13
C SER H 35 -2.18 29.29 -6.59
N MET H 36 -2.16 28.40 -7.59
CA MET H 36 -0.87 28.06 -8.21
C MET H 36 -0.49 29.12 -9.24
N GLU H 37 0.80 29.18 -9.54
CA GLU H 37 1.34 30.18 -10.45
C GLU H 37 1.84 29.50 -11.71
N LEU H 38 1.22 29.83 -12.85
CA LEU H 38 1.62 29.29 -14.13
C LEU H 38 2.49 30.34 -14.82
N TYR H 39 3.68 29.95 -15.24
CA TYR H 39 4.61 30.84 -15.93
C TYR H 39 4.89 30.31 -17.32
N LEU H 40 5.31 31.21 -18.20
CA LEU H 40 5.75 30.90 -19.54
C LEU H 40 7.27 31.01 -19.58
N ASP H 41 7.93 29.99 -20.12
CA ASP H 41 9.39 29.90 -20.15
C ASP H 41 9.88 30.26 -21.55
N THR H 42 9.99 31.56 -21.79
CA THR H 42 10.36 32.07 -23.11
C THR H 42 10.89 33.48 -22.96
N SER H 43 11.60 33.93 -24.00
CA SER H 43 11.90 35.34 -24.17
C SER H 43 11.21 35.90 -25.42
N ASP H 44 10.30 35.16 -26.02
CA ASP H 44 9.65 35.53 -27.29
C ASP H 44 8.45 36.42 -26.98
N VAL H 45 8.61 37.73 -27.21
CA VAL H 45 7.62 38.74 -26.87
C VAL H 45 6.32 38.54 -27.64
N VAL H 46 6.41 38.06 -28.88
CA VAL H 46 5.22 37.76 -29.66
C VAL H 46 4.44 36.63 -29.02
N ALA H 47 5.14 35.54 -28.66
CA ALA H 47 4.48 34.41 -28.00
C ALA H 47 3.88 34.84 -26.68
N VAL H 48 4.58 35.67 -25.92
CA VAL H 48 4.05 36.11 -24.63
C VAL H 48 2.76 36.88 -24.81
N LYS H 49 2.71 37.77 -25.81
CA LYS H 49 1.48 38.54 -26.00
C LYS H 49 0.34 37.65 -26.46
N ALA H 50 0.61 36.72 -27.38
CA ALA H 50 -0.45 35.82 -27.83
C ALA H 50 -0.97 34.94 -26.69
N LEU H 51 -0.05 34.29 -25.96
CA LEU H 51 -0.49 33.32 -24.95
C LEU H 51 -0.98 33.99 -23.68
N SER H 52 -0.60 35.24 -23.42
CA SER H 52 -1.20 35.99 -22.31
C SER H 52 -2.69 36.11 -22.46
N ARG H 53 -3.16 36.13 -23.70
CA ARG H 53 -4.60 36.23 -23.95
C ARG H 53 -5.33 34.95 -23.54
N ILE H 54 -4.73 33.79 -23.83
CA ILE H 54 -5.33 32.49 -23.58
C ILE H 54 -5.13 32.03 -22.15
N PHE H 55 -3.89 31.88 -21.74
CA PHE H 55 -3.59 31.22 -20.48
C PHE H 55 -3.62 32.20 -19.33
N PRO H 56 -3.95 31.70 -18.14
CA PRO H 56 -3.81 32.53 -16.93
C PRO H 56 -2.35 32.54 -16.48
N LEU H 57 -1.54 33.40 -17.12
CA LEU H 57 -0.13 33.51 -16.79
C LEU H 57 0.06 34.38 -15.56
N ALA H 58 0.89 33.91 -14.64
CA ALA H 58 1.38 34.72 -13.55
C ALA H 58 2.66 35.47 -13.92
N GLY H 59 3.32 35.08 -15.01
CA GLY H 59 4.52 35.79 -15.40
C GLY H 59 5.26 35.05 -16.48
N VAL H 60 6.53 35.42 -16.63
CA VAL H 60 7.41 34.90 -17.66
C VAL H 60 8.78 34.68 -17.03
N THR H 61 9.41 33.54 -17.31
CA THR H 61 10.76 33.28 -16.87
C THR H 61 11.68 33.30 -18.08
N THR H 62 12.76 34.05 -17.96
CA THR H 62 13.81 34.08 -18.99
C THR H 62 15.04 33.37 -18.44
N ASN H 63 15.86 32.88 -19.35
CA ASN H 63 17.17 32.37 -18.98
C ASN H 63 18.17 32.88 -20.02
N PRO H 64 19.49 32.68 -19.84
CA PRO H 64 20.43 33.29 -20.79
C PRO H 64 20.24 32.81 -22.21
N SER H 65 19.89 31.54 -22.40
CA SER H 65 19.78 30.97 -23.72
C SER H 65 18.61 31.56 -24.51
N THR H 66 17.46 31.78 -23.86
CA THR H 66 16.32 32.31 -24.62
C THR H 66 16.42 33.82 -24.80
N ILE H 67 17.11 34.50 -23.89
CA ILE H 67 17.47 35.90 -24.12
C ILE H 67 18.36 36.01 -25.35
N ALA H 68 19.42 35.20 -25.39
CA ALA H 68 20.34 35.21 -26.52
C ALA H 68 19.61 34.88 -27.82
N ALA H 69 18.86 33.78 -27.84
CA ALA H 69 18.14 33.40 -29.04
C ALA H 69 17.18 34.49 -29.50
N GLY H 70 16.80 35.40 -28.60
CA GLY H 70 16.00 36.55 -28.97
C GLY H 70 16.78 37.72 -29.53
N LYS H 71 18.12 37.68 -29.51
CA LYS H 71 18.98 38.67 -30.16
C LYS H 71 18.86 40.06 -29.53
N LYS H 72 17.99 40.22 -28.54
CA LYS H 72 17.78 41.54 -27.98
C LYS H 72 18.35 41.63 -26.56
N PRO H 73 18.99 42.74 -26.21
CA PRO H 73 19.58 42.85 -24.88
C PRO H 73 18.51 42.95 -23.80
N LEU H 74 18.94 42.66 -22.57
CA LEU H 74 18.04 42.69 -21.41
C LEU H 74 17.29 44.00 -21.31
N ASP H 75 17.99 45.13 -21.54
CA ASP H 75 17.38 46.44 -21.40
C ASP H 75 16.30 46.72 -22.42
N VAL H 76 16.24 45.96 -23.51
CA VAL H 76 15.18 46.09 -24.51
C VAL H 76 14.07 45.06 -24.28
N VAL H 77 14.45 43.78 -24.16
CA VAL H 77 13.45 42.71 -24.16
C VAL H 77 12.73 42.57 -22.81
N LEU H 78 13.39 42.88 -21.69
CA LEU H 78 12.68 42.79 -20.41
C LEU H 78 11.48 43.72 -20.36
N PRO H 79 11.58 45.01 -20.71
CA PRO H 79 10.37 45.83 -20.74
C PRO H 79 9.38 45.42 -21.82
N GLN H 80 9.84 44.95 -22.98
CA GLN H 80 8.91 44.40 -23.97
C GLN H 80 8.13 43.21 -23.42
N LEU H 81 8.80 42.32 -22.68
CA LEU H 81 8.11 41.21 -22.04
C LEU H 81 7.11 41.71 -21.02
N HIS H 82 7.52 42.67 -20.19
CA HIS H 82 6.63 43.21 -19.18
C HIS H 82 5.37 43.82 -19.80
N GLU H 83 5.51 44.49 -20.94
CA GLU H 83 4.35 45.09 -21.59
C GLU H 83 3.51 44.04 -22.30
N ALA H 84 4.15 43.03 -22.90
CA ALA H 84 3.43 41.98 -23.63
C ALA H 84 2.41 41.23 -22.75
N MET H 85 2.59 41.23 -21.44
CA MET H 85 1.58 40.67 -20.54
C MET H 85 0.82 41.79 -19.82
N GLY H 86 0.68 42.95 -20.45
CA GLY H 86 -0.19 44.00 -19.95
C GLY H 86 0.23 44.61 -18.63
N GLY H 87 1.53 44.69 -18.35
CA GLY H 87 1.99 45.41 -17.18
C GLY H 87 1.79 44.68 -15.87
N GLN H 88 0.93 43.67 -15.88
CA GLN H 88 0.86 42.76 -14.76
C GLN H 88 1.85 41.62 -15.00
N GLY H 89 2.10 40.84 -13.96
CA GLY H 89 2.92 39.67 -14.15
C GLY H 89 4.32 39.84 -13.58
N ARG H 90 4.90 38.72 -13.20
CA ARG H 90 6.25 38.68 -12.64
C ARG H 90 7.23 38.25 -13.73
N LEU H 91 8.39 38.88 -13.73
CA LEU H 91 9.48 38.51 -14.62
C LEU H 91 10.61 37.89 -13.81
N PHE H 92 11.33 36.95 -14.44
CA PHE H 92 12.51 36.34 -13.87
C PHE H 92 13.64 36.40 -14.89
N ALA H 93 14.86 36.68 -14.41
CA ALA H 93 16.04 36.68 -15.25
C ALA H 93 17.26 36.21 -14.46
N THR H 94 18.21 35.60 -15.17
CA THR H 94 19.35 34.91 -14.58
C THR H 94 20.59 35.79 -14.55
N VAL H 95 21.27 35.85 -13.40
CA VAL H 95 22.61 36.44 -13.35
C VAL H 95 23.57 35.67 -14.25
N MET H 96 24.63 36.38 -14.70
CA MET H 96 25.64 35.80 -15.58
C MET H 96 27.02 35.72 -14.96
N ALA H 97 27.31 36.54 -13.94
CA ALA H 97 28.60 36.52 -13.27
C ALA H 97 28.86 35.17 -12.62
N THR H 98 30.13 34.92 -12.30
CA THR H 98 30.53 33.65 -11.74
C THR H 98 31.06 33.73 -10.31
N THR H 99 31.30 34.93 -9.77
CA THR H 99 31.54 35.15 -8.36
C THR H 99 30.28 35.68 -7.68
N ALA H 100 30.17 35.44 -6.38
CA ALA H 100 28.96 35.81 -5.66
C ALA H 100 28.75 37.32 -5.68
N GLU H 101 29.84 38.08 -5.49
CA GLU H 101 29.72 39.54 -5.50
C GLU H 101 29.36 40.03 -6.89
N GLY H 102 29.94 39.39 -7.92
CA GLY H 102 29.49 39.62 -9.28
C GLY H 102 28.01 39.31 -9.50
N MET H 103 27.52 38.24 -8.89
CA MET H 103 26.11 37.92 -9.03
C MET H 103 25.24 38.98 -8.38
N VAL H 104 25.69 39.52 -7.23
CA VAL H 104 24.96 40.64 -6.61
C VAL H 104 24.95 41.84 -7.55
N ASN H 105 26.07 42.11 -8.23
CA ASN H 105 26.13 43.20 -9.19
C ASN H 105 25.10 43.00 -10.31
N ASP H 106 25.12 41.81 -10.92
CA ASP H 106 24.13 41.47 -11.93
C ASP H 106 22.72 41.68 -11.41
N ALA H 107 22.47 41.26 -10.18
CA ALA H 107 21.13 41.36 -9.62
C ALA H 107 20.68 42.82 -9.53
N LEU H 108 21.59 43.69 -9.08
CA LEU H 108 21.24 45.11 -8.98
C LEU H 108 20.97 45.71 -10.36
N LYS H 109 21.77 45.36 -11.36
CA LYS H 109 21.49 45.85 -12.71
C LYS H 109 20.09 45.40 -13.17
N LEU H 110 19.78 44.10 -12.97
CA LEU H 110 18.50 43.58 -13.42
C LEU H 110 17.34 44.29 -12.73
N ARG H 111 17.46 44.52 -11.43
CA ARG H 111 16.39 45.20 -10.70
C ARG H 111 16.23 46.64 -11.17
N SER H 112 17.33 47.28 -11.60
CA SER H 112 17.18 48.63 -12.14
C SER H 112 16.48 48.61 -13.49
N ILE H 113 16.63 47.50 -14.24
CA ILE H 113 15.85 47.35 -15.48
C ILE H 113 14.38 47.12 -15.17
N ILE H 114 14.08 46.19 -14.26
CA ILE H 114 12.71 45.87 -13.87
C ILE H 114 12.67 45.81 -12.35
N ALA H 115 11.88 46.68 -11.73
CA ALA H 115 12.01 46.94 -10.30
C ALA H 115 11.61 45.75 -9.46
N ASP H 116 10.65 44.93 -9.92
CA ASP H 116 10.12 43.81 -9.15
C ASP H 116 10.55 42.46 -9.74
N ILE H 117 11.59 42.45 -10.57
CA ILE H 117 12.05 41.22 -11.20
C ILE H 117 12.58 40.28 -10.13
N VAL H 118 12.46 38.98 -10.40
CA VAL H 118 13.04 37.98 -9.51
C VAL H 118 14.31 37.46 -10.16
N VAL H 119 15.36 37.34 -9.36
CA VAL H 119 16.71 37.09 -9.85
C VAL H 119 17.02 35.61 -9.73
N LYS H 120 17.24 34.96 -10.87
CA LYS H 120 17.58 33.55 -10.91
C LYS H 120 19.08 33.41 -10.73
N VAL H 121 19.47 32.60 -9.75
CA VAL H 121 20.86 32.31 -9.42
C VAL H 121 21.05 30.80 -9.56
N PRO H 122 21.95 30.34 -10.41
CA PRO H 122 22.25 28.90 -10.46
C PRO H 122 22.81 28.45 -9.12
N VAL H 123 22.33 27.30 -8.65
CA VAL H 123 22.69 26.85 -7.31
C VAL H 123 24.04 26.15 -7.37
N THR H 124 25.09 26.95 -7.31
CA THR H 124 26.46 26.51 -7.09
C THR H 124 26.90 27.02 -5.71
N ALA H 125 28.12 26.64 -5.32
CA ALA H 125 28.67 27.17 -4.06
C ALA H 125 28.66 28.69 -4.06
N GLU H 126 29.23 29.29 -5.10
CA GLU H 126 29.16 30.75 -5.25
C GLU H 126 27.72 31.23 -5.37
N GLY H 127 26.87 30.48 -6.11
CA GLY H 127 25.47 30.86 -6.20
C GLY H 127 24.78 30.88 -4.84
N LEU H 128 25.07 29.88 -3.99
CA LEU H 128 24.51 29.88 -2.63
C LEU H 128 24.96 31.09 -1.83
N ALA H 129 26.24 31.47 -1.96
CA ALA H 129 26.71 32.71 -1.34
C ALA H 129 25.93 33.92 -1.85
N ALA H 130 25.75 34.01 -3.16
CA ALA H 130 24.99 35.12 -3.74
C ALA H 130 23.56 35.15 -3.22
N ILE H 131 22.92 33.98 -3.11
CA ILE H 131 21.56 33.93 -2.59
C ILE H 131 21.52 34.43 -1.15
N LYS H 132 22.51 34.03 -0.34
CA LYS H 132 22.59 34.56 1.03
C LYS H 132 22.69 36.09 1.03
N MET H 133 23.66 36.63 0.29
CA MET H 133 23.84 38.08 0.23
C MET H 133 22.56 38.76 -0.24
N LEU H 134 21.92 38.22 -1.27
CA LEU H 134 20.73 38.87 -1.83
C LEU H 134 19.56 38.80 -0.85
N LYS H 135 19.44 37.71 -0.09
CA LYS H 135 18.48 37.69 1.01
C LYS H 135 18.73 38.88 1.92
N ALA H 136 19.99 39.08 2.31
CA ALA H 136 20.33 40.26 3.12
C ALA H 136 19.89 41.56 2.43
N GLU H 137 20.07 41.64 1.11
CA GLU H 137 19.75 42.86 0.38
C GLU H 137 18.25 43.08 0.21
N GLY H 138 17.41 42.09 0.54
CA GLY H 138 15.99 42.23 0.33
C GLY H 138 15.51 42.07 -1.08
N ILE H 139 16.28 41.37 -1.92
CA ILE H 139 15.96 41.16 -3.33
C ILE H 139 15.55 39.70 -3.52
N PRO H 140 14.33 39.44 -3.98
CA PRO H 140 13.85 38.04 -4.06
C PRO H 140 14.61 37.24 -5.10
N THR H 141 14.90 35.99 -4.77
CA THR H 141 15.70 35.13 -5.63
C THR H 141 14.99 33.81 -5.91
N LEU H 142 15.39 33.24 -7.04
CA LEU H 142 15.02 31.90 -7.42
C LEU H 142 16.32 31.13 -7.59
N GLY H 143 16.36 29.91 -7.06
CA GLY H 143 17.52 29.07 -7.29
C GLY H 143 17.33 28.14 -8.47
N THR H 144 18.10 28.34 -9.52
CA THR H 144 17.89 27.63 -10.77
C THR H 144 18.97 26.58 -10.97
N ALA H 145 18.86 25.87 -12.09
CA ALA H 145 19.78 24.79 -12.44
C ALA H 145 19.87 23.75 -11.31
N VAL H 146 18.73 23.42 -10.71
CA VAL H 146 18.67 22.42 -9.64
C VAL H 146 18.50 21.03 -10.24
N TYR H 147 19.46 20.14 -9.99
CA TYR H 147 19.41 18.76 -10.46
C TYR H 147 19.14 17.75 -9.34
N GLY H 148 18.90 18.22 -8.12
CA GLY H 148 18.71 17.29 -7.01
C GLY H 148 18.03 17.98 -5.84
N ALA H 149 17.34 17.16 -5.05
CA ALA H 149 16.43 17.70 -4.03
C ALA H 149 17.19 18.44 -2.94
N ALA H 150 18.34 17.89 -2.51
CA ALA H 150 19.10 18.53 -1.43
C ALA H 150 19.71 19.85 -1.90
N GLN H 151 20.25 19.88 -3.12
CA GLN H 151 20.74 21.13 -3.69
C GLN H 151 19.65 22.20 -3.68
N GLY H 152 18.45 21.80 -4.13
CA GLY H 152 17.31 22.72 -4.12
C GLY H 152 16.99 23.22 -2.74
N LEU H 153 16.93 22.32 -1.77
CA LEU H 153 16.61 22.72 -0.40
C LEU H 153 17.64 23.70 0.14
N LEU H 154 18.92 23.47 -0.18
CA LEU H 154 19.95 24.41 0.26
C LEU H 154 19.65 25.81 -0.26
N SER H 155 19.32 25.91 -1.56
CA SER H 155 19.05 27.23 -2.11
C SER H 155 17.88 27.88 -1.38
N ALA H 156 16.86 27.09 -1.03
CA ALA H 156 15.73 27.65 -0.30
C ALA H 156 16.15 28.12 1.09
N LEU H 157 16.97 27.31 1.79
CA LEU H 157 17.42 27.67 3.13
C LEU H 157 18.24 28.96 3.13
N ALA H 158 19.12 29.13 2.12
CA ALA H 158 19.85 30.38 1.95
C ALA H 158 18.94 31.57 1.66
N GLY H 159 17.66 31.35 1.33
CA GLY H 159 16.75 32.45 1.14
C GLY H 159 15.99 32.52 -0.17
N ALA H 160 16.30 31.65 -1.13
CA ALA H 160 15.52 31.63 -2.37
C ALA H 160 14.04 31.37 -2.08
N GLU H 161 13.17 32.17 -2.71
CA GLU H 161 11.75 31.97 -2.50
C GLU H 161 11.12 31.08 -3.56
N TYR H 162 11.89 30.72 -4.59
CA TYR H 162 11.55 29.77 -5.63
C TYR H 162 12.76 28.87 -5.85
N VAL H 163 12.50 27.59 -6.11
CA VAL H 163 13.53 26.63 -6.49
C VAL H 163 13.08 25.94 -7.76
N ALA H 164 13.97 25.88 -8.76
CA ALA H 164 13.63 25.39 -10.10
C ALA H 164 14.47 24.16 -10.47
N PRO H 165 13.98 22.96 -10.16
CA PRO H 165 14.58 21.75 -10.72
C PRO H 165 14.32 21.67 -12.22
N TYR H 166 15.29 21.10 -12.94
CA TYR H 166 15.16 20.90 -14.39
C TYR H 166 14.67 19.48 -14.65
N VAL H 167 13.34 19.33 -14.69
CA VAL H 167 12.71 18.00 -14.72
C VAL H 167 13.30 17.15 -15.84
N ASN H 168 13.19 17.62 -17.08
CA ASN H 168 13.56 16.78 -18.21
C ASN H 168 15.07 16.51 -18.26
N ARG H 169 15.88 17.49 -17.85
CA ARG H 169 17.32 17.29 -17.82
C ARG H 169 17.71 16.29 -16.74
N ILE H 170 17.01 16.32 -15.60
CA ILE H 170 17.24 15.31 -14.57
C ILE H 170 16.98 13.93 -15.14
N ASP H 171 15.83 13.75 -15.80
CA ASP H 171 15.61 12.51 -16.55
C ASP H 171 16.80 12.19 -17.45
N ALA H 172 17.31 13.21 -18.16
CA ALA H 172 18.32 12.96 -19.18
C ALA H 172 19.66 12.50 -18.60
N GLN H 173 20.01 12.85 -17.37
CA GLN H 173 21.20 12.20 -16.83
C GLN H 173 20.90 10.89 -16.09
N GLY H 174 19.73 10.29 -16.32
CA GLY H 174 19.44 9.00 -15.73
C GLY H 174 18.77 9.00 -14.36
N GLY H 175 18.34 10.16 -13.87
CA GLY H 175 17.50 10.24 -12.67
C GLY H 175 16.03 10.23 -13.02
N SER H 176 15.22 10.82 -12.13
CA SER H 176 13.79 11.02 -12.36
C SER H 176 13.44 12.45 -11.96
N GLY H 177 13.14 13.31 -12.94
CA GLY H 177 12.79 14.66 -12.61
C GLY H 177 11.53 14.72 -11.75
N ILE H 178 10.61 13.78 -11.96
CA ILE H 178 9.39 13.78 -11.17
C ILE H 178 9.70 13.44 -9.72
N GLN H 179 10.59 12.46 -9.49
CA GLN H 179 10.94 12.14 -8.10
C GLN H 179 11.66 13.30 -7.45
N THR H 180 12.52 14.01 -8.20
CA THR H 180 13.20 15.16 -7.60
C THR H 180 12.21 16.26 -7.25
N VAL H 181 11.20 16.48 -8.08
CA VAL H 181 10.20 17.49 -7.74
C VAL H 181 9.39 17.05 -6.52
N THR H 182 9.02 15.76 -6.48
CA THR H 182 8.26 15.22 -5.35
C THR H 182 9.01 15.41 -4.03
N ASP H 183 10.27 14.97 -4.01
CA ASP H 183 11.10 15.11 -2.80
C ASP H 183 11.33 16.58 -2.48
N LEU H 184 11.68 17.39 -3.48
CA LEU H 184 11.96 18.80 -3.22
C LEU H 184 10.73 19.49 -2.63
N HIS H 185 9.55 19.19 -3.15
CA HIS H 185 8.34 19.82 -2.60
C HIS H 185 8.15 19.44 -1.15
N GLN H 186 8.25 18.15 -0.82
CA GLN H 186 8.15 17.75 0.58
C GLN H 186 9.19 18.46 1.45
N LEU H 187 10.44 18.47 1.01
CA LEU H 187 11.49 19.14 1.78
C LEU H 187 11.18 20.61 2.00
N LEU H 188 10.67 21.30 0.97
CA LEU H 188 10.37 22.73 1.14
C LEU H 188 9.19 22.93 2.07
N LYS H 189 8.16 22.08 1.95
CA LYS H 189 6.96 22.28 2.75
C LYS H 189 7.22 22.02 4.22
N MET H 190 8.13 21.12 4.57
CA MET H 190 8.34 20.96 6.01
C MET H 190 9.61 21.63 6.54
N HIS H 191 10.60 21.92 5.70
CA HIS H 191 11.88 22.41 6.17
C HIS H 191 12.24 23.82 5.69
N ALA H 192 11.59 24.35 4.65
CA ALA H 192 11.83 25.73 4.20
C ALA H 192 10.52 26.31 3.67
N PRO H 193 9.53 26.47 4.55
CA PRO H 193 8.15 26.68 4.08
C PRO H 193 7.91 28.01 3.41
N GLN H 194 8.90 28.90 3.37
CA GLN H 194 8.74 30.14 2.61
C GLN H 194 9.00 29.95 1.11
N ALA H 195 9.61 28.86 0.70
CA ALA H 195 9.97 28.64 -0.69
C ALA H 195 8.95 27.76 -1.39
N LYS H 196 8.81 27.96 -2.70
CA LYS H 196 8.00 27.11 -3.56
C LYS H 196 8.88 26.42 -4.58
N VAL H 197 8.46 25.25 -5.02
CA VAL H 197 9.04 24.66 -6.21
C VAL H 197 8.46 25.39 -7.42
N LEU H 198 9.33 25.80 -8.34
CA LEU H 198 8.92 26.33 -9.64
C LEU H 198 9.56 25.41 -10.65
N ALA H 199 8.86 24.34 -11.01
CA ALA H 199 9.46 23.33 -11.86
C ALA H 199 9.60 23.85 -13.29
N ALA H 200 10.67 23.43 -13.95
CA ALA H 200 11.01 23.87 -15.30
C ALA H 200 11.56 22.69 -16.07
N SER H 201 11.78 22.90 -17.38
CA SER H 201 12.40 21.93 -18.28
C SER H 201 11.43 20.79 -18.58
N PHE H 202 10.59 20.98 -19.60
CA PHE H 202 9.57 20.00 -19.97
C PHE H 202 9.61 19.70 -21.45
N LYS H 203 9.33 18.44 -21.78
CA LYS H 203 9.11 18.05 -23.16
C LYS H 203 7.66 17.69 -23.46
N THR H 204 6.87 17.36 -22.45
CA THR H 204 5.48 16.97 -22.64
C THR H 204 4.63 17.66 -21.59
N PRO H 205 3.36 17.91 -21.89
CA PRO H 205 2.47 18.45 -20.86
C PRO H 205 2.27 17.49 -19.69
N ARG H 206 2.33 16.18 -19.96
CA ARG H 206 2.16 15.20 -18.90
C ARG H 206 3.21 15.34 -17.80
N GLN H 207 4.46 15.68 -18.17
CA GLN H 207 5.49 15.92 -17.16
C GLN H 207 5.07 17.01 -16.18
N ALA H 208 4.50 18.10 -16.71
CA ALA H 208 4.03 19.20 -15.89
C ALA H 208 2.84 18.79 -15.04
N LEU H 209 1.91 18.03 -15.63
CA LEU H 209 0.80 17.51 -14.85
C LEU H 209 1.28 16.65 -13.68
N ASP H 210 2.26 15.78 -13.93
CA ASP H 210 2.78 14.92 -12.86
C ASP H 210 3.42 15.77 -11.77
N CYS H 211 4.13 16.83 -12.15
CA CYS H 211 4.68 17.73 -11.15
C CYS H 211 3.58 18.34 -10.29
N LEU H 212 2.49 18.80 -10.92
CA LEU H 212 1.41 19.43 -10.17
C LEU H 212 0.70 18.44 -9.26
N LEU H 213 0.50 17.21 -9.73
CA LEU H 213 -0.12 16.16 -8.93
C LEU H 213 0.74 15.81 -7.72
N ALA H 214 2.07 15.90 -7.87
CA ALA H 214 2.98 15.75 -6.75
C ALA H 214 2.98 16.96 -5.82
N GLY H 215 2.21 18.02 -6.11
CA GLY H 215 2.03 19.13 -5.19
C GLY H 215 2.82 20.37 -5.52
N CYS H 216 3.69 20.31 -6.53
CA CYS H 216 4.51 21.43 -6.94
C CYS H 216 3.63 22.67 -7.18
N GLU H 217 4.00 23.80 -6.58
CA GLU H 217 3.10 24.95 -6.50
C GLU H 217 3.20 25.93 -7.67
N SER H 218 4.26 25.89 -8.45
CA SER H 218 4.33 26.71 -9.65
C SER H 218 5.14 25.98 -10.70
N ILE H 219 5.03 26.48 -11.92
CA ILE H 219 5.51 25.74 -13.07
C ILE H 219 5.72 26.75 -14.19
N THR H 220 6.77 26.55 -14.98
CA THR H 220 6.99 27.40 -16.15
C THR H 220 7.11 26.50 -17.37
N LEU H 221 6.31 26.82 -18.40
CA LEU H 221 6.21 25.94 -19.55
C LEU H 221 6.93 26.52 -20.77
N PRO H 222 7.70 25.73 -21.49
CA PRO H 222 8.23 26.19 -22.78
C PRO H 222 7.10 26.29 -23.80
N LEU H 223 7.43 26.90 -24.94
CA LEU H 223 6.38 27.29 -25.90
C LEU H 223 5.64 26.09 -26.46
N ASP H 224 6.37 25.10 -26.98
CA ASP H 224 5.67 23.97 -27.62
C ASP H 224 4.80 23.20 -26.62
N VAL H 225 5.21 23.11 -25.36
CA VAL H 225 4.37 22.45 -24.36
C VAL H 225 3.10 23.27 -24.13
N ALA H 226 3.24 24.58 -23.95
CA ALA H 226 2.06 25.42 -23.77
C ALA H 226 1.15 25.34 -24.99
N GLN H 227 1.73 25.27 -26.19
CA GLN H 227 0.94 25.23 -27.41
C GLN H 227 0.30 23.86 -27.65
N GLN H 228 0.85 22.79 -27.05
CA GLN H 228 0.09 21.54 -27.00
C GLN H 228 -1.05 21.63 -26.00
N MET H 229 -0.96 22.50 -25.01
CA MET H 229 -2.11 22.63 -24.11
C MET H 229 -3.20 23.54 -24.69
N GLN H 230 -3.29 23.63 -26.03
CA GLN H 230 -4.28 24.48 -26.70
C GLN H 230 -5.28 23.72 -27.57
N SER H 231 -4.86 22.70 -28.30
CA SER H 231 -5.78 21.95 -29.15
C SER H 231 -6.35 20.75 -28.40
N TYR H 232 -7.62 20.45 -28.64
CA TYR H 232 -8.26 19.25 -28.12
C TYR H 232 -9.30 18.82 -29.16
N PRO H 233 -8.97 17.84 -30.00
CA PRO H 233 -9.94 17.38 -31.02
C PRO H 233 -11.31 17.01 -30.48
N ALA H 234 -11.35 16.27 -29.36
CA ALA H 234 -12.63 15.81 -28.82
C ALA H 234 -13.51 16.97 -28.35
N VAL H 235 -12.88 18.04 -27.82
CA VAL H 235 -13.62 19.22 -27.40
C VAL H 235 -14.27 19.90 -28.60
N ASP H 236 -13.49 20.05 -29.68
CA ASP H 236 -14.03 20.66 -30.89
C ASP H 236 -15.14 19.80 -31.49
N ALA H 237 -15.03 18.48 -31.41
CA ALA H 237 -16.09 17.62 -31.93
C ALA H 237 -17.38 17.76 -31.11
N ALA H 238 -17.26 17.87 -29.78
CA ALA H 238 -18.43 18.09 -28.95
C ALA H 238 -19.08 19.44 -29.26
N VAL H 239 -18.26 20.49 -29.40
CA VAL H 239 -18.82 21.80 -29.72
C VAL H 239 -19.47 21.79 -31.10
N ALA H 240 -18.88 21.09 -32.07
CA ALA H 240 -19.48 21.02 -33.39
C ALA H 240 -20.83 20.30 -33.33
N LYS H 241 -20.93 19.27 -32.48
CA LYS H 241 -22.19 18.57 -32.30
C LYS H 241 -23.23 19.47 -31.63
N PHE H 242 -22.81 20.23 -30.62
CA PHE H 242 -23.70 21.25 -30.06
C PHE H 242 -24.25 22.16 -31.16
N GLU H 243 -23.36 22.68 -32.01
CA GLU H 243 -23.78 23.59 -33.07
C GLU H 243 -24.78 22.93 -33.99
N GLN H 244 -24.52 21.68 -34.37
CA GLN H 244 -25.41 20.99 -35.31
C GLN H 244 -26.80 20.79 -34.70
N ASP H 245 -26.86 20.33 -33.45
CA ASP H 245 -28.15 20.16 -32.79
C ASP H 245 -28.89 21.49 -32.70
N TRP H 246 -28.18 22.54 -32.27
CA TRP H 246 -28.76 23.87 -32.18
C TRP H 246 -29.33 24.31 -33.53
N GLN H 247 -28.61 24.03 -34.63
CA GLN H 247 -29.08 24.44 -35.95
C GLN H 247 -30.29 23.62 -36.39
N GLY H 248 -30.29 22.33 -36.08
CA GLY H 248 -31.45 21.51 -36.38
C GLY H 248 -32.71 21.98 -35.67
N ALA H 249 -32.58 22.51 -34.44
CA ALA H 249 -33.78 22.90 -33.70
C ALA H 249 -34.21 24.34 -33.97
N PHE H 250 -33.26 25.27 -34.10
CA PHE H 250 -33.58 26.68 -34.18
C PHE H 250 -33.22 27.34 -35.50
N GLY H 251 -32.62 26.61 -36.44
CA GLY H 251 -32.24 27.18 -37.71
C GLY H 251 -31.15 28.23 -37.66
N ARG H 252 -30.56 28.45 -36.49
CA ARG H 252 -29.47 29.40 -36.29
C ARG H 252 -28.30 28.68 -35.64
N THR H 253 -27.19 29.41 -35.52
CA THR H 253 -25.97 28.90 -34.90
C THR H 253 -25.55 29.71 -33.68
N SER H 254 -26.32 30.74 -33.32
CA SER H 254 -25.95 31.73 -32.32
C SER H 254 -27.01 31.81 -31.22
N ILE H 255 -26.64 32.49 -30.14
CA ILE H 255 -27.55 32.70 -29.01
C ILE H 255 -28.38 33.95 -29.26
N SER I 35 13.32 27.25 8.24
CA SER I 35 12.67 26.70 9.42
C SER I 35 13.54 25.56 9.98
N MET I 36 13.99 24.67 9.09
CA MET I 36 14.98 23.64 9.42
C MET I 36 16.28 24.29 9.93
N GLU I 37 17.05 23.54 10.72
CA GLU I 37 18.32 24.00 11.24
C GLU I 37 19.43 23.10 10.71
N LEU I 38 20.34 23.68 9.95
CA LEU I 38 21.47 22.97 9.37
C LEU I 38 22.73 23.33 10.13
N TYR I 39 23.44 22.31 10.60
CA TYR I 39 24.60 22.49 11.46
C TYR I 39 25.84 21.86 10.84
N LEU I 40 26.99 22.40 11.20
CA LEU I 40 28.28 21.83 10.81
C LEU I 40 28.85 21.07 11.99
N ASP I 41 29.33 19.86 11.73
CA ASP I 41 29.78 18.98 12.80
C ASP I 41 31.30 18.94 12.74
N THR I 42 31.93 19.87 13.44
CA THR I 42 33.39 20.04 13.40
C THR I 42 33.79 21.01 14.50
N SER I 43 35.07 20.99 14.84
CA SER I 43 35.66 22.06 15.65
C SER I 43 36.63 22.92 14.85
N ASP I 44 37.04 22.47 13.66
CA ASP I 44 37.90 23.20 12.73
C ASP I 44 37.42 24.62 12.49
N VAL I 45 38.11 25.62 13.06
CA VAL I 45 37.63 27.00 13.00
C VAL I 45 37.79 27.57 11.59
N VAL I 46 38.87 27.19 10.91
CA VAL I 46 39.11 27.74 9.57
C VAL I 46 38.04 27.25 8.61
N ALA I 47 37.60 25.99 8.77
CA ALA I 47 36.55 25.47 7.90
C ALA I 47 35.20 26.11 8.22
N VAL I 48 34.92 26.35 9.51
CA VAL I 48 33.70 27.05 9.85
C VAL I 48 33.67 28.43 9.19
N LYS I 49 34.79 29.14 9.23
CA LYS I 49 34.88 30.44 8.56
C LYS I 49 34.62 30.30 7.06
N ALA I 50 35.34 29.38 6.40
CA ALA I 50 35.20 29.15 4.97
C ALA I 50 33.75 28.87 4.56
N LEU I 51 33.14 27.86 5.17
CA LEU I 51 31.81 27.39 4.79
C LEU I 51 30.68 28.26 5.31
N SER I 52 30.93 29.15 6.27
CA SER I 52 29.85 30.02 6.73
C SER I 52 29.46 31.06 5.69
N ARG I 53 30.30 31.30 4.67
CA ARG I 53 29.92 32.23 3.62
C ARG I 53 29.07 31.55 2.56
N ILE I 54 29.27 30.25 2.33
CA ILE I 54 28.52 29.49 1.35
C ILE I 54 27.23 28.91 1.94
N PHE I 55 27.38 27.99 2.89
CA PHE I 55 26.24 27.27 3.43
C PHE I 55 25.36 28.17 4.29
N PRO I 56 24.07 27.90 4.35
CA PRO I 56 23.21 28.60 5.31
C PRO I 56 23.24 27.85 6.64
N LEU I 57 24.29 28.10 7.42
CA LEU I 57 24.52 27.41 8.68
C LEU I 57 23.72 28.03 9.81
N ALA I 58 23.14 27.16 10.65
CA ALA I 58 22.48 27.58 11.87
C ALA I 58 23.42 27.54 13.08
N GLY I 59 24.58 26.92 12.95
CA GLY I 59 25.48 26.81 14.07
C GLY I 59 26.46 25.68 13.85
N VAL I 60 27.10 25.27 14.95
CA VAL I 60 28.13 24.24 14.93
C VAL I 60 27.92 23.30 16.12
N THR I 61 28.14 22.01 15.89
CA THR I 61 28.09 21.00 16.94
C THR I 61 29.48 20.43 17.14
N THR I 62 29.96 20.49 18.38
CA THR I 62 31.21 19.84 18.73
C THR I 62 30.91 18.60 19.57
N ASN I 63 31.84 17.66 19.55
CA ASN I 63 31.82 16.53 20.47
C ASN I 63 33.22 16.33 21.07
N PRO I 64 33.38 15.48 22.09
CA PRO I 64 34.73 15.27 22.64
C PRO I 64 35.81 14.91 21.63
N SER I 65 35.51 13.98 20.70
CA SER I 65 36.52 13.55 19.72
C SER I 65 36.92 14.71 18.80
N THR I 66 35.96 15.56 18.46
CA THR I 66 36.22 16.68 17.56
C THR I 66 37.06 17.77 18.24
N ILE I 67 36.71 18.13 19.48
CA ILE I 67 37.53 19.08 20.23
C ILE I 67 38.92 18.52 20.49
N ALA I 68 39.03 17.20 20.70
CA ALA I 68 40.33 16.61 20.95
C ALA I 68 41.19 16.58 19.69
N ALA I 69 40.57 16.44 18.51
CA ALA I 69 41.33 16.60 17.28
C ALA I 69 41.82 18.04 17.13
N GLY I 70 41.00 19.01 17.56
CA GLY I 70 41.44 20.40 17.53
C GLY I 70 42.63 20.70 18.43
N LYS I 71 42.70 20.03 19.59
CA LYS I 71 43.77 20.24 20.58
C LYS I 71 43.78 21.68 21.10
N LYS I 72 42.59 22.25 21.28
CA LYS I 72 42.45 23.56 21.91
C LYS I 72 41.32 23.46 22.93
N PRO I 73 41.51 23.95 24.16
CA PRO I 73 40.52 23.72 25.20
C PRO I 73 39.23 24.51 24.97
N LEU I 74 38.17 24.05 25.64
CA LEU I 74 36.84 24.61 25.43
C LEU I 74 36.79 26.11 25.71
N ASP I 75 37.69 26.65 26.54
CA ASP I 75 37.67 28.09 26.81
C ASP I 75 38.24 28.91 25.66
N VAL I 76 38.99 28.28 24.75
CA VAL I 76 39.55 28.95 23.58
C VAL I 76 38.62 28.76 22.38
N VAL I 77 38.45 27.50 21.96
CA VAL I 77 37.85 27.20 20.65
C VAL I 77 36.38 27.58 20.59
N LEU I 78 35.66 27.58 21.71
CA LEU I 78 34.25 27.91 21.65
C LEU I 78 34.02 29.39 21.31
N PRO I 79 34.70 30.36 21.95
CA PRO I 79 34.57 31.74 21.45
C PRO I 79 35.10 31.91 20.04
N GLN I 80 36.14 31.16 19.67
CA GLN I 80 36.64 31.23 18.29
C GLN I 80 35.59 30.73 17.31
N LEU I 81 34.97 29.58 17.61
CA LEU I 81 33.92 29.06 16.75
C LEU I 81 32.75 30.03 16.68
N HIS I 82 32.40 30.65 17.81
CA HIS I 82 31.32 31.64 17.83
C HIS I 82 31.65 32.83 16.95
N GLU I 83 32.92 33.24 16.94
CA GLU I 83 33.34 34.37 16.13
C GLU I 83 33.38 33.99 14.65
N ALA I 84 33.79 32.76 14.34
CA ALA I 84 33.92 32.31 12.96
C ALA I 84 32.58 32.19 12.26
N MET I 85 31.47 32.22 13.02
CA MET I 85 30.12 32.28 12.46
C MET I 85 29.56 33.70 12.50
N GLY I 86 30.43 34.69 12.67
CA GLY I 86 29.99 36.07 12.73
C GLY I 86 29.22 36.43 13.97
N GLY I 87 29.46 35.74 15.08
CA GLY I 87 28.65 35.93 16.25
C GLY I 87 27.22 35.43 16.13
N GLN I 88 26.86 34.87 14.98
CA GLN I 88 25.55 34.28 14.72
C GLN I 88 25.62 32.77 14.94
N GLY I 89 24.46 32.14 14.87
CA GLY I 89 24.41 30.70 14.96
C GLY I 89 24.64 30.14 16.35
N ARG I 90 24.23 28.91 16.56
CA ARG I 90 24.25 28.29 17.88
C ARG I 90 25.44 27.36 18.03
N LEU I 91 25.80 27.10 19.28
CA LEU I 91 26.89 26.20 19.58
C LEU I 91 26.38 25.09 20.49
N PHE I 92 26.98 23.92 20.34
CA PHE I 92 26.65 22.71 21.08
C PHE I 92 27.97 22.10 21.51
N ALA I 93 28.03 21.64 22.77
CA ALA I 93 29.23 20.97 23.28
C ALA I 93 28.81 19.98 24.36
N THR I 94 29.61 18.92 24.49
CA THR I 94 29.22 17.73 25.24
C THR I 94 29.88 17.72 26.62
N VAL I 95 29.11 17.30 27.63
CA VAL I 95 29.67 17.11 28.97
C VAL I 95 30.60 15.90 28.99
N MET I 96 31.54 15.92 29.94
CA MET I 96 32.50 14.84 30.09
C MET I 96 32.32 14.01 31.35
N ALA I 97 31.61 14.54 32.35
CA ALA I 97 31.45 13.84 33.63
C ALA I 97 30.66 12.55 33.47
N THR I 98 30.75 11.71 34.51
CA THR I 98 30.09 10.42 34.53
C THR I 98 28.91 10.35 35.49
N THR I 99 28.81 11.27 36.44
CA THR I 99 27.67 11.32 37.33
C THR I 99 26.78 12.48 36.92
N ALA I 100 25.49 12.33 37.18
CA ALA I 100 24.55 13.39 36.85
C ALA I 100 25.01 14.73 37.42
N GLU I 101 25.39 14.74 38.70
CA GLU I 101 25.80 15.99 39.34
C GLU I 101 27.07 16.56 38.67
N GLY I 102 28.00 15.68 38.32
CA GLY I 102 29.15 16.12 37.53
C GLY I 102 28.74 16.74 36.20
N MET I 103 27.82 16.07 35.49
CA MET I 103 27.39 16.59 34.19
C MET I 103 26.74 17.96 34.35
N VAL I 104 25.97 18.15 35.43
CA VAL I 104 25.37 19.47 35.68
C VAL I 104 26.47 20.51 35.91
N ASN I 105 27.53 20.11 36.62
CA ASN I 105 28.66 21.04 36.83
C ASN I 105 29.30 21.42 35.50
N ASP I 106 29.52 20.42 34.64
CA ASP I 106 30.06 20.69 33.31
C ASP I 106 29.15 21.61 32.52
N ALA I 107 27.82 21.41 32.61
CA ALA I 107 26.89 22.28 31.91
C ALA I 107 27.04 23.72 32.38
N LEU I 108 27.23 23.92 33.69
CA LEU I 108 27.42 25.29 34.18
C LEU I 108 28.74 25.89 33.68
N LYS I 109 29.81 25.09 33.63
CA LYS I 109 31.05 25.56 33.01
C LYS I 109 30.83 26.00 31.57
N LEU I 110 30.31 25.10 30.73
CA LEU I 110 30.08 25.41 29.33
C LEU I 110 29.24 26.66 29.18
N ARG I 111 28.15 26.77 29.95
CA ARG I 111 27.30 27.95 29.88
C ARG I 111 28.01 29.22 30.37
N SER I 112 29.02 29.08 31.23
CA SER I 112 29.81 30.25 31.60
C SER I 112 30.76 30.66 30.48
N ILE I 113 31.16 29.71 29.63
CA ILE I 113 31.99 30.05 28.48
C ILE I 113 31.16 30.71 27.38
N ILE I 114 30.01 30.14 27.05
CA ILE I 114 29.13 30.66 26.01
C ILE I 114 27.74 30.76 26.61
N ALA I 115 27.24 31.99 26.75
CA ALA I 115 26.01 32.23 27.50
C ALA I 115 24.83 31.43 26.97
N ASP I 116 24.75 31.28 25.64
CA ASP I 116 23.57 30.68 25.01
C ASP I 116 23.84 29.28 24.44
N ILE I 117 24.93 28.64 24.88
CA ILE I 117 25.30 27.34 24.35
C ILE I 117 24.27 26.28 24.73
N VAL I 118 24.15 25.23 23.90
CA VAL I 118 23.29 24.09 24.17
C VAL I 118 24.16 22.94 24.63
N VAL I 119 23.77 22.29 25.72
CA VAL I 119 24.60 21.27 26.38
C VAL I 119 24.23 19.87 25.88
N LYS I 120 25.21 19.18 25.31
CA LYS I 120 25.04 17.81 24.84
C LYS I 120 25.29 16.85 25.99
N VAL I 121 24.38 15.89 26.17
CA VAL I 121 24.45 14.93 27.27
C VAL I 121 24.23 13.54 26.66
N PRO I 122 25.18 12.63 26.77
CA PRO I 122 24.95 11.26 26.28
C PRO I 122 23.78 10.61 27.03
N VAL I 123 22.96 9.87 26.30
CA VAL I 123 21.71 9.32 26.87
C VAL I 123 22.08 7.98 27.50
N THR I 124 22.66 8.06 28.70
CA THR I 124 22.78 6.99 29.66
C THR I 124 21.83 7.26 30.82
N ALA I 125 21.81 6.34 31.79
CA ALA I 125 20.97 6.54 32.96
C ALA I 125 21.33 7.84 33.67
N GLU I 126 22.62 8.00 33.98
CA GLU I 126 23.08 9.24 34.60
C GLU I 126 22.80 10.43 33.70
N GLY I 127 23.00 10.27 32.39
CA GLY I 127 22.68 11.34 31.46
C GLY I 127 21.24 11.75 31.55
N LEU I 128 20.32 10.78 31.56
CA LEU I 128 18.91 11.09 31.73
C LEU I 128 18.67 11.91 33.01
N ALA I 129 19.24 11.45 34.12
CA ALA I 129 19.11 12.21 35.37
C ALA I 129 19.60 13.63 35.20
N ALA I 130 20.75 13.79 34.55
CA ALA I 130 21.35 15.11 34.31
C ALA I 130 20.45 15.98 33.44
N ILE I 131 19.81 15.39 32.43
CA ILE I 131 18.93 16.17 31.57
C ILE I 131 17.74 16.68 32.37
N LYS I 132 17.17 15.80 33.21
CA LYS I 132 16.10 16.26 34.11
C LYS I 132 16.57 17.42 34.97
N MET I 133 17.76 17.27 35.58
CA MET I 133 18.26 18.33 36.45
C MET I 133 18.45 19.62 35.67
N LEU I 134 18.97 19.51 34.45
CA LEU I 134 19.27 20.68 33.64
C LEU I 134 18.00 21.36 33.16
N LYS I 135 16.95 20.58 32.91
CA LYS I 135 15.66 21.18 32.60
C LYS I 135 15.12 21.95 33.79
N ALA I 136 15.30 21.41 34.99
CA ALA I 136 14.92 22.16 36.19
C ALA I 136 15.72 23.46 36.30
N GLU I 137 17.00 23.42 35.93
CA GLU I 137 17.83 24.62 35.95
C GLU I 137 17.44 25.60 34.85
N GLY I 138 16.87 25.12 33.75
CA GLY I 138 16.58 25.97 32.60
C GLY I 138 17.69 26.08 31.59
N ILE I 139 18.59 25.12 31.54
CA ILE I 139 19.70 25.10 30.59
C ILE I 139 19.36 24.13 29.47
N PRO I 140 19.24 24.59 28.22
CA PRO I 140 18.82 23.69 27.13
C PRO I 140 19.83 22.58 26.86
N THR I 141 19.30 21.38 26.58
CA THR I 141 20.13 20.21 26.34
C THR I 141 19.74 19.54 25.03
N LEU I 142 20.70 18.77 24.54
CA LEU I 142 20.53 17.82 23.45
C LEU I 142 20.91 16.46 24.00
N GLY I 143 20.09 15.44 23.70
CA GLY I 143 20.45 14.09 24.07
C GLY I 143 21.25 13.41 23.00
N THR I 144 22.50 13.07 23.27
CA THR I 144 23.38 12.61 22.22
C THR I 144 23.70 11.13 22.37
N ALA I 145 24.36 10.59 21.35
CA ALA I 145 24.74 9.18 21.30
C ALA I 145 23.51 8.28 21.43
N VAL I 146 22.46 8.65 20.70
CA VAL I 146 21.25 7.85 20.67
C VAL I 146 21.42 6.76 19.62
N TYR I 147 21.21 5.51 20.02
CA TYR I 147 21.30 4.39 19.10
C TYR I 147 19.96 3.72 18.85
N GLY I 148 18.88 4.14 19.52
CA GLY I 148 17.58 3.52 19.31
C GLY I 148 16.49 4.54 19.55
N ALA I 149 15.30 4.27 19.00
CA ALA I 149 14.23 5.26 19.08
C ALA I 149 13.77 5.48 20.52
N ALA I 150 13.67 4.40 21.32
CA ALA I 150 13.11 4.53 22.66
C ALA I 150 14.05 5.34 23.55
N GLN I 151 15.35 5.03 23.52
CA GLN I 151 16.33 5.81 24.24
C GLN I 151 16.22 7.29 23.90
N GLY I 152 16.07 7.60 22.61
CA GLY I 152 15.94 8.99 22.20
C GLY I 152 14.69 9.64 22.75
N LEU I 153 13.55 8.96 22.63
CA LEU I 153 12.31 9.51 23.18
C LEU I 153 12.45 9.78 24.68
N LEU I 154 13.08 8.86 25.42
CA LEU I 154 13.26 9.07 26.85
C LEU I 154 14.02 10.35 27.13
N SER I 155 15.09 10.60 26.37
CA SER I 155 15.84 11.85 26.60
C SER I 155 14.96 13.07 26.32
N ALA I 156 14.14 13.02 25.28
CA ALA I 156 13.25 14.14 25.02
C ALA I 156 12.25 14.36 26.15
N LEU I 157 11.70 13.26 26.68
CA LEU I 157 10.75 13.36 27.78
C LEU I 157 11.41 13.93 29.03
N ALA I 158 12.70 13.60 29.24
CA ALA I 158 13.46 14.17 30.34
C ALA I 158 13.63 15.69 30.21
N GLY I 159 13.52 16.23 28.99
CA GLY I 159 13.50 17.67 28.79
C GLY I 159 14.42 18.17 27.69
N ALA I 160 15.19 17.26 27.09
CA ALA I 160 16.08 17.64 26.00
C ALA I 160 15.31 18.28 24.85
N GLU I 161 15.89 19.33 24.29
CA GLU I 161 15.31 20.07 23.18
C GLU I 161 15.64 19.45 21.84
N TYR I 162 16.74 18.71 21.76
CA TYR I 162 17.20 18.06 20.56
C TYR I 162 17.59 16.65 20.95
N VAL I 163 17.43 15.72 20.01
CA VAL I 163 17.84 14.34 20.21
C VAL I 163 18.67 13.92 18.99
N ALA I 164 19.85 13.37 19.24
CA ALA I 164 20.86 13.15 18.19
C ALA I 164 21.18 11.68 18.00
N PRO I 165 20.41 10.97 17.19
CA PRO I 165 20.80 9.60 16.82
C PRO I 165 22.03 9.66 15.93
N TYR I 166 22.86 8.62 16.05
CA TYR I 166 24.07 8.47 15.24
C TYR I 166 23.73 7.56 14.07
N VAL I 167 23.30 8.16 12.96
CA VAL I 167 22.72 7.41 11.85
C VAL I 167 23.69 6.33 11.35
N ASN I 168 24.89 6.73 10.96
CA ASN I 168 25.82 5.76 10.38
C ASN I 168 26.29 4.74 11.39
N ARG I 169 26.55 5.18 12.63
CA ARG I 169 26.97 4.24 13.66
C ARG I 169 25.88 3.21 13.95
N ILE I 170 24.60 3.63 13.93
CA ILE I 170 23.52 2.66 14.06
C ILE I 170 23.59 1.65 12.92
N ASP I 171 23.77 2.11 11.68
CA ASP I 171 23.95 1.16 10.58
C ASP I 171 25.03 0.13 10.92
N ALA I 172 26.16 0.60 11.47
CA ALA I 172 27.30 -0.30 11.67
C ALA I 172 27.02 -1.32 12.78
N GLN I 173 26.11 -1.00 13.72
CA GLN I 173 25.67 -2.01 14.69
C GLN I 173 24.84 -3.10 14.06
N GLY I 174 24.55 -3.04 12.76
CA GLY I 174 23.60 -3.93 12.13
C GLY I 174 22.15 -3.46 12.15
N GLY I 175 21.88 -2.24 12.62
CA GLY I 175 20.55 -1.66 12.61
C GLY I 175 20.30 -0.86 11.35
N SER I 176 19.39 0.11 11.44
CA SER I 176 19.15 1.05 10.34
C SER I 176 19.05 2.45 10.93
N GLY I 177 20.06 3.27 10.69
CA GLY I 177 20.01 4.64 11.14
C GLY I 177 18.79 5.39 10.62
N ILE I 178 18.43 5.14 9.36
CA ILE I 178 17.29 5.86 8.77
C ILE I 178 16.00 5.46 9.44
N GLN I 179 15.80 4.15 9.66
CA GLN I 179 14.59 3.69 10.35
C GLN I 179 14.51 4.27 11.76
N THR I 180 15.62 4.27 12.50
CA THR I 180 15.63 4.86 13.85
C THR I 180 15.25 6.33 13.79
N VAL I 181 15.82 7.08 12.84
CA VAL I 181 15.45 8.49 12.69
C VAL I 181 13.95 8.62 12.40
N THR I 182 13.41 7.76 11.54
CA THR I 182 11.99 7.84 11.16
C THR I 182 11.10 7.62 12.37
N ASP I 183 11.36 6.52 13.09
CA ASP I 183 10.62 6.19 14.30
C ASP I 183 10.78 7.30 15.34
N LEU I 184 12.00 7.78 15.55
CA LEU I 184 12.22 8.79 16.58
C LEU I 184 11.45 10.05 16.25
N HIS I 185 11.45 10.48 14.98
CA HIS I 185 10.73 11.70 14.64
C HIS I 185 9.23 11.55 14.91
N GLN I 186 8.67 10.39 14.53
CA GLN I 186 7.24 10.17 14.83
C GLN I 186 6.99 10.20 16.34
N LEU I 187 7.84 9.54 17.11
CA LEU I 187 7.69 9.53 18.57
C LEU I 187 7.75 10.95 19.13
N LEU I 188 8.71 11.74 18.69
CA LEU I 188 8.82 13.11 19.19
C LEU I 188 7.57 13.91 18.85
N LYS I 189 7.08 13.78 17.61
CA LYS I 189 5.95 14.60 17.20
C LYS I 189 4.68 14.19 17.92
N MET I 190 4.52 12.90 18.23
CA MET I 190 3.31 12.46 18.94
C MET I 190 3.42 12.66 20.45
N HIS I 191 4.60 12.44 21.02
CA HIS I 191 4.76 12.18 22.43
C HIS I 191 5.72 13.14 23.15
N ALA I 192 6.44 14.00 22.43
CA ALA I 192 7.37 14.94 23.04
C ALA I 192 7.56 16.14 22.11
N PRO I 193 6.51 16.92 21.83
CA PRO I 193 6.54 17.83 20.68
C PRO I 193 7.43 19.03 20.85
N GLN I 194 8.01 19.24 22.03
CA GLN I 194 8.97 20.32 22.26
C GLN I 194 10.38 19.95 21.80
N ALA I 195 10.61 18.71 21.40
CA ALA I 195 11.93 18.29 20.98
C ALA I 195 11.97 18.10 19.47
N LYS I 196 13.18 18.15 18.93
CA LYS I 196 13.47 17.95 17.52
C LYS I 196 14.53 16.87 17.41
N VAL I 197 14.48 16.12 16.33
CA VAL I 197 15.60 15.26 15.99
C VAL I 197 16.68 16.13 15.39
N LEU I 198 17.90 15.99 15.88
CA LEU I 198 19.07 16.64 15.27
C LEU I 198 19.97 15.50 14.84
N ALA I 199 19.78 14.99 13.62
CA ALA I 199 20.49 13.77 13.26
C ALA I 199 21.96 14.06 12.98
N ALA I 200 22.79 13.05 13.24
CA ALA I 200 24.24 13.18 13.18
C ALA I 200 24.81 11.88 12.69
N SER I 201 26.12 11.90 12.39
CA SER I 201 26.89 10.72 11.99
C SER I 201 26.54 10.28 10.59
N PHE I 202 27.16 10.92 9.60
CA PHE I 202 26.84 10.74 8.19
C PHE I 202 28.08 10.41 7.39
N LYS I 203 27.96 9.41 6.51
CA LYS I 203 29.00 9.16 5.54
C LYS I 203 28.68 9.68 4.15
N THR I 204 27.41 9.92 3.84
CA THR I 204 27.03 10.37 2.51
C THR I 204 25.99 11.46 2.62
N PRO I 205 25.93 12.35 1.63
CA PRO I 205 24.79 13.30 1.58
C PRO I 205 23.46 12.60 1.51
N ARG I 206 23.40 11.43 0.85
CA ARG I 206 22.14 10.71 0.69
C ARG I 206 21.55 10.30 2.04
N GLN I 207 22.40 9.89 2.99
CA GLN I 207 21.90 9.58 4.34
C GLN I 207 21.19 10.77 4.94
N ALA I 208 21.81 11.95 4.85
CA ALA I 208 21.22 13.15 5.43
C ALA I 208 19.93 13.52 4.72
N LEU I 209 19.91 13.38 3.39
CA LEU I 209 18.68 13.67 2.66
C LEU I 209 17.57 12.73 3.10
N ASP I 210 17.88 11.45 3.23
CA ASP I 210 16.90 10.48 3.69
C ASP I 210 16.35 10.83 5.07
N CYS I 211 17.22 11.30 5.97
CA CYS I 211 16.73 11.76 7.28
C CYS I 211 15.78 12.94 7.13
N LEU I 212 16.12 13.89 6.26
CA LEU I 212 15.27 15.06 6.06
C LEU I 212 13.91 14.68 5.47
N LEU I 213 13.90 13.71 4.54
CA LEU I 213 12.66 13.27 3.93
C LEU I 213 11.79 12.52 4.93
N ALA I 214 12.41 11.83 5.90
CA ALA I 214 11.70 11.20 7.02
C ALA I 214 11.13 12.20 8.01
N GLY I 215 11.39 13.50 7.86
CA GLY I 215 10.77 14.52 8.70
C GLY I 215 11.71 15.13 9.71
N CYS I 216 12.93 14.62 9.78
CA CYS I 216 13.90 15.08 10.77
C CYS I 216 14.15 16.58 10.64
N GLU I 217 13.98 17.32 11.73
CA GLU I 217 13.86 18.77 11.64
C GLU I 217 15.19 19.52 11.72
N SER I 218 16.28 18.85 12.08
CA SER I 218 17.60 19.48 12.03
C SER I 218 18.63 18.39 11.83
N ILE I 219 19.85 18.83 11.54
CA ILE I 219 20.88 17.93 11.04
C ILE I 219 22.23 18.61 11.23
N THR I 220 23.27 17.80 11.48
CA THR I 220 24.62 18.35 11.54
C THR I 220 25.51 17.50 10.66
N LEU I 221 26.29 18.17 9.78
CA LEU I 221 27.04 17.44 8.76
C LEU I 221 28.53 17.47 9.05
N PRO I 222 29.23 16.36 8.89
CA PRO I 222 30.70 16.40 8.93
C PRO I 222 31.22 17.14 7.71
N LEU I 223 32.50 17.51 7.78
CA LEU I 223 33.08 18.40 6.78
C LEU I 223 32.98 17.82 5.37
N ASP I 224 33.39 16.56 5.20
CA ASP I 224 33.41 15.96 3.86
C ASP I 224 32.01 15.90 3.24
N VAL I 225 31.00 15.57 4.03
CA VAL I 225 29.65 15.52 3.48
C VAL I 225 29.19 16.91 3.10
N ALA I 226 29.62 17.92 3.84
CA ALA I 226 29.36 19.30 3.43
C ALA I 226 30.04 19.62 2.10
N GLN I 227 31.30 19.20 1.93
CA GLN I 227 32.05 19.46 0.70
C GLN I 227 31.82 18.41 -0.37
N GLN I 228 30.78 17.58 -0.24
CA GLN I 228 30.25 16.81 -1.36
C GLN I 228 28.98 17.42 -1.93
N MET I 229 28.31 18.28 -1.18
CA MET I 229 27.13 18.98 -1.64
C MET I 229 27.46 20.32 -2.29
N GLN I 230 28.73 20.56 -2.65
CA GLN I 230 29.17 21.87 -3.13
C GLN I 230 29.81 21.82 -4.50
N SER I 231 29.60 20.74 -5.24
CA SER I 231 30.03 20.68 -6.63
C SER I 231 29.01 19.85 -7.38
N TYR I 232 28.56 20.36 -8.51
CA TYR I 232 27.74 19.54 -9.38
C TYR I 232 28.18 19.80 -10.82
N PRO I 233 28.84 18.82 -11.45
CA PRO I 233 29.27 19.01 -12.84
C PRO I 233 28.13 19.38 -13.79
N ALA I 234 26.92 18.86 -13.56
CA ALA I 234 25.81 19.18 -14.44
C ALA I 234 25.44 20.67 -14.35
N VAL I 235 25.52 21.24 -13.14
CA VAL I 235 25.19 22.66 -12.97
C VAL I 235 26.24 23.54 -13.62
N ASP I 236 27.52 23.15 -13.51
CA ASP I 236 28.58 23.90 -14.18
C ASP I 236 28.44 23.81 -15.70
N ALA I 237 28.14 22.61 -16.22
CA ALA I 237 27.92 22.48 -17.66
C ALA I 237 26.75 23.34 -18.12
N ALA I 238 25.68 23.39 -17.32
CA ALA I 238 24.53 24.23 -17.65
C ALA I 238 24.92 25.70 -17.70
N VAL I 239 25.65 26.17 -16.68
CA VAL I 239 26.09 27.57 -16.67
C VAL I 239 27.02 27.85 -17.83
N ALA I 240 27.87 26.88 -18.17
CA ALA I 240 28.78 27.05 -19.30
C ALA I 240 28.02 27.19 -20.61
N LYS I 241 26.98 26.37 -20.82
CA LYS I 241 26.20 26.48 -22.04
C LYS I 241 25.44 27.81 -22.09
N PHE I 242 24.95 28.27 -20.92
CA PHE I 242 24.35 29.59 -20.86
C PHE I 242 25.34 30.67 -21.29
N GLU I 243 26.56 30.62 -20.76
CA GLU I 243 27.59 31.59 -21.14
C GLU I 243 27.94 31.48 -22.61
N GLN I 244 27.95 30.25 -23.15
CA GLN I 244 28.24 30.04 -24.57
C GLN I 244 27.19 30.70 -25.47
N ASP I 245 25.91 30.53 -25.14
CA ASP I 245 24.86 31.16 -25.93
C ASP I 245 24.90 32.69 -25.80
N TRP I 246 25.10 33.19 -24.58
CA TRP I 246 25.23 34.63 -24.35
C TRP I 246 26.38 35.21 -25.19
N GLN I 247 27.53 34.55 -25.18
CA GLN I 247 28.66 34.97 -26.01
C GLN I 247 28.29 34.97 -27.48
N GLY I 248 27.80 33.84 -27.99
CA GLY I 248 27.45 33.70 -29.39
C GLY I 248 26.33 34.63 -29.85
N ALA I 249 25.66 35.32 -28.93
CA ALA I 249 24.66 36.31 -29.34
C ALA I 249 25.02 37.76 -29.04
N PHE I 250 25.95 38.03 -28.12
CA PHE I 250 26.26 39.42 -27.78
C PHE I 250 27.75 39.74 -27.70
N GLY I 251 28.64 38.78 -27.95
CA GLY I 251 30.06 39.03 -27.87
C GLY I 251 30.64 39.14 -26.47
N ARG I 252 29.81 39.11 -25.43
CA ARG I 252 30.25 39.20 -24.05
C ARG I 252 29.68 38.03 -23.25
N THR I 253 30.28 37.78 -22.08
CA THR I 253 29.73 36.84 -21.11
C THR I 253 29.25 37.55 -19.85
N SER I 254 28.90 38.84 -19.98
CA SER I 254 28.55 39.72 -18.87
C SER I 254 27.13 40.26 -19.10
N ILE I 255 26.52 40.76 -18.03
CA ILE I 255 25.16 41.33 -18.11
C ILE I 255 25.19 42.83 -18.38
N SER J 35 4.55 15.54 26.68
CA SER J 35 3.13 15.40 26.37
C SER J 35 2.65 13.97 26.72
N MET J 36 3.53 13.00 26.54
CA MET J 36 3.22 11.61 26.85
C MET J 36 3.49 11.33 28.33
N GLU J 37 2.68 10.45 28.92
CA GLU J 37 2.81 10.10 30.34
C GLU J 37 3.40 8.70 30.47
N LEU J 38 4.58 8.62 31.06
CA LEU J 38 5.27 7.35 31.27
C LEU J 38 5.14 6.92 32.73
N TYR J 39 4.72 5.69 32.96
CA TYR J 39 4.48 5.20 34.30
C TYR J 39 5.28 3.96 34.57
N LEU J 40 5.52 3.73 35.86
CA LEU J 40 6.11 2.51 36.38
C LEU J 40 5.00 1.60 36.93
N ASP J 41 5.09 0.31 36.59
CA ASP J 41 4.09 -0.70 36.98
C ASP J 41 4.67 -1.52 38.10
N THR J 42 4.56 -1.00 39.32
CA THR J 42 5.21 -1.62 40.46
C THR J 42 4.59 -1.09 41.75
N SER J 43 4.80 -1.84 42.83
CA SER J 43 4.49 -1.37 44.17
C SER J 43 5.74 -1.33 45.05
N ASP J 44 6.91 -1.56 44.45
CA ASP J 44 8.20 -1.62 45.14
C ASP J 44 8.72 -0.20 45.34
N VAL J 45 8.69 0.27 46.59
CA VAL J 45 9.01 1.66 46.89
C VAL J 45 10.49 1.96 46.62
N VAL J 46 11.36 0.97 46.82
CA VAL J 46 12.79 1.17 46.57
C VAL J 46 13.05 1.40 45.08
N ALA J 47 12.47 0.54 44.23
CA ALA J 47 12.61 0.72 42.78
C ALA J 47 12.03 2.06 42.34
N VAL J 48 10.91 2.49 42.93
CA VAL J 48 10.32 3.77 42.54
C VAL J 48 11.27 4.92 42.88
N LYS J 49 11.81 4.93 44.09
CA LYS J 49 12.78 5.97 44.46
C LYS J 49 13.94 5.98 43.49
N ALA J 50 14.52 4.81 43.21
CA ALA J 50 15.73 4.75 42.41
C ALA J 50 15.48 5.13 40.95
N LEU J 51 14.36 4.70 40.38
CA LEU J 51 14.11 5.00 38.97
C LEU J 51 13.50 6.37 38.75
N SER J 52 12.82 6.96 39.75
CA SER J 52 12.33 8.33 39.60
C SER J 52 13.45 9.34 39.46
N ARG J 53 14.68 8.96 39.81
CA ARG J 53 15.81 9.86 39.60
C ARG J 53 16.28 9.83 38.15
N ILE J 54 16.12 8.70 37.48
CA ILE J 54 16.60 8.52 36.11
C ILE J 54 15.50 8.76 35.08
N PHE J 55 14.29 8.15 35.28
CA PHE J 55 13.28 8.26 34.23
C PHE J 55 12.39 9.47 34.45
N PRO J 56 11.92 10.06 33.36
CA PRO J 56 10.90 11.12 33.44
C PRO J 56 9.52 10.55 33.72
N LEU J 57 9.34 10.00 34.92
CA LEU J 57 8.11 9.32 35.27
C LEU J 57 6.99 10.31 35.51
N ALA J 58 5.79 9.97 35.05
CA ALA J 58 4.61 10.72 35.39
C ALA J 58 3.87 10.15 36.59
N GLY J 59 4.22 8.94 37.04
CA GLY J 59 3.58 8.36 38.21
C GLY J 59 3.84 6.87 38.29
N VAL J 60 3.01 6.20 39.11
CA VAL J 60 3.13 4.78 39.38
C VAL J 60 1.75 4.13 39.31
N THR J 61 1.68 2.94 38.71
CA THR J 61 0.46 2.14 38.68
C THR J 61 0.66 0.91 39.57
N THR J 62 -0.23 0.74 40.54
CA THR J 62 -0.25 -0.46 41.37
C THR J 62 -1.39 -1.36 40.93
N ASN J 63 -1.23 -2.65 41.16
CA ASN J 63 -2.37 -3.52 41.00
C ASN J 63 -2.38 -4.47 42.19
N PRO J 64 -3.48 -5.22 42.42
CA PRO J 64 -3.54 -6.08 43.62
C PRO J 64 -2.36 -7.01 43.78
N SER J 65 -1.88 -7.59 42.68
CA SER J 65 -0.79 -8.55 42.78
C SER J 65 0.50 -7.88 43.25
N THR J 66 0.80 -6.66 42.80
CA THR J 66 2.04 -6.03 43.21
C THR J 66 1.94 -5.45 44.63
N ILE J 67 0.75 -4.97 45.00
CA ILE J 67 0.49 -4.60 46.39
C ILE J 67 0.74 -5.80 47.29
N ALA J 68 0.14 -6.95 46.95
CA ALA J 68 0.30 -8.17 47.73
C ALA J 68 1.76 -8.58 47.84
N ALA J 69 2.46 -8.59 46.71
CA ALA J 69 3.87 -8.93 46.70
C ALA J 69 4.69 -7.99 47.58
N GLY J 70 4.20 -6.77 47.80
CA GLY J 70 4.91 -5.93 48.76
C GLY J 70 4.58 -6.19 50.21
N LYS J 71 3.50 -6.95 50.49
CA LYS J 71 3.05 -7.34 51.82
C LYS J 71 2.62 -6.16 52.71
N LYS J 72 2.72 -4.94 52.20
CA LYS J 72 2.28 -3.79 52.98
C LYS J 72 0.90 -3.34 52.54
N PRO J 73 -0.03 -3.04 53.47
CA PRO J 73 -1.39 -2.63 53.07
C PRO J 73 -1.40 -1.28 52.36
N LEU J 74 -2.57 -0.86 51.87
CA LEU J 74 -2.62 0.32 51.02
C LEU J 74 -2.31 1.59 51.79
N ASP J 75 -2.81 1.69 53.04
CA ASP J 75 -2.63 2.92 53.80
C ASP J 75 -1.16 3.19 54.14
N VAL J 76 -0.31 2.17 54.11
CA VAL J 76 1.14 2.32 54.26
C VAL J 76 1.81 2.58 52.91
N VAL J 77 1.63 1.65 51.96
CA VAL J 77 2.46 1.63 50.75
C VAL J 77 2.07 2.74 49.77
N LEU J 78 0.81 3.15 49.72
CA LEU J 78 0.46 4.24 48.80
C LEU J 78 1.15 5.55 49.17
N PRO J 79 1.11 6.03 50.42
CA PRO J 79 1.90 7.23 50.77
C PRO J 79 3.41 7.03 50.61
N GLN J 80 3.93 5.83 50.90
CA GLN J 80 5.34 5.55 50.61
C GLN J 80 5.64 5.78 49.12
N LEU J 81 4.77 5.25 48.24
CA LEU J 81 4.97 5.42 46.80
C LEU J 81 4.88 6.89 46.40
N HIS J 82 3.90 7.61 46.96
CA HIS J 82 3.77 9.03 46.68
C HIS J 82 5.02 9.80 47.12
N GLU J 83 5.61 9.40 48.24
CA GLU J 83 6.80 10.09 48.76
C GLU J 83 8.03 9.74 47.96
N ALA J 84 8.12 8.49 47.50
CA ALA J 84 9.28 8.06 46.73
C ALA J 84 9.36 8.74 45.36
N MET J 85 8.24 9.30 44.89
CA MET J 85 8.17 10.10 43.68
C MET J 85 8.40 11.58 43.96
N GLY J 86 8.89 11.90 45.15
CA GLY J 86 9.11 13.29 45.48
C GLY J 86 7.85 14.11 45.63
N GLY J 87 6.73 13.46 45.95
CA GLY J 87 5.50 14.18 46.22
C GLY J 87 4.76 14.67 44.99
N GLN J 88 5.36 14.55 43.81
CA GLN J 88 4.65 14.74 42.55
C GLN J 88 4.20 13.38 42.02
N GLY J 89 3.52 13.39 40.91
CA GLY J 89 3.25 12.12 40.27
C GLY J 89 1.84 11.60 40.52
N ARG J 90 1.31 10.94 39.51
CA ARG J 90 -0.02 10.34 39.58
C ARG J 90 0.08 8.91 40.10
N LEU J 91 -0.86 8.53 40.96
CA LEU J 91 -0.93 7.18 41.48
C LEU J 91 -2.22 6.52 41.02
N PHE J 92 -2.16 5.21 40.82
CA PHE J 92 -3.29 4.40 40.41
C PHE J 92 -3.41 3.19 41.35
N ALA J 93 -4.63 2.86 41.76
CA ALA J 93 -4.87 1.65 42.53
C ALA J 93 -6.21 1.04 42.13
N THR J 94 -6.29 -0.28 42.27
CA THR J 94 -7.42 -1.08 41.80
C THR J 94 -8.44 -1.31 42.91
N VAL J 95 -9.72 -1.22 42.56
CA VAL J 95 -10.76 -1.69 43.48
C VAL J 95 -10.72 -3.21 43.56
N MET J 96 -11.24 -3.75 44.65
CA MET J 96 -11.27 -5.18 44.89
C MET J 96 -12.69 -5.75 44.98
N ALA J 97 -13.69 -4.89 45.15
CA ALA J 97 -15.06 -5.35 45.36
C ALA J 97 -15.59 -6.04 44.11
N THR J 98 -16.60 -6.90 44.30
CA THR J 98 -17.18 -7.58 43.14
C THR J 98 -18.43 -6.89 42.60
N THR J 99 -19.08 -6.03 43.37
CA THR J 99 -20.27 -5.36 42.88
C THR J 99 -19.98 -3.89 42.64
N ALA J 100 -20.77 -3.30 41.75
CA ALA J 100 -20.59 -1.89 41.39
C ALA J 100 -20.51 -1.00 42.62
N GLU J 101 -21.48 -1.14 43.52
CA GLU J 101 -21.56 -0.20 44.64
C GLU J 101 -20.42 -0.42 45.64
N GLY J 102 -20.03 -1.67 45.83
CA GLY J 102 -18.83 -1.96 46.60
C GLY J 102 -17.60 -1.36 45.97
N MET J 103 -17.50 -1.44 44.63
CA MET J 103 -16.39 -0.81 43.95
C MET J 103 -16.38 0.69 44.17
N VAL J 104 -17.55 1.31 44.19
CA VAL J 104 -17.61 2.74 44.49
C VAL J 104 -17.09 3.02 45.89
N ASN J 105 -17.45 2.16 46.84
CA ASN J 105 -16.96 2.33 48.22
C ASN J 105 -15.45 2.18 48.27
N ASP J 106 -14.92 1.18 47.54
CA ASP J 106 -13.47 1.01 47.45
C ASP J 106 -12.83 2.25 46.87
N ALA J 107 -13.49 2.87 45.89
CA ALA J 107 -12.97 4.10 45.32
C ALA J 107 -12.85 5.16 46.39
N LEU J 108 -13.90 5.33 47.20
CA LEU J 108 -13.89 6.37 48.22
C LEU J 108 -12.81 6.10 49.26
N LYS J 109 -12.62 4.83 49.62
CA LYS J 109 -11.53 4.45 50.51
C LYS J 109 -10.17 4.84 49.90
N LEU J 110 -9.95 4.46 48.63
CA LEU J 110 -8.70 4.79 47.95
C LEU J 110 -8.45 6.28 47.95
N ARG J 111 -9.49 7.07 47.65
CA ARG J 111 -9.33 8.51 47.58
C ARG J 111 -9.09 9.12 48.96
N SER J 112 -9.56 8.46 50.03
CA SER J 112 -9.20 8.96 51.35
C SER J 112 -7.73 8.70 51.64
N ILE J 113 -7.17 7.59 51.14
CA ILE J 113 -5.74 7.35 51.33
C ILE J 113 -4.92 8.35 50.53
N ILE J 114 -5.22 8.52 49.24
CA ILE J 114 -4.50 9.42 48.36
C ILE J 114 -5.53 10.27 47.63
N ALA J 115 -5.51 11.58 47.87
CA ALA J 115 -6.65 12.42 47.51
C ALA J 115 -6.90 12.47 46.00
N ASP J 116 -5.84 12.44 45.19
CA ASP J 116 -5.96 12.60 43.74
C ASP J 116 -5.58 11.32 42.99
N ILE J 117 -5.80 10.17 43.62
CA ILE J 117 -5.49 8.89 43.00
C ILE J 117 -6.50 8.58 41.92
N VAL J 118 -6.04 7.95 40.84
CA VAL J 118 -6.93 7.44 39.82
C VAL J 118 -7.29 6.02 40.18
N VAL J 119 -8.58 5.71 40.11
CA VAL J 119 -9.11 4.42 40.53
C VAL J 119 -9.22 3.50 39.33
N LYS J 120 -8.52 2.38 39.38
CA LYS J 120 -8.56 1.36 38.34
C LYS J 120 -9.72 0.40 38.60
N VAL J 121 -10.59 0.25 37.62
CA VAL J 121 -11.78 -0.60 37.70
C VAL J 121 -11.70 -1.65 36.60
N PRO J 122 -11.70 -2.94 36.92
CA PRO J 122 -11.70 -3.95 35.85
C PRO J 122 -12.98 -3.84 35.05
N VAL J 123 -12.85 -3.98 33.73
CA VAL J 123 -13.99 -3.72 32.82
C VAL J 123 -14.75 -5.03 32.69
N THR J 124 -15.57 -5.28 33.70
CA THR J 124 -16.67 -6.23 33.71
C THR J 124 -17.97 -5.43 33.59
N ALA J 125 -19.10 -6.14 33.50
CA ALA J 125 -20.39 -5.45 33.49
C ALA J 125 -20.56 -4.61 34.75
N GLU J 126 -20.34 -5.22 35.93
CA GLU J 126 -20.36 -4.46 37.17
C GLU J 126 -19.37 -3.31 37.12
N GLY J 127 -18.18 -3.56 36.54
CA GLY J 127 -17.19 -2.50 36.45
C GLY J 127 -17.64 -1.33 35.62
N LEU J 128 -18.30 -1.60 34.49
CA LEU J 128 -18.86 -0.50 33.69
C LEU J 128 -19.86 0.29 34.51
N ALA J 129 -20.72 -0.41 35.26
CA ALA J 129 -21.63 0.27 36.17
C ALA J 129 -20.87 1.19 37.13
N ALA J 130 -19.83 0.64 37.76
CA ALA J 130 -19.02 1.40 38.71
C ALA J 130 -18.41 2.64 38.05
N ILE J 131 -17.91 2.49 36.83
CA ILE J 131 -17.28 3.59 36.13
C ILE J 131 -18.29 4.71 35.89
N LYS J 132 -19.51 4.35 35.46
CA LYS J 132 -20.53 5.37 35.27
C LYS J 132 -20.83 6.09 36.58
N MET J 133 -20.96 5.33 37.67
CA MET J 133 -21.25 5.93 38.97
C MET J 133 -20.12 6.87 39.39
N LEU J 134 -18.88 6.44 39.19
CA LEU J 134 -17.73 7.24 39.61
C LEU J 134 -17.58 8.49 38.76
N LYS J 135 -17.95 8.42 37.48
CA LYS J 135 -18.05 9.63 36.66
C LYS J 135 -19.05 10.62 37.26
N ALA J 136 -20.23 10.12 37.66
CA ALA J 136 -21.18 10.99 38.34
C ALA J 136 -20.59 11.58 39.63
N GLU J 137 -19.75 10.81 40.33
CA GLU J 137 -19.11 11.26 41.57
C GLU J 137 -17.94 12.20 41.35
N GLY J 138 -17.40 12.29 40.14
CA GLY J 138 -16.25 13.12 39.88
C GLY J 138 -14.91 12.50 40.23
N ILE J 139 -14.83 11.18 40.30
CA ILE J 139 -13.61 10.48 40.67
C ILE J 139 -12.99 9.89 39.41
N PRO J 140 -11.79 10.30 39.00
CA PRO J 140 -11.22 9.82 37.74
C PRO J 140 -10.95 8.32 37.81
N THR J 141 -11.35 7.60 36.78
CA THR J 141 -11.11 6.15 36.72
C THR J 141 -10.26 5.77 35.51
N LEU J 142 -9.76 4.56 35.60
CA LEU J 142 -9.07 3.88 34.52
C LEU J 142 -9.77 2.55 34.36
N GLY J 143 -10.05 2.16 33.12
CA GLY J 143 -10.62 0.86 32.83
C GLY J 143 -9.50 -0.14 32.63
N THR J 144 -9.43 -1.14 33.49
CA THR J 144 -8.29 -2.05 33.45
C THR J 144 -8.74 -3.45 33.07
N ALA J 145 -7.76 -4.34 32.92
CA ALA J 145 -7.95 -5.72 32.45
C ALA J 145 -8.72 -5.73 31.14
N VAL J 146 -8.30 -4.89 30.21
CA VAL J 146 -8.95 -4.79 28.91
C VAL J 146 -8.27 -5.79 27.96
N TYR J 147 -9.05 -6.72 27.42
CA TYR J 147 -8.54 -7.72 26.50
C TYR J 147 -8.98 -7.51 25.07
N GLY J 148 -9.85 -6.54 24.79
CA GLY J 148 -10.29 -6.26 23.43
C GLY J 148 -10.68 -4.81 23.27
N ALA J 149 -10.69 -4.36 22.00
CA ALA J 149 -10.85 -2.93 21.73
C ALA J 149 -12.27 -2.44 22.03
N ALA J 150 -13.28 -3.24 21.70
CA ALA J 150 -14.66 -2.85 22.00
C ALA J 150 -14.89 -2.68 23.50
N GLN J 151 -14.42 -3.64 24.29
CA GLN J 151 -14.49 -3.56 25.75
C GLN J 151 -13.84 -2.27 26.26
N GLY J 152 -12.63 -1.98 25.77
CA GLY J 152 -11.95 -0.75 26.17
C GLY J 152 -12.71 0.51 25.82
N LEU J 153 -13.26 0.56 24.59
CA LEU J 153 -14.05 1.73 24.21
C LEU J 153 -15.28 1.89 25.09
N LEU J 154 -15.92 0.77 25.44
CA LEU J 154 -17.05 0.82 26.36
C LEU J 154 -16.64 1.46 27.69
N SER J 155 -15.51 1.02 28.24
CA SER J 155 -15.05 1.62 29.50
C SER J 155 -14.81 3.12 29.34
N ALA J 156 -14.27 3.56 28.22
CA ALA J 156 -14.03 4.99 28.04
C ALA J 156 -15.34 5.76 27.87
N LEU J 157 -16.31 5.15 27.18
CA LEU J 157 -17.61 5.79 27.01
C LEU J 157 -18.32 5.94 28.35
N ALA J 158 -18.16 4.96 29.24
CA ALA J 158 -18.77 5.04 30.56
C ALA J 158 -18.16 6.13 31.43
N GLY J 159 -16.95 6.60 31.13
CA GLY J 159 -16.37 7.71 31.87
C GLY J 159 -14.89 7.59 32.14
N ALA J 160 -14.30 6.41 31.92
CA ALA J 160 -12.90 6.19 32.19
C ALA J 160 -12.03 7.18 31.42
N GLU J 161 -11.08 7.79 32.11
CA GLU J 161 -10.16 8.70 31.45
C GLU J 161 -8.94 7.98 30.92
N TYR J 162 -8.65 6.78 31.40
CA TYR J 162 -7.61 5.93 30.86
C TYR J 162 -8.20 4.55 30.60
N VAL J 163 -7.64 3.85 29.62
CA VAL J 163 -8.04 2.48 29.29
C VAL J 163 -6.76 1.69 29.11
N ALA J 164 -6.67 0.55 29.81
CA ALA J 164 -5.44 -0.21 29.96
C ALA J 164 -5.57 -1.61 29.38
N PRO J 165 -5.29 -1.78 28.08
CA PRO J 165 -5.15 -3.14 27.55
C PRO J 165 -3.90 -3.82 28.08
N TYR J 166 -4.01 -5.14 28.29
CA TYR J 166 -2.92 -6.02 28.73
C TYR J 166 -2.28 -6.59 27.49
N VAL J 167 -1.26 -5.89 26.99
CA VAL J 167 -0.64 -6.24 25.71
C VAL J 167 -0.16 -7.69 25.71
N ASN J 168 0.77 -8.02 26.62
CA ASN J 168 1.35 -9.35 26.59
C ASN J 168 0.32 -10.44 26.88
N ARG J 169 -0.62 -10.19 27.81
CA ARG J 169 -1.65 -11.20 28.07
C ARG J 169 -2.50 -11.46 26.83
N ILE J 170 -2.85 -10.38 26.11
CA ILE J 170 -3.59 -10.53 24.85
C ILE J 170 -2.81 -11.41 23.88
N ASP J 171 -1.50 -11.14 23.74
CA ASP J 171 -0.64 -12.04 22.95
C ASP J 171 -0.76 -13.48 23.42
N ALA J 172 -0.68 -13.68 24.74
CA ALA J 172 -0.60 -15.03 25.30
C ALA J 172 -1.87 -15.82 25.06
N GLN J 173 -3.00 -15.13 24.86
CA GLN J 173 -4.27 -15.76 24.55
C GLN J 173 -4.48 -16.02 23.06
N GLY J 174 -3.45 -15.86 22.23
CA GLY J 174 -3.57 -16.13 20.80
C GLY J 174 -3.86 -14.94 19.93
N GLY J 175 -4.12 -13.75 20.51
CA GLY J 175 -4.37 -12.54 19.76
C GLY J 175 -3.11 -11.71 19.54
N SER J 176 -3.33 -10.41 19.30
CA SER J 176 -2.21 -9.46 19.16
C SER J 176 -2.48 -8.28 20.07
N GLY J 177 -1.63 -8.12 21.08
CA GLY J 177 -1.75 -6.95 21.94
C GLY J 177 -1.48 -5.65 21.21
N ILE J 178 -0.53 -5.66 20.27
CA ILE J 178 -0.24 -4.46 19.50
C ILE J 178 -1.45 -4.08 18.65
N GLN J 179 -2.07 -5.07 17.98
CA GLN J 179 -3.25 -4.75 17.18
C GLN J 179 -4.36 -4.17 18.03
N THR J 180 -4.56 -4.74 19.22
CA THR J 180 -5.60 -4.25 20.10
C THR J 180 -5.32 -2.82 20.56
N VAL J 181 -4.07 -2.51 20.88
CA VAL J 181 -3.73 -1.13 21.23
C VAL J 181 -3.96 -0.20 20.05
N THR J 182 -3.55 -0.63 18.85
CA THR J 182 -3.75 0.18 17.64
C THR J 182 -5.23 0.51 17.44
N ASP J 183 -6.07 -0.52 17.43
CA ASP J 183 -7.50 -0.31 17.25
C ASP J 183 -8.07 0.55 18.36
N LEU J 184 -7.75 0.21 19.61
CA LEU J 184 -8.32 0.95 20.73
C LEU J 184 -7.95 2.42 20.67
N HIS J 185 -6.70 2.73 20.31
CA HIS J 185 -6.31 4.14 20.21
C HIS J 185 -7.13 4.85 19.12
N GLN J 186 -7.32 4.20 17.97
CA GLN J 186 -8.15 4.82 16.94
C GLN J 186 -9.58 5.02 17.43
N LEU J 187 -10.13 4.02 18.12
CA LEU J 187 -11.51 4.12 18.60
C LEU J 187 -11.64 5.26 19.62
N LEU J 188 -10.64 5.43 20.48
CA LEU J 188 -10.69 6.51 21.48
C LEU J 188 -10.62 7.88 20.81
N LYS J 189 -9.70 8.04 19.84
CA LYS J 189 -9.55 9.37 19.24
C LYS J 189 -10.77 9.75 18.41
N MET J 190 -11.43 8.77 17.78
CA MET J 190 -12.63 9.08 17.00
C MET J 190 -13.88 9.22 17.89
N HIS J 191 -14.01 8.38 18.91
CA HIS J 191 -15.30 8.11 19.55
C HIS J 191 -15.35 8.39 21.06
N ALA J 192 -14.21 8.54 21.75
CA ALA J 192 -14.18 8.90 23.17
C ALA J 192 -12.93 9.72 23.42
N PRO J 193 -12.86 10.92 22.84
CA PRO J 193 -11.58 11.64 22.78
C PRO J 193 -11.07 12.16 24.11
N GLN J 194 -11.84 12.06 25.21
CA GLN J 194 -11.35 12.46 26.53
C GLN J 194 -10.49 11.37 27.18
N ALA J 195 -10.54 10.15 26.65
CA ALA J 195 -9.82 9.02 27.21
C ALA J 195 -8.52 8.78 26.46
N LYS J 196 -7.53 8.26 27.18
CA LYS J 196 -6.25 7.89 26.61
C LYS J 196 -6.05 6.39 26.81
N VAL J 197 -5.34 5.77 25.86
CA VAL J 197 -4.83 4.43 26.11
C VAL J 197 -3.68 4.55 27.08
N LEU J 198 -3.69 3.71 28.12
CA LEU J 198 -2.55 3.50 29.00
C LEU J 198 -2.20 2.02 28.86
N ALA J 199 -1.22 1.73 28.02
CA ALA J 199 -0.88 0.35 27.73
C ALA J 199 -0.13 -0.26 28.91
N ALA J 200 -0.42 -1.52 29.18
CA ALA J 200 0.15 -2.24 30.31
C ALA J 200 0.49 -3.63 29.83
N SER J 201 1.23 -4.36 30.66
CA SER J 201 1.55 -5.77 30.46
C SER J 201 2.59 -5.97 29.35
N PHE J 202 3.87 -5.98 29.73
CA PHE J 202 4.98 -5.96 28.80
C PHE J 202 6.04 -6.98 29.21
N LYS J 203 6.59 -7.68 28.21
CA LYS J 203 7.77 -8.52 28.41
C LYS J 203 9.03 -7.98 27.76
N THR J 204 8.95 -7.02 26.84
CA THR J 204 10.12 -6.46 26.17
C THR J 204 9.92 -4.97 25.93
N PRO J 205 11.02 -4.20 25.86
CA PRO J 205 10.90 -2.78 25.48
C PRO J 205 10.33 -2.59 24.09
N ARG J 206 10.54 -3.56 23.20
CA ARG J 206 10.05 -3.45 21.83
C ARG J 206 8.52 -3.43 21.79
N GLN J 207 7.84 -4.22 22.63
CA GLN J 207 6.39 -4.13 22.73
C GLN J 207 5.96 -2.72 23.10
N ALA J 208 6.68 -2.10 24.03
CA ALA J 208 6.33 -0.75 24.47
C ALA J 208 6.51 0.24 23.34
N LEU J 209 7.65 0.14 22.63
CA LEU J 209 7.88 1.01 21.49
C LEU J 209 6.81 0.83 20.43
N ASP J 210 6.49 -0.41 20.07
CA ASP J 210 5.45 -0.62 19.06
C ASP J 210 4.14 0.02 19.49
N CYS J 211 3.81 -0.04 20.80
CA CYS J 211 2.61 0.63 21.28
C CYS J 211 2.68 2.13 21.08
N LEU J 212 3.84 2.73 21.36
CA LEU J 212 3.97 4.17 21.24
C LEU J 212 3.91 4.62 19.77
N LEU J 213 4.55 3.87 18.87
CA LEU J 213 4.49 4.16 17.46
C LEU J 213 3.05 4.07 16.94
N ALA J 214 2.21 3.25 17.57
CA ALA J 214 0.83 3.14 17.17
C ALA J 214 -0.04 4.25 17.74
N GLY J 215 0.55 5.21 18.45
CA GLY J 215 -0.16 6.40 18.91
C GLY J 215 -0.53 6.38 20.37
N CYS J 216 -0.39 5.24 21.04
CA CYS J 216 -0.65 5.09 22.46
C CYS J 216 -0.06 6.25 23.27
N GLU J 217 -0.91 6.99 23.98
CA GLU J 217 -0.49 8.24 24.60
CA GLU J 217 -0.52 8.24 24.60
C GLU J 217 0.08 8.08 26.00
N SER J 218 -0.11 6.92 26.64
CA SER J 218 0.50 6.69 27.94
C SER J 218 0.78 5.19 28.06
N ILE J 219 1.69 4.87 28.97
CA ILE J 219 2.21 3.52 29.07
C ILE J 219 2.71 3.31 30.49
N THR J 220 2.71 2.06 30.95
CA THR J 220 3.29 1.77 32.26
C THR J 220 4.15 0.53 32.16
N LEU J 221 5.42 0.65 32.61
CA LEU J 221 6.39 -0.44 32.39
C LEU J 221 6.69 -1.23 33.66
N PRO J 222 6.79 -2.54 33.58
CA PRO J 222 7.27 -3.31 34.74
C PRO J 222 8.77 -3.13 34.89
N LEU J 223 9.30 -3.51 36.06
CA LEU J 223 10.64 -3.07 36.43
C LEU J 223 11.70 -3.58 35.45
N ASP J 224 11.65 -4.86 35.09
CA ASP J 224 12.70 -5.43 34.24
C ASP J 224 12.76 -4.73 32.88
N VAL J 225 11.59 -4.44 32.28
CA VAL J 225 11.59 -3.72 31.00
C VAL J 225 12.17 -2.32 31.17
N ALA J 226 11.79 -1.64 32.26
CA ALA J 226 12.28 -0.31 32.51
C ALA J 226 13.81 -0.30 32.64
N GLN J 227 14.37 -1.34 33.26
CA GLN J 227 15.82 -1.40 33.34
C GLN J 227 16.45 -1.69 31.99
N GLN J 228 15.91 -2.65 31.22
CA GLN J 228 16.43 -2.86 29.88
C GLN J 228 16.44 -1.57 29.06
N MET J 229 15.59 -0.60 29.40
CA MET J 229 15.60 0.67 28.66
C MET J 229 16.69 1.63 29.13
N GLN J 230 17.34 1.36 30.26
CA GLN J 230 18.54 2.07 30.66
C GLN J 230 19.75 1.17 30.41
N SER J 231 20.89 1.81 30.08
CA SER J 231 22.14 1.13 29.76
C SER J 231 22.07 0.39 28.42
N TYR J 232 22.86 0.85 27.44
CA TYR J 232 23.09 0.16 26.17
C TYR J 232 24.60 0.14 25.95
N PRO J 233 25.19 -1.05 25.74
CA PRO J 233 26.66 -1.12 25.60
C PRO J 233 27.24 -0.23 24.52
N ALA J 234 26.54 -0.01 23.41
CA ALA J 234 27.11 0.82 22.34
C ALA J 234 27.21 2.27 22.78
N VAL J 235 26.27 2.75 23.59
CA VAL J 235 26.36 4.09 24.15
C VAL J 235 27.56 4.22 25.07
N ASP J 236 27.80 3.20 25.88
CA ASP J 236 28.94 3.23 26.80
C ASP J 236 30.27 3.17 26.05
N ALA J 237 30.37 2.31 25.04
CA ALA J 237 31.56 2.31 24.18
C ALA J 237 31.79 3.66 23.54
N ALA J 238 30.72 4.31 23.05
CA ALA J 238 30.87 5.64 22.45
C ALA J 238 31.42 6.64 23.45
N VAL J 239 30.85 6.68 24.67
CA VAL J 239 31.34 7.62 25.69
C VAL J 239 32.77 7.29 26.10
N ALA J 240 33.11 6.00 26.14
CA ALA J 240 34.47 5.61 26.52
C ALA J 240 35.49 6.07 25.48
N LYS J 241 35.17 5.94 24.18
CA LYS J 241 36.07 6.43 23.15
C LYS J 241 36.18 7.97 23.19
N PHE J 242 35.05 8.65 23.42
CA PHE J 242 35.08 10.11 23.62
C PHE J 242 36.09 10.46 24.70
N GLU J 243 35.96 9.83 25.88
CA GLU J 243 36.88 10.05 26.97
C GLU J 243 38.32 9.72 26.57
N GLN J 244 38.52 8.56 25.94
CA GLN J 244 39.87 8.06 25.69
C GLN J 244 40.66 9.00 24.79
N ASP J 245 40.05 9.51 23.73
CA ASP J 245 40.85 10.44 22.95
C ASP J 245 40.71 11.89 23.42
N TRP J 246 39.81 12.18 24.38
CA TRP J 246 39.92 13.44 25.11
C TRP J 246 41.13 13.44 26.04
N GLN J 247 41.59 12.26 26.47
CA GLN J 247 42.81 12.12 27.26
C GLN J 247 44.04 11.87 26.40
N GLY J 248 43.87 11.63 25.10
CA GLY J 248 45.00 11.51 24.20
C GLY J 248 45.60 12.87 23.89
N ALA J 249 44.79 13.77 23.37
CA ALA J 249 45.15 15.18 23.26
C ALA J 249 44.40 15.91 24.37
N PHE J 250 45.16 16.59 25.24
CA PHE J 250 44.80 16.93 26.62
C PHE J 250 45.15 15.72 27.48
N GLY J 251 45.76 15.94 28.63
CA GLY J 251 46.04 14.83 29.52
C GLY J 251 45.12 14.90 30.71
N ARG J 252 43.82 14.80 30.44
CA ARG J 252 42.81 15.10 31.43
C ARG J 252 41.71 14.04 31.39
N THR J 253 40.83 14.11 32.39
CA THR J 253 39.63 13.29 32.47
C THR J 253 38.34 14.11 32.34
N SER J 254 38.40 15.40 32.71
CA SER J 254 37.22 16.25 32.85
C SER J 254 37.22 17.42 31.85
N ILE J 255 36.38 18.42 32.11
CA ILE J 255 36.24 19.60 31.26
C ILE J 255 37.17 20.73 31.71
#